data_6W9G
#
_entry.id   6W9G
#
_cell.length_a   226.677
_cell.length_b   131.200
_cell.length_c   97.560
_cell.angle_alpha   90.000
_cell.angle_beta   108.820
_cell.angle_gamma   90.000
#
_symmetry.space_group_name_H-M   'C 1 2 1'
#
loop_
_entity.id
_entity.type
_entity.pdbx_description
1 polymer 'CD40 ligand'
2 polymer '5c8* Fab (heavy chain)'
3 polymer '5c8* Fab (light chain)'
4 branched alpha-D-mannopyranose-(1-2)-alpha-D-mannopyranose-(1-6)-alpha-D-mannopyranose-(1-6)-beta-D-mannopyranose-(1-4)-2-acetamido-2-deoxy-beta-D-glucopyranose-(1-4)-2-acetamido-2-deoxy-beta-D-glucopyranose
5 non-polymer DI(HYDROXYETHYL)ETHER
6 non-polymer 2-AMINO-2-HYDROXYMETHYL-PROPANE-1,3-DIOL
7 non-polymer 'trimethylamine oxide'
8 non-polymer 2-{2-[2-2-(METHOXY-ETHOXY)-ETHOXY]-ETHOXY}-ETHANOL
9 non-polymer 'PENTAETHYLENE GLYCOL'
10 water water
#
loop_
_entity_poly.entity_id
_entity_poly.type
_entity_poly.pdbx_seq_one_letter_code
_entity_poly.pdbx_strand_id
1 'polypeptide(L)'
;GDQNPQIAAHVISEASSKTTSVLQWAEKGYYTMSNNLVTLENGKQLTVKRQGLYYIYAQVTFCSNREASSQAPFIASLCL
KSPGRFERILLRAANTHSSAKPCGQQSIHLGGVFELQPGASVFVNVTDPSQVSHGTGFTSFGLLKL
;
A,B,C
2 'polypeptide(L)'
;QVQLVQSGAEVVKPGASVKLSCKASGYIFTSYYMYWVKQAPGQGLEWIGEINPSNGDTNFNEKFKSKATLTVDKSASTAY
MELSSLRSEDTAVYYCTRSDGRNDMDSWGQGTLVTVSSASTKGPSVFPLAPSSKSTSGGTAALGCLVKDYFPEPVTVSWN
SGALTSGVHTFPAVLQSSGLYSLSSVVTVPSSSLGTQTYICNVNHKPSNTKVDKKVEPKSCDKTHT
;
H,K,X
3 'polypeptide(L)'
;DIVLTQSPATLSVSPGERATISCRASQRVSSSTYSYMHWYQQKPGQPPKLLIKYASNLESGVPARFSGSGSGTDFTLTIS
SVEPEDFATYYCQHSWE(DV7)PPTFGGGTKLEIKRTVAAPSVFIFPPSDEQLKSGTASVVCLLNNFYPREAKVQWKVDN
ALQSGNSQESVTEQDSKDSTYSLSSTLTLSKADYEKHKVYACEVTHQGLSSPVTKSFNRGEC
;
L,M,Y
#
loop_
_chem_comp.id
_chem_comp.type
_chem_comp.name
_chem_comp.formula
1PE non-polymer 'PENTAETHYLENE GLYCOL' 'C10 H22 O6'
BMA D-saccharide, beta linking beta-D-mannopyranose 'C6 H12 O6'
ETE non-polymer 2-{2-[2-2-(METHOXY-ETHOXY)-ETHOXY]-ETHOXY}-ETHANOL 'C9 H20 O5'
MAN D-saccharide, alpha linking alpha-D-mannopyranose 'C6 H12 O6'
NAG D-saccharide, beta linking 2-acetamido-2-deoxy-beta-D-glucopyranose 'C8 H15 N O6'
PEG non-polymer DI(HYDROXYETHYL)ETHER 'C4 H10 O3'
TMO non-polymer 'trimethylamine oxide' 'C3 H9 N O'
TRS non-polymer 2-AMINO-2-HYDROXYMETHYL-PROPANE-1,3-DIOL 'C4 H12 N O3 1'
#
# COMPACT_ATOMS: atom_id res chain seq x y z
N ASN A 4 23.54 -18.86 20.61
CA ASN A 4 23.60 -18.41 19.20
C ASN A 4 23.37 -16.92 19.13
N PRO A 5 24.09 -16.25 18.22
CA PRO A 5 23.93 -14.82 18.05
C PRO A 5 22.62 -14.50 17.33
N GLN A 6 22.13 -13.29 17.53
CA GLN A 6 20.99 -12.78 16.79
C GLN A 6 21.51 -12.33 15.42
N ILE A 7 20.72 -12.56 14.39
CA ILE A 7 21.10 -12.35 13.05
C ILE A 7 20.02 -11.52 12.36
N ALA A 8 20.37 -10.28 11.98
CA ALA A 8 19.41 -9.33 11.42
C ALA A 8 20.14 -8.27 10.68
N ALA A 9 19.44 -7.70 9.70
CA ALA A 9 19.96 -6.66 8.85
C ALA A 9 18.81 -5.74 8.44
N HIS A 10 19.13 -4.46 8.31
CA HIS A 10 18.22 -3.46 7.82
C HIS A 10 19.11 -2.46 7.07
N VAL A 11 18.90 -2.32 5.80
CA VAL A 11 19.65 -1.41 4.95
C VAL A 11 18.78 -0.35 4.27
N ILE A 12 19.45 0.76 3.87
CA ILE A 12 18.82 2.03 3.46
C ILE A 12 18.96 2.11 1.94
N SER A 13 17.94 2.62 1.26
CA SER A 13 17.97 2.70 -0.20
C SER A 13 19.08 3.61 -0.66
N GLU A 14 19.67 3.30 -1.80
CA GLU A 14 20.71 4.11 -2.43
CA GLU A 14 20.65 4.17 -2.45
C GLU A 14 20.36 4.28 -3.94
N ALA A 15 20.46 5.50 -4.44
CA ALA A 15 20.25 5.79 -5.85
C ALA A 15 21.46 5.30 -6.63
N SER A 16 21.26 5.08 -7.93
CA SER A 16 22.36 4.66 -8.81
C SER A 16 22.12 5.11 -10.23
N SER A 17 23.21 5.33 -10.95
CA SER A 17 23.20 5.63 -12.40
C SER A 17 22.87 4.44 -13.30
N LYS A 18 23.19 3.22 -12.82
CA LYS A 18 23.18 1.96 -13.61
C LYS A 18 21.89 1.72 -14.40
N THR A 20 19.72 -1.05 -14.72
CA THR A 20 19.44 -2.30 -13.99
C THR A 20 18.13 -2.16 -13.22
N SER A 21 17.30 -3.18 -13.19
CA SER A 21 16.13 -3.20 -12.30
C SER A 21 16.43 -3.45 -10.80
N VAL A 22 17.62 -3.94 -10.47
CA VAL A 22 17.95 -4.30 -9.12
C VAL A 22 18.25 -3.03 -8.29
N LEU A 23 17.57 -2.88 -7.15
CA LEU A 23 17.77 -1.76 -6.26
C LEU A 23 19.10 -1.89 -5.53
N GLN A 24 19.66 -0.73 -5.20
CA GLN A 24 20.89 -0.65 -4.43
C GLN A 24 20.59 -0.17 -3.02
N TRP A 25 21.47 -0.56 -2.11
CA TRP A 25 21.31 -0.32 -0.67
C TRP A 25 22.64 0.07 -0.05
N ALA A 26 22.56 0.61 1.15
CA ALA A 26 23.74 0.92 1.90
C ALA A 26 23.56 0.75 3.41
N GLU A 27 24.68 0.42 4.06
CA GLU A 27 24.76 0.40 5.51
C GLU A 27 25.17 1.80 5.90
N LYS A 28 24.19 2.66 6.11
CA LYS A 28 24.40 4.02 6.61
C LYS A 28 23.13 4.48 7.29
N GLY A 29 23.15 5.65 7.90
CA GLY A 29 22.04 6.11 8.76
C GLY A 29 21.75 5.12 9.88
N TYR A 30 20.46 4.94 10.23
CA TYR A 30 20.09 4.09 11.35
C TYR A 30 19.85 2.66 10.80
N TYR A 31 20.96 1.99 10.43
CA TYR A 31 20.92 0.69 9.80
C TYR A 31 21.12 -0.39 10.88
N THR A 32 20.95 -1.64 10.47
CA THR A 32 21.24 -2.80 11.31
C THR A 32 22.06 -3.77 10.50
N MET A 33 23.08 -4.30 11.14
CA MET A 33 23.88 -5.38 10.58
CA MET A 33 23.95 -5.31 10.59
C MET A 33 24.51 -6.01 11.81
N SER A 34 23.85 -7.05 12.32
CA SER A 34 24.14 -7.58 13.65
CA SER A 34 24.14 -7.57 13.65
C SER A 34 25.53 -8.22 13.73
N ASN A 35 25.97 -8.86 12.63
CA ASN A 35 27.29 -9.55 12.57
C ASN A 35 27.56 -9.95 11.11
N ASN A 36 28.68 -10.65 10.83
CA ASN A 36 29.02 -11.07 9.46
C ASN A 36 28.29 -12.33 8.96
N LEU A 37 27.33 -12.84 9.74
CA LEU A 37 26.51 -13.97 9.31
C LEU A 37 25.42 -13.54 8.30
N VAL A 38 25.23 -12.23 8.14
CA VAL A 38 24.49 -11.65 7.04
CA VAL A 38 24.51 -11.68 7.01
C VAL A 38 25.37 -10.53 6.52
N THR A 39 25.47 -10.39 5.21
CA THR A 39 26.24 -9.28 4.65
C THR A 39 25.48 -8.65 3.48
N LEU A 40 25.72 -7.36 3.29
CA LEU A 40 25.26 -6.64 2.11
C LEU A 40 26.40 -6.80 1.09
N GLU A 41 26.12 -7.48 -0.02
N GLU A 41 26.15 -7.49 -0.02
CA GLU A 41 27.13 -7.74 -1.04
CA GLU A 41 27.17 -7.73 -1.01
C GLU A 41 26.87 -6.89 -2.26
C GLU A 41 26.88 -6.91 -2.26
N ASN A 42 27.92 -6.24 -2.76
CA ASN A 42 27.86 -5.46 -4.00
C ASN A 42 26.78 -4.38 -3.98
N GLY A 43 26.45 -3.89 -2.80
CA GLY A 43 25.38 -2.96 -2.61
C GLY A 43 23.97 -3.40 -3.00
N LYS A 44 23.80 -4.68 -3.31
CA LYS A 44 22.52 -5.11 -3.99
C LYS A 44 21.82 -6.31 -3.38
N GLN A 45 22.48 -7.07 -2.52
CA GLN A 45 21.84 -8.27 -2.00
C GLN A 45 22.27 -8.53 -0.59
N LEU A 46 21.35 -9.13 0.16
CA LEU A 46 21.63 -9.62 1.51
C LEU A 46 21.87 -11.11 1.38
N THR A 47 23.07 -11.52 1.76
CA THR A 47 23.51 -12.88 1.67
C THR A 47 23.67 -13.45 3.07
N VAL A 48 23.10 -14.64 3.31
CA VAL A 48 23.11 -15.24 4.66
C VAL A 48 24.04 -16.44 4.66
N LYS A 49 24.79 -16.62 5.75
CA LYS A 49 25.69 -17.72 5.88
C LYS A 49 24.96 -19.00 6.33
N ARG A 50 23.94 -18.84 7.18
CA ARG A 50 23.37 -19.98 7.95
C ARG A 50 22.03 -20.35 7.37
N GLN A 51 21.84 -21.64 7.13
CA GLN A 51 20.51 -22.12 6.74
C GLN A 51 19.51 -21.81 7.87
N GLY A 52 18.23 -21.69 7.50
CA GLY A 52 17.13 -21.67 8.48
C GLY A 52 16.01 -20.75 8.05
N LEU A 53 15.10 -20.52 8.98
CA LEU A 53 13.95 -19.65 8.77
C LEU A 53 14.29 -18.19 9.03
N TYR A 54 13.95 -17.33 8.08
CA TYR A 54 14.11 -15.91 8.20
C TYR A 54 12.83 -15.21 7.81
N TYR A 55 12.51 -14.13 8.50
CA TYR A 55 11.52 -13.16 8.08
C TYR A 55 12.27 -12.09 7.27
N ILE A 56 11.81 -11.88 6.04
CA ILE A 56 12.46 -11.00 5.06
C ILE A 56 11.48 -9.98 4.61
N TYR A 57 11.90 -8.72 4.53
CA TYR A 57 10.98 -7.65 4.17
C TYR A 57 11.66 -6.59 3.30
N ALA A 58 10.82 -5.83 2.59
CA ALA A 58 11.24 -4.63 1.87
C ALA A 58 10.10 -3.68 1.77
N GLN A 59 10.41 -2.40 1.79
CA GLN A 59 9.38 -1.42 1.48
CA GLN A 59 9.43 -1.36 1.54
C GLN A 59 9.98 -0.40 0.55
N VAL A 60 9.17 -0.03 -0.45
CA VAL A 60 9.62 0.79 -1.53
C VAL A 60 8.61 1.87 -1.68
N THR A 61 9.07 3.09 -1.60
CA THR A 61 8.25 4.21 -1.95
C THR A 61 8.75 4.69 -3.33
N PHE A 62 7.81 5.06 -4.21
CA PHE A 62 8.21 5.55 -5.55
C PHE A 62 7.39 6.77 -5.85
N CYS A 63 7.85 7.57 -6.79
CA CYS A 63 7.18 8.77 -7.18
C CYS A 63 7.09 8.71 -8.67
N SER A 64 5.86 8.64 -9.21
CA SER A 64 5.71 8.54 -10.66
C SER A 64 4.60 9.40 -11.16
N ASN A 65 4.57 9.60 -12.47
CA ASN A 65 3.38 10.13 -13.14
C ASN A 65 2.90 9.23 -14.28
N ARG A 66 1.58 8.98 -14.34
CA ARG A 66 0.93 8.19 -15.39
C ARG A 66 0.56 9.09 -16.55
N ALA A 72 0.68 0.41 -17.39
CA ALA A 72 1.52 -0.66 -16.70
C ALA A 72 1.94 -0.34 -15.27
N PRO A 73 1.75 -1.29 -14.34
CA PRO A 73 2.01 -0.84 -12.98
C PRO A 73 3.52 -0.72 -12.59
N PHE A 74 3.76 -0.08 -11.46
CA PHE A 74 5.04 -0.19 -10.82
C PHE A 74 4.99 -1.47 -9.99
N ILE A 75 5.97 -2.35 -10.18
CA ILE A 75 6.03 -3.61 -9.49
C ILE A 75 7.38 -3.71 -8.82
N ALA A 76 7.34 -4.09 -7.54
CA ALA A 76 8.51 -4.46 -6.76
C ALA A 76 8.46 -5.91 -6.46
N SER A 77 9.63 -6.56 -6.55
CA SER A 77 9.77 -8.04 -6.40
C SER A 77 10.93 -8.33 -5.42
N LEU A 78 10.68 -9.15 -4.40
CA LEU A 78 11.68 -9.69 -3.53
C LEU A 78 12.10 -11.03 -4.15
N CYS A 79 13.38 -11.16 -4.47
CA CYS A 79 13.90 -12.27 -5.21
C CYS A 79 14.93 -13.00 -4.41
N LEU A 80 15.07 -14.27 -4.75
CA LEU A 80 16.00 -15.18 -4.05
C LEU A 80 16.94 -15.80 -5.07
N LYS A 81 18.24 -15.80 -4.75
CA LYS A 81 19.22 -16.54 -5.56
C LYS A 81 19.87 -17.51 -4.60
N SER A 82 19.59 -18.80 -4.77
CA SER A 82 20.17 -19.78 -3.89
C SER A 82 21.30 -20.54 -4.64
N PRO A 83 22.39 -20.95 -3.95
CA PRO A 83 23.50 -21.65 -4.65
C PRO A 83 23.04 -22.84 -5.44
N GLY A 84 23.48 -22.92 -6.68
CA GLY A 84 23.06 -24.00 -7.53
C GLY A 84 21.63 -23.95 -8.05
N ARG A 85 20.93 -22.85 -7.83
CA ARG A 85 19.55 -22.70 -8.30
C ARG A 85 19.43 -21.43 -9.14
N PHE A 86 18.47 -21.42 -10.05
CA PHE A 86 18.10 -20.20 -10.76
C PHE A 86 17.41 -19.23 -9.84
N GLU A 87 17.54 -17.94 -10.08
CA GLU A 87 16.85 -16.99 -9.27
C GLU A 87 15.32 -17.19 -9.34
N ARG A 88 14.61 -16.78 -8.30
CA ARG A 88 13.17 -16.89 -8.29
C ARG A 88 12.54 -15.72 -7.55
N ILE A 89 11.27 -15.49 -7.83
CA ILE A 89 10.54 -14.45 -7.14
C ILE A 89 9.89 -15.04 -5.86
N LEU A 90 10.05 -14.38 -4.72
CA LEU A 90 9.39 -14.85 -3.47
C LEU A 90 8.11 -14.05 -3.25
N LEU A 91 8.20 -12.74 -3.43
CA LEU A 91 7.08 -11.82 -3.22
C LEU A 91 7.08 -10.67 -4.21
N ARG A 92 5.89 -10.20 -4.58
CA ARG A 92 5.71 -9.07 -5.47
CA ARG A 92 5.73 -9.03 -5.42
C ARG A 92 4.55 -8.22 -4.97
N ALA A 93 4.65 -6.91 -5.18
CA ALA A 93 3.56 -5.97 -4.92
C ALA A 93 3.50 -4.97 -6.03
N ALA A 94 2.29 -4.50 -6.27
CA ALA A 94 2.07 -3.55 -7.33
C ALA A 94 1.41 -2.26 -6.78
N ASN A 95 1.52 -1.23 -7.61
CA ASN A 95 0.70 -0.08 -7.45
C ASN A 95 0.58 0.60 -8.80
N THR A 96 -0.58 1.13 -9.08
CA THR A 96 -0.74 1.90 -10.29
C THR A 96 -0.03 3.26 -10.07
N HIS A 97 0.32 3.86 -11.18
CA HIS A 97 0.97 5.15 -11.18
C HIS A 97 -0.03 6.21 -10.74
N SER A 98 0.44 7.11 -9.88
CA SER A 98 -0.27 8.30 -9.50
C SER A 98 -0.47 9.22 -10.73
N SER A 99 -1.49 10.04 -10.72
CA SER A 99 -1.52 11.10 -11.71
C SER A 99 -1.10 12.47 -11.13
N ALA A 100 -0.50 12.51 -9.93
CA ALA A 100 -0.01 13.81 -9.41
C ALA A 100 1.22 14.34 -10.15
N LYS A 101 1.33 15.65 -10.21
CA LYS A 101 2.40 16.37 -10.89
C LYS A 101 3.24 17.03 -9.77
N PRO A 102 4.57 17.04 -9.89
CA PRO A 102 5.31 16.44 -11.02
C PRO A 102 5.29 14.92 -10.92
N CYS A 103 5.07 14.39 -9.72
CA CYS A 103 4.89 12.98 -9.51
C CYS A 103 4.14 12.75 -8.19
N GLY A 104 3.56 11.57 -8.05
CA GLY A 104 2.80 11.22 -6.86
C GLY A 104 3.43 10.03 -6.21
N GLN A 105 3.68 10.12 -4.91
CA GLN A 105 4.30 9.07 -4.13
C GLN A 105 3.32 7.97 -3.73
N GLN A 106 3.78 6.74 -3.79
CA GLN A 106 3.03 5.57 -3.28
C GLN A 106 4.01 4.67 -2.69
N SER A 107 3.58 3.85 -1.74
CA SER A 107 4.47 2.95 -1.10
C SER A 107 3.93 1.53 -1.20
N ILE A 108 4.85 0.58 -1.22
CA ILE A 108 4.50 -0.83 -1.19
C ILE A 108 5.32 -1.46 -0.08
N HIS A 109 4.74 -2.43 0.63
CA HIS A 109 5.48 -3.18 1.61
C HIS A 109 5.32 -4.71 1.37
N LEU A 110 6.42 -5.45 1.47
CA LEU A 110 6.45 -6.89 1.21
C LEU A 110 7.14 -7.53 2.39
N GLY A 111 6.65 -8.68 2.80
CA GLY A 111 7.39 -9.46 3.79
C GLY A 111 6.80 -10.80 4.05
N GLY A 112 7.65 -11.74 4.44
CA GLY A 112 7.20 -13.11 4.70
C GLY A 112 8.32 -13.95 5.27
N VAL A 113 7.95 -15.14 5.71
CA VAL A 113 8.88 -16.10 6.34
CA VAL A 113 8.91 -16.02 6.34
C VAL A 113 9.28 -17.12 5.30
N PHE A 114 10.57 -17.31 5.12
CA PHE A 114 11.12 -18.24 4.15
C PHE A 114 12.25 -19.07 4.75
N GLU A 115 12.41 -20.29 4.28
CA GLU A 115 13.58 -21.15 4.55
CA GLU A 115 13.59 -21.09 4.65
C GLU A 115 14.68 -20.70 3.65
N LEU A 116 15.89 -20.41 4.14
CA LEU A 116 16.99 -20.09 3.28
C LEU A 116 18.10 -21.12 3.46
N GLN A 117 18.88 -21.30 2.39
CA GLN A 117 20.00 -22.24 2.36
CA GLN A 117 20.00 -22.24 2.33
C GLN A 117 21.26 -21.46 2.67
N PRO A 118 22.31 -22.14 3.14
CA PRO A 118 23.54 -21.39 3.35
C PRO A 118 24.02 -20.76 2.08
N GLY A 119 24.45 -19.50 2.21
CA GLY A 119 24.90 -18.70 1.08
C GLY A 119 23.79 -18.16 0.16
N ALA A 120 22.53 -18.32 0.53
CA ALA A 120 21.48 -17.73 -0.28
C ALA A 120 21.47 -16.20 -0.13
N SER A 121 21.04 -15.55 -1.19
CA SER A 121 20.98 -14.11 -1.27
C SER A 121 19.61 -13.68 -1.68
N VAL A 122 19.16 -12.60 -1.07
CA VAL A 122 17.93 -11.99 -1.46
C VAL A 122 18.20 -10.55 -1.97
N PHE A 123 17.37 -10.12 -2.91
CA PHE A 123 17.50 -8.78 -3.49
C PHE A 123 16.13 -8.31 -3.91
N VAL A 124 16.03 -7.01 -4.23
CA VAL A 124 14.79 -6.40 -4.64
C VAL A 124 14.95 -5.77 -6.04
N ASN A 125 13.99 -6.03 -6.90
CA ASN A 125 13.95 -5.59 -8.31
C ASN A 125 12.73 -4.70 -8.45
N VAL A 126 12.78 -3.69 -9.29
CA VAL A 126 11.59 -2.89 -9.59
C VAL A 126 11.52 -2.60 -11.05
N THR A 127 10.31 -2.23 -11.48
CA THR A 127 10.08 -1.93 -12.88
C THR A 127 10.82 -0.64 -13.30
N ASP A 128 10.95 0.34 -12.41
CA ASP A 128 11.77 1.54 -12.75
C ASP A 128 12.49 2.08 -11.54
N PRO A 129 13.75 1.66 -11.37
CA PRO A 129 14.45 2.14 -10.20
C PRO A 129 14.64 3.63 -10.18
N SER A 130 14.63 4.28 -11.31
CA SER A 130 14.77 5.75 -11.30
C SER A 130 13.62 6.47 -10.61
N GLN A 131 12.46 5.84 -10.50
CA GLN A 131 11.32 6.45 -9.81
C GLN A 131 11.28 6.21 -8.27
N VAL A 132 12.18 5.43 -7.73
CA VAL A 132 12.20 5.16 -6.29
C VAL A 132 12.51 6.44 -5.48
N SER A 133 11.80 6.60 -4.36
CA SER A 133 11.99 7.73 -3.48
C SER A 133 13.06 7.33 -2.48
N HIS A 134 14.11 8.16 -2.35
CA HIS A 134 15.21 7.85 -1.43
C HIS A 134 15.29 8.72 -0.23
N GLY A 135 14.37 9.67 -0.06
CA GLY A 135 14.35 10.51 1.14
C GLY A 135 14.32 9.60 2.37
N THR A 136 14.74 10.16 3.48
CA THR A 136 14.95 9.41 4.70
C THR A 136 13.78 8.52 5.08
N GLY A 137 14.05 7.23 5.21
CA GLY A 137 13.07 6.26 5.64
C GLY A 137 12.09 5.68 4.60
N PHE A 138 12.09 6.23 3.39
CA PHE A 138 11.07 5.88 2.37
C PHE A 138 11.27 4.44 1.85
N THR A 139 12.47 3.98 1.76
CA THR A 139 12.76 2.76 1.03
C THR A 139 13.86 2.02 1.81
N SER A 140 13.59 0.76 2.12
CA SER A 140 14.46 -0.03 2.98
C SER A 140 14.25 -1.54 2.71
N PHE A 141 15.18 -2.36 3.24
CA PHE A 141 15.24 -3.80 2.94
C PHE A 141 15.90 -4.46 4.13
N GLY A 142 15.40 -5.60 4.57
CA GLY A 142 16.00 -6.25 5.73
C GLY A 142 15.51 -7.65 5.94
N LEU A 143 16.06 -8.23 6.98
CA LEU A 143 15.66 -9.59 7.37
C LEU A 143 16.09 -9.87 8.80
N LEU A 144 15.47 -10.88 9.35
CA LEU A 144 15.89 -11.35 10.64
C LEU A 144 15.78 -12.87 10.67
N LYS A 145 16.75 -13.53 11.30
CA LYS A 145 16.66 -14.99 11.47
C LYS A 145 15.77 -15.33 12.65
N LEU A 146 14.82 -16.23 12.45
CA LEU A 146 13.98 -16.63 13.58
C LEU A 146 14.70 -17.47 14.58
N ASN B 4 14.19 -15.76 29.78
CA ASN B 4 13.85 -14.35 29.46
C ASN B 4 12.46 -14.31 28.92
N PRO B 5 11.68 -13.29 29.36
CA PRO B 5 10.31 -13.20 28.93
C PRO B 5 10.23 -12.69 27.47
N GLN B 6 9.10 -12.99 26.83
CA GLN B 6 8.80 -12.46 25.51
C GLN B 6 8.32 -11.02 25.69
N ILE B 7 8.75 -10.15 24.78
CA ILE B 7 8.48 -8.74 24.92
C ILE B 7 7.83 -8.29 23.62
N ALA B 8 6.57 -7.87 23.73
CA ALA B 8 5.83 -7.51 22.54
C ALA B 8 4.66 -6.63 22.92
N ALA B 9 4.27 -5.81 21.95
CA ALA B 9 3.14 -4.92 22.11
C ALA B 9 2.42 -4.76 20.78
N HIS B 10 1.14 -4.56 20.89
CA HIS B 10 0.28 -4.28 19.74
C HIS B 10 -0.84 -3.43 20.27
N VAL B 11 -0.93 -2.21 19.75
CA VAL B 11 -1.92 -1.27 20.26
C VAL B 11 -2.84 -0.74 19.11
N ILE B 12 -4.00 -0.27 19.53
CA ILE B 12 -5.12 0.02 18.67
C ILE B 12 -5.22 1.55 18.52
N SER B 13 -5.57 2.00 17.31
CA SER B 13 -5.64 3.45 17.02
C SER B 13 -6.74 4.14 17.83
N GLU B 14 -6.48 5.38 18.24
CA GLU B 14 -7.43 6.15 18.98
CA GLU B 14 -7.42 6.16 19.00
C GLU B 14 -7.51 7.57 18.39
N ALA B 15 -8.75 8.02 18.17
CA ALA B 15 -9.01 9.36 17.71
C ALA B 15 -8.73 10.34 18.82
N SER B 16 -8.46 11.58 18.44
CA SER B 16 -8.19 12.66 19.37
C SER B 16 -8.61 13.99 18.75
N SER B 17 -9.19 14.88 19.51
CA SER B 17 -9.50 16.23 19.00
C SER B 17 -8.27 17.20 19.01
N LYS B 18 -7.15 16.80 19.68
CA LYS B 18 -5.90 17.61 19.84
C LYS B 18 -5.29 18.03 18.49
N THR B 20 -2.03 17.95 16.67
CA THR B 20 -0.74 17.32 16.76
C THR B 20 -0.66 16.35 15.57
N SER B 21 0.48 16.23 14.92
CA SER B 21 0.73 15.17 13.97
C SER B 21 0.86 13.77 14.60
N VAL B 22 1.06 13.67 15.90
CA VAL B 22 1.39 12.39 16.54
C VAL B 22 0.10 11.59 16.75
N LEU B 23 0.06 10.34 16.27
CA LEU B 23 -1.09 9.49 16.48
C LEU B 23 -1.16 8.97 17.95
N GLN B 24 -2.39 8.73 18.38
CA GLN B 24 -2.68 8.19 19.70
C GLN B 24 -3.17 6.77 19.58
N TRP B 25 -2.99 6.02 20.68
CA TRP B 25 -3.21 4.58 20.68
C TRP B 25 -3.81 4.21 22.01
N ALA B 26 -4.34 3.00 22.09
CA ALA B 26 -4.96 2.52 23.32
C ALA B 26 -4.74 1.01 23.42
N GLU B 27 -4.57 0.58 24.66
CA GLU B 27 -4.55 -0.84 25.05
C GLU B 27 -6.00 -1.21 25.25
N LYS B 28 -6.62 -1.63 24.18
CA LYS B 28 -8.00 -2.13 24.26
C LYS B 28 -8.32 -2.99 23.06
N GLY B 29 -9.52 -3.55 23.02
CA GLY B 29 -9.80 -4.57 22.02
C GLY B 29 -8.77 -5.71 22.05
N TYR B 30 -8.36 -6.19 20.87
CA TYR B 30 -7.52 -7.39 20.84
C TYR B 30 -6.08 -6.93 20.78
N TYR B 31 -5.59 -6.40 21.90
CA TYR B 31 -4.26 -5.77 21.97
C TYR B 31 -3.29 -6.72 22.60
N THR B 32 -2.01 -6.34 22.55
CA THR B 32 -0.97 -7.14 23.19
C THR B 32 -0.09 -6.20 23.99
N MET B 33 0.26 -6.60 25.21
CA MET B 33 1.20 -5.85 26.05
C MET B 33 1.73 -6.94 26.99
N SER B 34 2.83 -7.56 26.59
CA SER B 34 3.21 -8.84 27.18
CA SER B 34 3.25 -8.84 27.18
C SER B 34 3.62 -8.68 28.66
N ASN B 35 4.21 -7.52 28.98
CA ASN B 35 4.68 -7.23 30.36
C ASN B 35 5.04 -5.75 30.46
N ASN B 36 5.58 -5.29 31.60
CA ASN B 36 5.95 -3.90 31.80
C ASN B 36 7.33 -3.55 31.18
N LEU B 37 7.94 -4.44 30.42
CA LEU B 37 9.19 -4.10 29.75
C LEU B 37 8.97 -3.35 28.46
N VAL B 38 7.72 -3.29 28.01
CA VAL B 38 7.32 -2.28 27.02
C VAL B 38 6.06 -1.61 27.58
N THR B 39 5.95 -0.30 27.41
CA THR B 39 4.78 0.41 27.92
C THR B 39 4.26 1.40 26.85
N LEU B 40 2.96 1.64 26.85
CA LEU B 40 2.36 2.68 26.02
C LEU B 40 2.31 3.85 26.95
N GLU B 41 2.96 4.94 26.58
CA GLU B 41 3.10 6.11 27.46
CA GLU B 41 3.10 6.09 27.46
C GLU B 41 2.40 7.29 26.85
N ASN B 42 1.61 7.97 27.65
CA ASN B 42 0.83 9.14 27.25
C ASN B 42 -0.04 8.92 26.05
N GLY B 43 -0.41 7.67 25.83
CA GLY B 43 -1.18 7.27 24.70
C GLY B 43 -0.52 7.42 23.32
N LYS B 44 0.77 7.72 23.29
CA LYS B 44 1.36 8.15 22.01
C LYS B 44 2.68 7.48 21.64
N GLN B 45 3.33 6.78 22.56
CA GLN B 45 4.60 6.15 22.29
C GLN B 45 4.76 4.80 22.96
N LEU B 46 5.48 3.90 22.30
CA LEU B 46 5.86 2.63 22.95
C LEU B 46 7.29 2.79 23.40
N THR B 47 7.52 2.57 24.70
CA THR B 47 8.81 2.82 25.33
C THR B 47 9.31 1.45 25.83
N VAL B 48 10.52 1.09 25.46
CA VAL B 48 11.08 -0.20 25.84
C VAL B 48 12.13 0.00 26.94
N LYS B 49 12.15 -0.90 27.93
CA LYS B 49 13.12 -0.83 28.99
C LYS B 49 14.48 -1.40 28.61
N ARG B 50 14.46 -2.45 27.76
CA ARG B 50 15.65 -3.20 27.49
C ARG B 50 16.24 -2.87 26.14
N GLN B 51 17.55 -2.70 26.14
CA GLN B 51 18.24 -2.57 24.86
C GLN B 51 18.12 -3.85 24.07
N GLY B 52 18.21 -3.70 22.75
CA GLY B 52 18.33 -4.82 21.85
C GLY B 52 17.64 -4.59 20.50
N LEU B 53 17.56 -5.69 19.75
CA LEU B 53 16.94 -5.71 18.44
C LEU B 53 15.43 -5.93 18.54
N TYR B 54 14.67 -5.08 17.88
CA TYR B 54 13.25 -5.17 17.83
C TYR B 54 12.74 -5.06 16.41
N TYR B 55 11.71 -5.82 16.07
CA TYR B 55 10.92 -5.64 14.84
C TYR B 55 9.79 -4.67 15.22
N ILE B 56 9.69 -3.55 14.52
CA ILE B 56 8.79 -2.46 14.90
C ILE B 56 7.93 -2.21 13.70
N TYR B 57 6.61 -2.09 13.91
CA TYR B 57 5.69 -1.95 12.76
C TYR B 57 4.55 -0.97 13.08
N ALA B 58 3.98 -0.41 11.99
CA ALA B 58 2.75 0.35 12.06
C ALA B 58 1.99 0.21 10.76
N GLN B 59 0.69 0.21 10.94
CA GLN B 59 -0.29 0.04 9.91
CA GLN B 59 -0.15 0.22 9.73
C GLN B 59 -1.23 1.27 9.91
N VAL B 60 -1.36 2.09 8.87
CA VAL B 60 -2.25 3.23 8.96
C VAL B 60 -3.15 3.23 7.77
N THR B 61 -4.45 3.26 8.06
CA THR B 61 -5.44 3.48 7.04
C THR B 61 -5.93 4.90 7.21
N PHE B 62 -6.03 5.62 6.11
CA PHE B 62 -6.60 6.94 6.12
C PHE B 62 -7.68 7.05 5.05
N CYS B 63 -8.59 8.04 5.20
CA CYS B 63 -9.69 8.25 4.29
C CYS B 63 -9.61 9.73 3.92
N SER B 64 -9.23 10.02 2.69
CA SER B 64 -9.15 11.42 2.33
C SER B 64 -9.78 11.70 1.00
N ASN B 65 -9.94 12.96 0.70
CA ASN B 65 -10.24 13.33 -0.66
C ASN B 65 -9.28 14.38 -1.23
N ARG B 66 -8.90 14.14 -2.50
CA ARG B 66 -8.37 15.06 -3.51
C ARG B 66 -7.25 14.36 -4.24
N ALA B 72 -0.28 17.24 -2.52
CA ALA B 72 0.72 16.66 -1.56
C ALA B 72 0.29 15.41 -0.89
N PRO B 73 1.23 14.48 -0.71
CA PRO B 73 0.77 13.19 -0.23
C PRO B 73 0.47 13.10 1.28
N PHE B 74 -0.29 12.10 1.65
CA PHE B 74 -0.41 11.67 3.02
C PHE B 74 0.87 10.87 3.32
N ILE B 75 1.54 11.21 4.41
CA ILE B 75 2.79 10.63 4.80
C ILE B 75 2.63 10.14 6.22
N ALA B 76 3.01 8.89 6.46
CA ALA B 76 3.14 8.35 7.82
C ALA B 76 4.61 8.02 8.15
N SER B 77 5.06 8.37 9.37
CA SER B 77 6.48 8.25 9.75
C SER B 77 6.54 7.48 11.06
N LEU B 78 7.40 6.44 11.14
CA LEU B 78 7.72 5.82 12.40
C LEU B 78 8.99 6.50 12.87
N CYS B 79 8.93 7.03 14.09
CA CYS B 79 9.96 7.88 14.63
C CYS B 79 10.50 7.28 15.92
N LEU B 80 11.74 7.68 16.22
CA LEU B 80 12.44 7.20 17.39
C LEU B 80 12.95 8.37 18.20
N LYS B 81 12.76 8.29 19.52
CA LYS B 81 13.36 9.27 20.42
C LYS B 81 14.15 8.42 21.39
N SER B 82 15.48 8.50 21.34
CA SER B 82 16.33 7.76 22.32
C SER B 82 16.84 8.76 23.38
N PRO B 83 17.03 8.29 24.61
CA PRO B 83 17.54 9.16 25.67
C PRO B 83 18.82 9.90 25.27
N GLY B 84 18.86 11.19 25.52
CA GLY B 84 20.02 11.98 25.14
C GLY B 84 20.18 12.25 23.64
N ARG B 85 19.17 11.92 22.82
CA ARG B 85 19.25 12.13 21.38
C ARG B 85 18.05 12.90 20.86
N PHE B 86 18.23 13.61 19.76
CA PHE B 86 17.08 14.25 19.12
C PHE B 86 16.29 13.15 18.45
N GLU B 87 14.99 13.30 18.37
CA GLU B 87 14.17 12.41 17.58
C GLU B 87 14.61 12.24 16.11
N ARG B 88 14.30 11.09 15.54
CA ARG B 88 14.69 10.79 14.15
CA ARG B 88 14.67 10.83 14.15
C ARG B 88 13.60 9.97 13.49
N ILE B 89 13.58 10.03 12.16
CA ILE B 89 12.68 9.18 11.40
C ILE B 89 13.36 7.84 11.12
N LEU B 90 12.68 6.74 11.39
CA LEU B 90 13.17 5.42 11.02
C LEU B 90 12.63 4.95 9.66
N LEU B 91 11.32 5.10 9.49
CA LEU B 91 10.61 4.64 8.29
C LEU B 91 9.51 5.63 7.93
N ARG B 92 9.25 5.76 6.64
CA ARG B 92 8.14 6.58 6.16
C ARG B 92 7.51 5.91 4.97
N ALA B 93 6.21 6.18 4.78
CA ALA B 93 5.45 5.70 3.61
C ALA B 93 4.52 6.85 3.19
N ALA B 94 4.37 7.07 1.89
CA ALA B 94 3.73 8.28 1.38
C ALA B 94 2.87 7.95 0.23
N ASN B 95 1.54 8.19 0.33
CA ASN B 95 0.51 7.88 -0.66
C ASN B 95 -0.35 9.04 -1.10
N THR B 96 -0.68 9.07 -2.37
CA THR B 96 -1.40 10.22 -2.91
C THR B 96 -2.84 10.09 -2.43
N HIS B 97 -3.50 11.23 -2.30
CA HIS B 97 -4.91 11.24 -1.89
C HIS B 97 -5.80 10.70 -3.00
N SER B 98 -6.78 9.90 -2.60
CA SER B 98 -7.85 9.40 -3.46
C SER B 98 -8.79 10.54 -3.91
N SER B 99 -9.45 10.47 -5.07
CA SER B 99 -10.56 11.41 -5.35
C SER B 99 -11.97 10.86 -5.07
N ALA B 100 -12.03 9.70 -4.40
CA ALA B 100 -13.35 9.16 -4.03
C ALA B 100 -14.06 10.06 -3.02
N LYS B 101 -15.38 10.07 -3.13
CA LYS B 101 -16.23 10.88 -2.25
C LYS B 101 -17.07 9.94 -1.38
N PRO B 102 -17.37 10.31 -0.12
CA PRO B 102 -16.87 11.51 0.54
C PRO B 102 -15.36 11.49 0.79
N CYS B 103 -14.77 10.31 0.91
CA CYS B 103 -13.33 10.16 0.98
C CYS B 103 -13.00 8.75 0.50
N GLY B 104 -11.74 8.53 0.16
CA GLY B 104 -11.26 7.25 -0.32
C GLY B 104 -10.23 6.70 0.61
N GLN B 105 -10.42 5.44 1.00
CA GLN B 105 -9.54 4.77 1.94
C GLN B 105 -8.31 4.16 1.29
N GLN B 106 -7.15 4.37 1.93
CA GLN B 106 -5.90 3.77 1.48
CA GLN B 106 -5.88 3.79 1.49
C GLN B 106 -5.16 3.40 2.74
N SER B 107 -4.29 2.39 2.64
CA SER B 107 -3.57 1.89 3.76
C SER B 107 -2.04 1.87 3.52
N ILE B 108 -1.29 2.05 4.58
CA ILE B 108 0.18 2.13 4.55
C ILE B 108 0.59 1.08 5.58
N HIS B 109 1.63 0.31 5.29
CA HIS B 109 2.22 -0.57 6.25
C HIS B 109 3.77 -0.29 6.30
N LEU B 110 4.30 -0.08 7.49
CA LEU B 110 5.76 0.20 7.70
C LEU B 110 6.26 -0.83 8.68
N GLY B 111 7.48 -1.26 8.50
CA GLY B 111 8.05 -2.19 9.47
C GLY B 111 9.49 -2.46 9.18
N GLY B 112 10.27 -2.65 10.23
CA GLY B 112 11.65 -3.06 10.05
C GLY B 112 12.30 -3.38 11.40
N VAL B 113 13.52 -3.91 11.30
CA VAL B 113 14.32 -4.33 12.47
CA VAL B 113 14.25 -4.35 12.47
C VAL B 113 15.29 -3.25 12.85
N PHE B 114 15.26 -2.84 14.11
CA PHE B 114 16.08 -1.76 14.64
C PHE B 114 16.65 -2.10 16.01
N GLU B 115 17.84 -1.58 16.28
CA GLU B 115 18.46 -1.68 17.60
C GLU B 115 17.95 -0.56 18.42
N LEU B 116 17.36 -0.82 19.59
CA LEU B 116 16.94 0.22 20.47
C LEU B 116 17.80 0.24 21.76
N GLN B 117 17.88 1.44 22.33
CA GLN B 117 18.62 1.71 23.57
CA GLN B 117 18.63 1.69 23.56
C GLN B 117 17.66 1.58 24.74
N PRO B 118 18.18 1.37 25.96
CA PRO B 118 17.24 1.33 27.08
C PRO B 118 16.49 2.65 27.21
N GLY B 119 15.18 2.56 27.37
CA GLY B 119 14.37 3.75 27.55
C GLY B 119 13.99 4.44 26.21
N ALA B 120 14.35 3.87 25.06
CA ALA B 120 13.95 4.48 23.80
C ALA B 120 12.45 4.31 23.59
N SER B 121 11.88 5.25 22.85
CA SER B 121 10.46 5.30 22.55
C SER B 121 10.27 5.48 21.07
N VAL B 122 9.30 4.78 20.52
CA VAL B 122 8.90 4.95 19.13
C VAL B 122 7.47 5.45 19.09
N PHE B 123 7.16 6.21 18.04
CA PHE B 123 5.84 6.83 17.87
C PHE B 123 5.59 7.01 16.37
N VAL B 124 4.35 7.31 16.00
CA VAL B 124 3.96 7.42 14.62
C VAL B 124 3.33 8.79 14.43
N ASN B 125 3.82 9.50 13.39
CA ASN B 125 3.37 10.84 12.96
C ASN B 125 2.73 10.75 11.63
N VAL B 126 1.70 11.58 11.37
CA VAL B 126 1.11 11.66 10.05
C VAL B 126 0.85 13.07 9.64
N THR B 127 0.72 13.24 8.32
CA THR B 127 0.49 14.56 7.79
C THR B 127 -0.87 15.08 8.25
N ASP B 128 -1.86 14.20 8.36
CA ASP B 128 -3.16 14.66 8.89
C ASP B 128 -3.91 13.65 9.74
N PRO B 129 -3.72 13.76 11.04
CA PRO B 129 -4.30 12.73 11.86
C PRO B 129 -5.82 12.70 11.80
N SER B 130 -6.51 13.78 11.43
CA SER B 130 -7.98 13.75 11.37
C SER B 130 -8.51 12.83 10.25
N GLN B 131 -7.65 12.49 9.26
CA GLN B 131 -8.03 11.63 8.15
CA GLN B 131 -8.05 11.64 8.16
C GLN B 131 -7.86 10.14 8.45
N VAL B 132 -7.20 9.80 9.56
CA VAL B 132 -6.95 8.41 9.91
C VAL B 132 -8.28 7.69 10.14
N SER B 133 -8.37 6.45 9.64
CA SER B 133 -9.55 5.58 9.84
C SER B 133 -9.30 4.76 11.12
N HIS B 134 -10.28 4.78 12.03
CA HIS B 134 -10.14 4.15 13.29
C HIS B 134 -11.08 2.95 13.44
N GLY B 135 -11.84 2.60 12.40
CA GLY B 135 -12.70 1.40 12.46
C GLY B 135 -11.84 0.20 12.81
N THR B 136 -12.47 -0.82 13.35
CA THR B 136 -11.80 -1.99 13.88
C THR B 136 -10.74 -2.55 12.94
N GLY B 137 -9.51 -2.59 13.44
CA GLY B 137 -8.41 -3.20 12.74
C GLY B 137 -7.68 -2.35 11.70
N PHE B 138 -8.20 -1.17 11.38
CA PHE B 138 -7.64 -0.36 10.25
C PHE B 138 -6.24 0.23 10.60
N THR B 139 -6.06 0.61 11.83
CA THR B 139 -4.82 1.36 12.20
C THR B 139 -4.30 0.78 13.51
N SER B 140 -3.01 0.43 13.54
CA SER B 140 -2.43 -0.22 14.69
C SER B 140 -0.91 -0.02 14.67
N PHE B 141 -0.28 -0.35 15.78
CA PHE B 141 1.15 -0.04 16.02
C PHE B 141 1.69 -1.10 16.98
N GLY B 142 2.86 -1.63 16.70
CA GLY B 142 3.41 -2.61 17.66
C GLY B 142 4.88 -2.88 17.49
N LEU B 143 5.38 -3.78 18.31
CA LEU B 143 6.76 -4.20 18.21
C LEU B 143 6.95 -5.55 18.86
N LEU B 144 8.03 -6.24 18.54
CA LEU B 144 8.43 -7.43 19.23
C LEU B 144 9.94 -7.41 19.38
N LYS B 145 10.41 -7.84 20.54
CA LYS B 145 11.86 -7.99 20.75
C LYS B 145 12.30 -9.32 20.14
N LEU B 146 13.36 -9.30 19.33
CA LEU B 146 13.87 -10.53 18.80
C LEU B 146 14.54 -11.38 19.87
N ASN C 4 12.55 -26.63 21.92
CA ASN C 4 11.27 -26.32 21.22
C ASN C 4 11.47 -26.02 19.75
N PRO C 5 10.56 -26.55 18.89
CA PRO C 5 10.69 -26.37 17.48
C PRO C 5 10.26 -24.95 17.09
N GLN C 6 10.75 -24.51 15.93
CA GLN C 6 10.31 -23.28 15.29
C GLN C 6 8.97 -23.53 14.60
N ILE C 7 8.06 -22.58 14.68
CA ILE C 7 6.72 -22.78 14.17
C ILE C 7 6.46 -21.64 13.22
N ALA C 8 6.25 -21.94 11.94
CA ALA C 8 6.06 -20.89 10.94
C ALA C 8 5.37 -21.49 9.76
N ALA C 9 4.61 -20.63 9.09
CA ALA C 9 3.94 -20.98 7.87
C ALA C 9 3.94 -19.79 6.90
N HIS C 10 3.97 -20.13 5.61
CA HIS C 10 3.82 -19.16 4.52
C HIS C 10 3.15 -19.92 3.41
N VAL C 11 1.97 -19.48 3.04
CA VAL C 11 1.23 -20.15 1.99
C VAL C 11 0.91 -19.16 0.84
N ILE C 12 0.68 -19.76 -0.32
CA ILE C 12 0.55 -19.12 -1.64
C ILE C 12 -0.93 -19.02 -2.02
N SER C 13 -1.32 -17.96 -2.70
CA SER C 13 -2.73 -17.73 -3.02
C SER C 13 -3.20 -18.73 -4.05
N GLU C 14 -4.47 -19.11 -3.93
CA GLU C 14 -5.09 -20.01 -4.89
CA GLU C 14 -5.11 -20.05 -4.85
C GLU C 14 -6.43 -19.44 -5.29
N ALA C 15 -6.69 -19.42 -6.59
CA ALA C 15 -7.96 -18.99 -7.12
C ALA C 15 -9.00 -20.06 -6.86
N SER C 16 -10.27 -19.66 -6.88
CA SER C 16 -11.38 -20.56 -6.65
C SER C 16 -12.59 -20.08 -7.40
N SER C 17 -13.33 -20.97 -8.02
CA SER C 17 -14.59 -20.58 -8.68
C SER C 17 -15.70 -20.38 -7.60
N LYS C 18 -15.43 -20.90 -6.40
CA LYS C 18 -16.31 -20.90 -5.24
C LYS C 18 -16.80 -19.50 -4.87
N THR C 19 -18.02 -19.47 -4.32
CA THR C 19 -18.75 -18.26 -3.93
C THR C 19 -18.49 -17.95 -2.44
N THR C 20 -17.54 -17.04 -2.18
CA THR C 20 -17.11 -16.76 -0.82
C THR C 20 -16.12 -15.59 -0.82
N SER C 21 -16.22 -14.73 0.18
CA SER C 21 -15.19 -13.73 0.42
C SER C 21 -13.84 -14.28 1.02
N VAL C 22 -13.84 -15.50 1.56
CA VAL C 22 -12.67 -16.04 2.19
C VAL C 22 -11.66 -16.48 1.11
N LEU C 23 -10.46 -15.94 1.18
CA LEU C 23 -9.36 -16.35 0.25
C LEU C 23 -8.92 -17.78 0.49
N GLN C 24 -8.46 -18.43 -0.58
CA GLN C 24 -7.97 -19.79 -0.53
C GLN C 24 -6.47 -19.76 -0.78
N TRP C 25 -5.79 -20.78 -0.22
CA TRP C 25 -4.33 -20.88 -0.19
C TRP C 25 -3.89 -22.27 -0.48
N ALA C 26 -2.59 -22.41 -0.82
CA ALA C 26 -2.02 -23.74 -1.06
C ALA C 26 -0.58 -23.83 -0.56
N GLU C 27 -0.22 -25.01 -0.13
CA GLU C 27 1.18 -25.35 0.18
C GLU C 27 1.82 -25.81 -1.11
N LYS C 28 2.35 -24.87 -1.84
CA LYS C 28 3.11 -25.21 -3.07
C LYS C 28 4.01 -24.04 -3.41
N GLY C 29 4.80 -24.17 -4.46
CA GLY C 29 5.83 -23.20 -4.74
C GLY C 29 6.79 -23.08 -3.55
N TYR C 30 7.27 -21.86 -3.28
CA TYR C 30 8.31 -21.66 -2.24
C TYR C 30 7.57 -21.32 -0.96
N TYR C 31 6.93 -22.34 -0.38
CA TYR C 31 6.08 -22.14 0.78
C TYR C 31 6.88 -22.58 2.02
N THR C 32 6.28 -22.34 3.19
CA THR C 32 6.79 -22.74 4.46
C THR C 32 5.73 -23.41 5.28
N MET C 33 6.09 -24.51 5.92
CA MET C 33 5.17 -25.16 6.89
CA MET C 33 5.20 -25.22 6.82
C MET C 33 6.16 -26.01 7.71
N SER C 34 6.58 -25.46 8.84
CA SER C 34 7.76 -26.01 9.49
C SER C 34 7.52 -27.39 10.16
N ASN C 35 6.26 -27.57 10.62
CA ASN C 35 5.84 -28.82 11.25
C ASN C 35 4.29 -28.85 11.35
N ASN C 36 3.71 -29.89 11.99
CA ASN C 36 2.25 -30.01 12.10
C ASN C 36 1.66 -29.18 13.26
N LEU C 37 2.48 -28.31 13.85
CA LEU C 37 1.97 -27.45 14.92
C LEU C 37 1.26 -26.22 14.36
N VAL C 38 1.39 -25.98 13.06
CA VAL C 38 0.51 -25.09 12.30
C VAL C 38 0.05 -25.91 11.10
N THR C 39 -1.22 -25.82 10.74
CA THR C 39 -1.70 -26.55 9.57
C THR C 39 -2.57 -25.57 8.74
N LEU C 40 -2.56 -25.78 7.43
CA LEU C 40 -3.45 -25.13 6.48
C LEU C 40 -4.66 -26.04 6.41
N GLU C 41 -5.83 -25.54 6.83
CA GLU C 41 -7.03 -26.36 6.92
CA GLU C 41 -7.02 -26.36 6.91
C GLU C 41 -8.05 -25.90 5.88
N ASN C 42 -8.59 -26.85 5.13
CA ASN C 42 -9.63 -26.61 4.15
C ASN C 42 -9.23 -25.59 3.12
N GLY C 43 -7.94 -25.48 2.85
CA GLY C 43 -7.38 -24.46 1.96
C GLY C 43 -7.60 -23.00 2.37
N LYS C 44 -8.11 -22.76 3.56
CA LYS C 44 -8.62 -21.40 3.85
C LYS C 44 -8.18 -20.80 5.19
N GLN C 45 -7.59 -21.58 6.08
CA GLN C 45 -7.20 -21.01 7.35
C GLN C 45 -5.93 -21.65 7.88
N LEU C 46 -5.14 -20.86 8.61
CA LEU C 46 -4.00 -21.39 9.30
C LEU C 46 -4.39 -21.65 10.73
N THR C 47 -4.21 -22.87 11.19
CA THR C 47 -4.68 -23.29 12.49
C THR C 47 -3.48 -23.65 13.36
N VAL C 48 -3.39 -23.09 14.55
CA VAL C 48 -2.21 -23.35 15.42
C VAL C 48 -2.60 -24.25 16.59
N LYS C 49 -1.69 -25.14 17.01
CA LYS C 49 -1.94 -26.04 18.12
C LYS C 49 -1.59 -25.42 19.44
N ARG C 50 -0.53 -24.58 19.42
CA ARG C 50 0.04 -24.07 20.66
C ARG C 50 -0.34 -22.66 20.97
N GLN C 51 -0.72 -22.41 22.22
CA GLN C 51 -0.96 -21.04 22.65
C GLN C 51 0.38 -20.27 22.57
N GLY C 52 0.24 -18.97 22.44
CA GLY C 52 1.33 -18.01 22.66
C GLY C 52 1.22 -16.85 21.69
N LEU C 53 2.30 -16.12 21.62
CA LEU C 53 2.44 -14.94 20.80
CA LEU C 53 2.43 -14.94 20.80
C LEU C 53 2.90 -15.33 19.40
N TYR C 54 2.19 -14.88 18.37
CA TYR C 54 2.54 -15.00 17.01
C TYR C 54 2.54 -13.68 16.22
N TYR C 55 3.47 -13.56 15.27
CA TYR C 55 3.43 -12.51 14.27
C TYR C 55 2.67 -13.06 13.06
N ILE C 56 1.61 -12.38 12.67
CA ILE C 56 0.71 -12.90 11.62
C ILE C 56 0.61 -11.86 10.53
N TYR C 57 0.72 -12.32 9.27
CA TYR C 57 0.73 -11.40 8.17
C TYR C 57 -0.01 -11.93 6.93
N ALA C 58 -0.44 -10.98 6.10
CA ALA C 58 -0.98 -11.29 4.80
C ALA C 58 -0.68 -10.16 3.84
N GLN C 59 -0.44 -10.48 2.55
CA GLN C 59 -0.36 -9.48 1.49
CA GLN C 59 -0.44 -9.42 1.53
C GLN C 59 -1.23 -9.82 0.32
N VAL C 60 -1.99 -8.85 -0.19
CA VAL C 60 -2.97 -9.11 -1.23
C VAL C 60 -2.75 -8.12 -2.30
N THR C 61 -2.58 -8.63 -3.50
CA THR C 61 -2.56 -7.78 -4.69
C THR C 61 -3.85 -8.06 -5.38
N PHE C 62 -4.50 -7.02 -5.92
CA PHE C 62 -5.72 -7.18 -6.64
C PHE C 62 -5.62 -6.32 -7.88
N CYS C 63 -6.43 -6.65 -8.89
CA CYS C 63 -6.49 -5.91 -10.11
C CYS C 63 -7.96 -5.55 -10.40
N SER C 64 -8.27 -4.25 -10.40
CA SER C 64 -9.62 -3.85 -10.58
C SER C 64 -9.73 -2.62 -11.43
N ASN C 65 -10.96 -2.34 -11.81
CA ASN C 65 -11.29 -1.10 -12.44
C ASN C 65 -12.56 -0.51 -11.83
N ARG C 66 -12.55 0.78 -11.54
CA ARG C 66 -13.78 1.40 -11.01
C ARG C 66 -13.78 2.89 -11.22
N GLN C 71 -16.94 5.03 -5.63
CA GLN C 71 -16.49 3.65 -5.54
C GLN C 71 -16.25 3.16 -4.09
N ALA C 72 -16.76 1.97 -3.72
CA ALA C 72 -16.40 1.36 -2.42
C ALA C 72 -14.98 0.81 -2.46
N PRO C 73 -14.26 0.90 -1.35
CA PRO C 73 -12.92 0.42 -1.43
C PRO C 73 -12.85 -1.13 -1.49
N PHE C 74 -11.75 -1.59 -2.05
CA PHE C 74 -11.31 -2.97 -1.82
C PHE C 74 -10.75 -3.05 -0.38
N ILE C 75 -11.26 -4.02 0.40
CA ILE C 75 -10.86 -4.20 1.79
C ILE C 75 -10.44 -5.63 2.02
N ALA C 76 -9.27 -5.80 2.63
CA ALA C 76 -8.80 -7.09 3.07
C ALA C 76 -8.78 -7.15 4.59
N SER C 77 -9.19 -8.29 5.14
CA SER C 77 -9.37 -8.42 6.62
C SER C 77 -8.68 -9.68 7.06
N LEU C 78 -7.82 -9.58 8.08
CA LEU C 78 -7.28 -10.73 8.74
C LEU C 78 -8.19 -11.04 9.91
N CYS C 79 -8.74 -12.25 9.96
CA CYS C 79 -9.76 -12.60 10.93
C CYS C 79 -9.26 -13.76 11.75
N LEU C 80 -9.85 -13.89 12.93
CA LEU C 80 -9.50 -14.87 13.93
C LEU C 80 -10.77 -15.60 14.37
N LYS C 81 -10.69 -16.93 14.32
CA LYS C 81 -11.68 -17.75 14.96
C LYS C 81 -10.99 -18.54 16.07
N SER C 82 -11.35 -18.25 17.33
CA SER C 82 -10.83 -18.93 18.51
CA SER C 82 -10.81 -18.98 18.46
C SER C 82 -11.88 -19.93 19.01
N PRO C 83 -11.45 -21.09 19.51
CA PRO C 83 -12.46 -22.02 20.02
C PRO C 83 -13.38 -21.41 21.08
N GLY C 84 -14.66 -21.65 20.93
CA GLY C 84 -15.66 -21.13 21.85
C GLY C 84 -15.94 -19.63 21.71
N ARG C 85 -15.43 -18.96 20.68
CA ARG C 85 -15.63 -17.52 20.49
C ARG C 85 -16.15 -17.27 19.08
N PHE C 86 -16.88 -16.17 18.92
CA PHE C 86 -17.27 -15.73 17.60
C PHE C 86 -16.05 -15.21 16.88
N GLU C 87 -16.08 -15.27 15.55
CA GLU C 87 -15.01 -14.74 14.77
C GLU C 87 -14.86 -13.23 14.99
N ARG C 88 -13.64 -12.73 14.79
CA ARG C 88 -13.37 -11.31 14.98
CA ARG C 88 -13.38 -11.32 14.96
C ARG C 88 -12.35 -10.84 13.97
N ILE C 89 -12.36 -9.55 13.72
CA ILE C 89 -11.37 -8.94 12.83
C ILE C 89 -10.14 -8.54 13.67
N LEU C 90 -8.95 -8.91 13.21
CA LEU C 90 -7.72 -8.46 13.85
C LEU C 90 -7.15 -7.23 13.18
N LEU C 91 -7.05 -7.27 11.84
CA LEU C 91 -6.51 -6.19 11.03
C LEU C 91 -7.29 -6.07 9.75
N ARG C 92 -7.34 -4.86 9.20
CA ARG C 92 -7.95 -4.56 7.95
C ARG C 92 -7.13 -3.51 7.23
N ALA C 93 -7.08 -3.64 5.92
CA ALA C 93 -6.47 -2.64 5.03
C ALA C 93 -7.37 -2.40 3.83
N ALA C 94 -7.32 -1.17 3.35
CA ALA C 94 -8.08 -0.72 2.19
C ALA C 94 -7.16 -0.20 1.05
N ASN C 95 -7.76 -0.12 -0.14
CA ASN C 95 -7.18 0.59 -1.24
C ASN C 95 -8.38 0.97 -2.14
N THR C 96 -8.35 2.17 -2.65
CA THR C 96 -9.31 2.53 -3.66
C THR C 96 -8.95 1.75 -4.94
N HIS C 97 -9.94 1.59 -5.78
CA HIS C 97 -9.79 0.90 -7.08
C HIS C 97 -9.11 1.84 -8.08
N SER C 98 -8.19 1.28 -8.81
CA SER C 98 -7.56 1.92 -9.94
C SER C 98 -8.53 2.22 -11.07
N SER C 99 -8.20 3.23 -11.87
CA SER C 99 -8.91 3.47 -13.11
C SER C 99 -8.34 2.80 -14.33
N ALA C 100 -7.25 2.08 -14.19
CA ALA C 100 -6.55 1.55 -15.36
C ALA C 100 -7.37 0.43 -16.01
N LYS C 101 -7.23 0.31 -17.33
CA LYS C 101 -7.91 -0.67 -18.16
C LYS C 101 -6.88 -1.70 -18.64
N PRO C 102 -7.27 -2.97 -18.72
CA PRO C 102 -8.59 -3.49 -18.31
C PRO C 102 -8.76 -3.47 -16.80
N CYS C 103 -7.67 -3.52 -16.04
CA CYS C 103 -7.70 -3.34 -14.59
C CYS C 103 -6.33 -2.80 -14.14
N GLY C 104 -6.29 -2.22 -12.97
CA GLY C 104 -5.05 -1.71 -12.33
C GLY C 104 -4.75 -2.45 -11.06
N GLN C 105 -3.50 -2.88 -10.93
CA GLN C 105 -3.05 -3.61 -9.74
C GLN C 105 -2.70 -2.71 -8.56
N GLN C 106 -3.09 -3.10 -7.37
CA GLN C 106 -2.75 -2.43 -6.12
C GLN C 106 -2.53 -3.51 -5.12
N SER C 107 -1.71 -3.23 -4.10
CA SER C 107 -1.41 -4.18 -3.07
C SER C 107 -1.65 -3.64 -1.68
N ILE C 108 -1.86 -4.55 -0.75
CA ILE C 108 -2.14 -4.24 0.65
C ILE C 108 -1.22 -5.21 1.39
N HIS C 109 -0.61 -4.74 2.47
CA HIS C 109 0.07 -5.59 3.39
C HIS C 109 -0.47 -5.35 4.81
N LEU C 110 -0.72 -6.41 5.55
CA LEU C 110 -1.18 -6.39 6.93
CA LEU C 110 -1.04 -6.23 6.96
C LEU C 110 -0.27 -7.25 7.79
N GLY C 111 -0.03 -6.86 9.00
CA GLY C 111 0.69 -7.76 9.91
C GLY C 111 0.75 -7.22 11.31
N GLY C 112 0.81 -8.11 12.29
CA GLY C 112 0.93 -7.67 13.68
C GLY C 112 1.10 -8.85 14.60
N VAL C 113 1.41 -8.56 15.83
CA VAL C 113 1.61 -9.57 16.88
CA VAL C 113 1.64 -9.61 16.80
C VAL C 113 0.35 -9.81 17.65
N PHE C 114 -0.08 -11.06 17.80
CA PHE C 114 -1.28 -11.38 18.51
C PHE C 114 -1.05 -12.64 19.34
N GLU C 115 -1.78 -12.72 20.44
CA GLU C 115 -1.81 -13.92 21.33
CA GLU C 115 -1.69 -13.93 21.28
C GLU C 115 -2.80 -14.87 20.74
N LEU C 116 -2.46 -16.13 20.50
CA LEU C 116 -3.41 -17.10 20.00
C LEU C 116 -3.62 -18.18 21.08
N GLN C 117 -4.81 -18.79 21.01
CA GLN C 117 -5.27 -19.82 21.93
CA GLN C 117 -5.23 -19.81 21.95
C GLN C 117 -5.01 -21.11 21.22
N PRO C 118 -4.87 -22.24 21.97
CA PRO C 118 -4.73 -23.51 21.27
C PRO C 118 -5.92 -23.81 20.35
N GLY C 119 -5.65 -24.23 19.12
CA GLY C 119 -6.71 -24.50 18.17
C GLY C 119 -7.27 -23.26 17.46
N ALA C 120 -6.70 -22.09 17.70
CA ALA C 120 -7.16 -20.92 16.98
C ALA C 120 -6.74 -20.96 15.52
N SER C 121 -7.59 -20.32 14.71
CA SER C 121 -7.43 -20.24 13.26
C SER C 121 -7.54 -18.81 12.79
N VAL C 122 -6.70 -18.47 11.83
CA VAL C 122 -6.74 -17.18 11.20
C VAL C 122 -7.01 -17.39 9.73
N PHE C 123 -7.70 -16.42 9.15
CA PHE C 123 -8.04 -16.45 7.73
C PHE C 123 -8.12 -15.04 7.21
N VAL C 124 -8.14 -14.92 5.87
CA VAL C 124 -8.19 -13.63 5.18
C VAL C 124 -9.43 -13.58 4.31
N ASN C 125 -10.19 -12.50 4.47
CA ASN C 125 -11.42 -12.18 3.76
C ASN C 125 -11.21 -10.95 2.88
N VAL C 126 -11.86 -10.87 1.73
CA VAL C 126 -11.77 -9.68 0.90
C VAL C 126 -13.11 -9.33 0.31
N THR C 127 -13.21 -8.07 -0.07
CA THR C 127 -14.39 -7.52 -0.71
CA THR C 127 -14.45 -7.57 -0.66
C THR C 127 -14.72 -8.22 -2.02
N ASP C 128 -13.68 -8.43 -2.82
CA ASP C 128 -13.89 -9.06 -4.17
CA ASP C 128 -13.76 -8.89 -4.21
C ASP C 128 -12.77 -10.09 -4.50
N PRO C 129 -13.03 -11.32 -4.04
CA PRO C 129 -12.00 -12.35 -4.29
C PRO C 129 -11.69 -12.61 -5.75
N SER C 130 -12.63 -12.39 -6.63
CA SER C 130 -12.34 -12.64 -8.05
C SER C 130 -11.30 -11.64 -8.63
N GLN C 131 -11.07 -10.52 -7.93
CA GLN C 131 -10.16 -9.49 -8.41
CA GLN C 131 -10.16 -9.49 -8.40
C GLN C 131 -8.73 -9.72 -7.89
N VAL C 132 -8.54 -10.70 -6.99
CA VAL C 132 -7.24 -10.97 -6.45
C VAL C 132 -6.28 -11.45 -7.57
N SER C 133 -5.05 -10.94 -7.51
CA SER C 133 -3.97 -11.32 -8.42
C SER C 133 -3.25 -12.52 -7.81
N HIS C 134 -3.14 -13.57 -8.61
CA HIS C 134 -2.53 -14.83 -8.18
C HIS C 134 -1.20 -15.14 -8.82
N GLY C 135 -0.71 -14.26 -9.69
CA GLY C 135 0.62 -14.46 -10.29
C GLY C 135 1.67 -14.62 -9.19
N THR C 136 2.77 -15.25 -9.53
CA THR C 136 3.80 -15.62 -8.58
C THR C 136 4.16 -14.53 -7.64
N GLY C 137 3.99 -14.79 -6.37
CA GLY C 137 4.41 -13.89 -5.34
C GLY C 137 3.44 -12.77 -4.95
N PHE C 138 2.37 -12.55 -5.70
CA PHE C 138 1.53 -11.36 -5.50
C PHE C 138 0.73 -11.42 -4.21
N THR C 139 0.31 -12.60 -3.81
CA THR C 139 -0.69 -12.73 -2.73
C THR C 139 -0.26 -13.93 -1.87
N SER C 140 -0.15 -13.70 -0.56
CA SER C 140 0.42 -14.71 0.37
C SER C 140 -0.05 -14.44 1.81
N PHE C 141 0.18 -15.42 2.68
CA PHE C 141 -0.41 -15.44 4.04
C PHE C 141 0.53 -16.27 4.88
N GLY C 142 0.87 -15.80 6.05
CA GLY C 142 1.73 -16.60 6.94
C GLY C 142 1.72 -16.16 8.37
N LEU C 143 2.55 -16.85 9.15
CA LEU C 143 2.70 -16.51 10.57
C LEU C 143 3.95 -17.13 11.09
N LEU C 144 4.44 -16.58 12.19
CA LEU C 144 5.53 -17.25 12.90
C LEU C 144 5.32 -17.14 14.39
N LYS C 145 5.67 -18.18 15.15
CA LYS C 145 5.50 -18.12 16.58
C LYS C 145 6.71 -17.40 17.16
N LEU C 146 6.47 -16.44 18.06
CA LEU C 146 7.58 -15.77 18.74
C LEU C 146 8.33 -16.71 19.70
N GLN D 1 32.07 16.70 -22.66
CA GLN D 1 32.31 16.65 -21.19
C GLN D 1 31.03 16.95 -20.38
N VAL D 2 31.01 16.54 -19.12
CA VAL D 2 29.88 16.83 -18.21
C VAL D 2 29.91 18.34 -17.87
N GLN D 3 28.80 19.08 -18.04
CA GLN D 3 28.78 20.52 -17.74
C GLN D 3 27.46 20.99 -17.15
N LEU D 4 27.56 21.83 -16.14
CA LEU D 4 26.42 22.48 -15.58
C LEU D 4 26.66 23.96 -15.73
N VAL D 5 25.74 24.66 -16.39
CA VAL D 5 25.89 26.10 -16.60
C VAL D 5 24.71 26.78 -15.96
N GLN D 6 25.00 27.67 -15.03
CA GLN D 6 23.99 28.35 -14.27
C GLN D 6 23.72 29.72 -14.84
N SER D 7 22.56 30.25 -14.47
CA SER D 7 22.11 31.59 -14.90
C SER D 7 22.93 32.68 -14.24
N GLY D 8 22.85 33.86 -14.83
CA GLY D 8 23.53 35.06 -14.35
C GLY D 8 23.14 35.54 -12.97
N ALA D 9 23.99 36.38 -12.42
CA ALA D 9 23.81 37.03 -11.12
C ALA D 9 22.49 37.77 -11.05
N GLU D 10 21.91 37.80 -9.86
CA GLU D 10 20.68 38.53 -9.60
C GLU D 10 20.93 39.47 -8.45
N VAL D 11 20.34 40.65 -8.57
CA VAL D 11 20.46 41.65 -7.55
C VAL D 11 19.05 42.07 -7.23
N VAL D 12 18.62 41.88 -6.00
CA VAL D 12 17.20 41.94 -5.73
C VAL D 12 16.86 42.65 -4.42
N LYS D 13 15.61 43.03 -4.22
CA LYS D 13 15.18 43.71 -3.00
C LYS D 13 14.66 42.69 -2.00
N PRO D 14 14.76 42.98 -0.68
CA PRO D 14 14.09 42.10 0.29
C PRO D 14 12.62 41.88 -0.05
N GLY D 15 12.16 40.65 0.04
CA GLY D 15 10.77 40.32 -0.28
C GLY D 15 10.56 39.74 -1.67
N ALA D 16 11.48 40.01 -2.60
CA ALA D 16 11.38 39.43 -3.94
C ALA D 16 11.65 37.90 -3.93
N SER D 17 11.49 37.32 -5.11
CA SER D 17 11.83 35.94 -5.38
C SER D 17 12.75 35.96 -6.57
N VAL D 18 13.54 34.91 -6.70
CA VAL D 18 14.31 34.70 -7.92
C VAL D 18 14.18 33.26 -8.28
N LYS D 19 14.34 32.97 -9.55
CA LYS D 19 14.33 31.59 -10.04
C LYS D 19 15.60 31.38 -10.82
N LEU D 20 16.43 30.53 -10.27
CA LEU D 20 17.74 30.22 -10.77
C LEU D 20 17.62 29.00 -11.65
N SER D 21 18.45 28.94 -12.68
CA SER D 21 18.48 27.81 -13.59
C SER D 21 19.87 27.23 -13.69
N CYS D 22 19.90 25.95 -14.05
CA CYS D 22 21.10 25.15 -14.17
C CYS D 22 20.88 24.20 -15.32
N LYS D 23 21.51 24.48 -16.48
CA LYS D 23 21.43 23.63 -17.68
C LYS D 23 22.55 22.61 -17.70
N ALA D 24 22.17 21.34 -17.88
CA ALA D 24 23.04 20.20 -17.83
C ALA D 24 23.30 19.73 -19.23
N SER D 25 24.54 19.37 -19.55
CA SER D 25 24.86 18.72 -20.81
C SER D 25 26.00 17.75 -20.64
N GLY D 26 26.18 16.87 -21.63
CA GLY D 26 27.24 15.88 -21.66
C GLY D 26 27.00 14.57 -20.90
N TYR D 27 25.80 14.39 -20.38
CA TYR D 27 25.41 13.14 -19.68
C TYR D 27 23.89 13.09 -19.67
N ILE D 28 23.35 11.96 -19.26
CA ILE D 28 21.90 11.73 -19.28
C ILE D 28 21.32 12.42 -18.07
N PHE D 29 20.67 13.56 -18.30
CA PHE D 29 20.18 14.43 -17.21
C PHE D 29 19.35 13.68 -16.15
N THR D 30 18.55 12.74 -16.61
CA THR D 30 17.63 11.99 -15.73
C THR D 30 18.25 10.91 -14.86
N SER D 31 19.53 10.59 -15.08
CA SER D 31 20.19 9.49 -14.38
C SER D 31 20.92 9.90 -13.10
N TYR D 32 20.91 11.18 -12.75
CA TYR D 32 21.68 11.69 -11.64
C TYR D 32 20.84 12.70 -10.91
N TYR D 33 20.85 12.60 -9.58
CA TYR D 33 20.24 13.61 -8.72
C TYR D 33 20.96 14.94 -8.89
N MET D 34 20.21 16.04 -8.87
CA MET D 34 20.80 17.36 -8.78
C MET D 34 20.62 17.93 -7.34
N TYR D 35 21.72 18.42 -6.80
CA TYR D 35 21.75 19.12 -5.54
C TYR D 35 21.87 20.63 -5.75
N TRP D 36 21.36 21.39 -4.79
CA TRP D 36 21.63 22.78 -4.73
C TRP D 36 22.32 23.07 -3.42
N VAL D 37 23.32 23.95 -3.48
CA VAL D 37 24.23 24.20 -2.32
C VAL D 37 24.40 25.70 -2.22
N LYS D 38 24.36 26.23 -0.99
CA LYS D 38 24.55 27.67 -0.72
C LYS D 38 25.93 27.93 -0.12
N GLN D 39 26.53 29.08 -0.48
CA GLN D 39 27.80 29.46 0.13
C GLN D 39 27.72 30.96 0.40
N ALA D 40 27.55 31.32 1.66
CA ALA D 40 27.32 32.75 1.95
C ALA D 40 28.68 33.44 1.90
N PRO D 41 28.73 34.77 1.65
CA PRO D 41 29.99 35.50 1.57
C PRO D 41 30.89 35.21 2.76
N GLY D 42 32.17 34.92 2.49
CA GLY D 42 33.11 34.44 3.52
C GLY D 42 32.87 33.05 4.10
N GLN D 43 31.77 32.40 3.71
CA GLN D 43 31.26 31.22 4.43
C GLN D 43 31.56 29.91 3.70
N GLY D 44 31.16 28.83 4.36
CA GLY D 44 31.28 27.54 3.82
C GLY D 44 29.93 27.12 3.27
N LEU D 45 29.81 25.84 3.13
CA LEU D 45 28.92 25.27 2.18
C LEU D 45 27.74 24.63 2.92
N GLU D 46 26.52 24.87 2.44
CA GLU D 46 25.31 24.30 3.05
C GLU D 46 24.45 23.69 1.96
N TRP D 47 24.05 22.45 2.17
CA TRP D 47 23.24 21.76 1.22
C TRP D 47 21.78 22.19 1.44
N ILE D 48 21.13 22.58 0.36
CA ILE D 48 19.75 23.08 0.39
C ILE D 48 18.74 21.92 0.22
N GLY D 49 18.99 21.07 -0.76
CA GLY D 49 18.04 20.09 -1.18
C GLY D 49 18.45 19.40 -2.48
N GLU D 50 17.62 18.49 -2.92
CA GLU D 50 17.88 17.62 -4.04
C GLU D 50 16.62 17.44 -4.87
N ILE D 51 16.80 17.18 -6.17
CA ILE D 51 15.72 16.79 -7.03
C ILE D 51 16.18 15.62 -7.87
N ASN D 52 15.26 14.73 -8.16
CA ASN D 52 15.44 13.65 -9.07
C ASN D 52 14.84 14.14 -10.40
N PRO D 53 15.68 14.37 -11.38
CA PRO D 53 15.13 14.91 -12.63
C PRO D 53 14.22 13.93 -13.40
N SER D 54 14.30 12.63 -13.12
CA SER D 54 13.47 11.68 -13.87
CA SER D 54 13.47 11.66 -13.84
C SER D 54 12.00 11.84 -13.51
N ASN D 55 11.70 12.22 -12.27
CA ASN D 55 10.29 12.37 -11.88
C ASN D 55 9.91 13.68 -11.18
N GLY D 56 10.87 14.49 -10.77
CA GLY D 56 10.58 15.73 -10.06
C GLY D 56 10.47 15.58 -8.55
N ASP D 57 10.79 14.39 -8.02
CA ASP D 57 10.80 14.10 -6.59
C ASP D 57 11.88 14.94 -5.93
N THR D 58 11.57 15.42 -4.74
CA THR D 58 12.50 16.30 -4.02
C THR D 58 12.61 15.94 -2.56
N ASN D 59 13.75 16.31 -1.97
CA ASN D 59 13.95 16.27 -0.53
C ASN D 59 14.77 17.49 -0.13
N PHE D 60 14.48 18.03 1.06
CA PHE D 60 15.07 19.31 1.51
C PHE D 60 15.76 19.22 2.85
N ASN D 61 16.79 20.08 3.00
CA ASN D 61 17.25 20.44 4.31
C ASN D 61 16.13 21.19 4.98
N GLU D 62 15.83 20.79 6.19
CA GLU D 62 14.79 21.44 7.02
C GLU D 62 14.99 22.97 7.08
N LYS D 63 16.26 23.41 7.11
CA LYS D 63 16.60 24.84 7.19
C LYS D 63 16.13 25.61 5.92
N PHE D 64 15.94 24.92 4.80
CA PHE D 64 15.53 25.57 3.56
C PHE D 64 14.19 25.16 3.04
N LYS D 65 13.47 24.31 3.79
CA LYS D 65 12.19 23.78 3.34
C LYS D 65 11.21 24.93 2.93
N SER D 66 11.16 26.01 3.70
CA SER D 66 10.23 27.10 3.37
C SER D 66 10.82 28.15 2.41
N LYS D 67 12.08 28.02 2.02
CA LYS D 67 12.78 29.00 1.24
C LYS D 67 12.86 28.63 -0.24
N ALA D 68 12.99 27.33 -0.54
CA ALA D 68 13.45 26.87 -1.86
C ALA D 68 12.41 25.99 -2.50
N THR D 69 12.16 26.16 -3.80
CA THR D 69 11.31 25.24 -4.58
C THR D 69 12.14 24.70 -5.71
N LEU D 70 12.22 23.36 -5.86
CA LEU D 70 13.05 22.75 -6.90
C LEU D 70 12.19 22.10 -7.96
N THR D 71 12.49 22.40 -9.22
CA THR D 71 11.78 21.82 -10.33
C THR D 71 12.80 21.48 -11.39
N VAL D 72 12.37 20.74 -12.39
CA VAL D 72 13.19 20.51 -13.57
C VAL D 72 12.31 20.67 -14.78
N ASP D 73 12.94 20.91 -15.93
CA ASP D 73 12.32 20.71 -17.23
C ASP D 73 13.17 19.69 -17.97
N LYS D 74 12.68 18.47 -18.04
CA LYS D 74 13.44 17.36 -18.65
C LYS D 74 13.85 17.56 -20.07
N SER D 75 12.93 18.04 -20.89
CA SER D 75 13.19 18.23 -22.30
C SER D 75 14.26 19.31 -22.52
N ALA D 76 14.33 20.29 -21.62
CA ALA D 76 15.40 21.29 -21.66
C ALA D 76 16.68 20.93 -20.86
N SER D 77 16.77 19.73 -20.29
CA SER D 77 17.90 19.38 -19.43
C SER D 77 18.26 20.49 -18.42
N THR D 78 17.26 21.16 -17.86
CA THR D 78 17.46 22.27 -16.94
C THR D 78 16.79 22.03 -15.59
N ALA D 79 17.54 22.31 -14.53
CA ALA D 79 17.03 22.29 -13.18
C ALA D 79 16.88 23.71 -12.72
N TYR D 80 15.85 23.94 -11.90
CA TYR D 80 15.52 25.27 -11.44
C TYR D 80 15.34 25.32 -9.95
N MET D 81 15.80 26.40 -9.36
CA MET D 81 15.58 26.68 -7.97
C MET D 81 14.96 28.04 -7.78
N GLU D 82 13.76 28.05 -7.20
CA GLU D 82 13.10 29.27 -6.83
C GLU D 82 13.29 29.57 -5.34
N LEU D 83 13.81 30.77 -5.05
CA LEU D 83 13.97 31.26 -3.69
C LEU D 83 12.94 32.35 -3.49
N SER D 84 12.20 32.30 -2.38
CA SER D 84 11.18 33.29 -2.08
C SER D 84 11.40 34.00 -0.73
N SER D 85 10.60 35.04 -0.50
CA SER D 85 10.68 35.93 0.69
C SER D 85 12.12 36.28 1.05
N LEU D 86 12.84 36.78 0.04
CA LEU D 86 14.29 36.95 0.17
C LEU D 86 14.61 38.02 1.21
N ARG D 87 15.62 37.74 2.03
CA ARG D 87 16.16 38.70 3.02
C ARG D 87 17.67 38.75 2.89
N SER D 88 18.30 39.77 3.45
CA SER D 88 19.74 40.00 3.23
C SER D 88 20.60 38.76 3.59
N GLU D 89 20.16 37.95 4.56
CA GLU D 89 20.83 36.69 4.94
C GLU D 89 20.83 35.62 3.83
N ASP D 90 20.05 35.81 2.77
CA ASP D 90 19.98 34.89 1.62
C ASP D 90 21.04 35.23 0.57
N THR D 91 21.76 36.34 0.78
CA THR D 91 22.91 36.72 -0.04
C THR D 91 23.97 35.62 0.00
N ALA D 92 24.28 35.08 -1.17
CA ALA D 92 25.23 33.97 -1.27
C ALA D 92 25.47 33.64 -2.71
N VAL D 93 26.45 32.79 -2.94
CA VAL D 93 26.58 32.10 -4.20
C VAL D 93 25.78 30.82 -4.05
N TYR D 94 25.01 30.48 -5.07
CA TYR D 94 24.18 29.30 -5.07
C TYR D 94 24.67 28.40 -6.19
N TYR D 95 24.98 27.14 -5.85
CA TYR D 95 25.50 26.22 -6.83
C TYR D 95 24.46 25.11 -7.09
N CYS D 96 24.38 24.63 -8.32
CA CYS D 96 23.81 23.31 -8.61
C CYS D 96 25.01 22.38 -8.76
N THR D 97 24.85 21.13 -8.38
CA THR D 97 25.91 20.14 -8.54
C THR D 97 25.31 18.77 -8.69
N ARG D 98 25.86 17.99 -9.60
CA ARG D 98 25.38 16.65 -9.89
C ARG D 98 25.87 15.70 -8.81
N SER D 99 25.02 14.79 -8.36
CA SER D 99 25.46 13.83 -7.36
C SER D 99 25.54 12.44 -7.93
N ASP D 100 26.65 11.77 -7.67
CA ASP D 100 26.76 10.36 -7.99
C ASP D 100 26.24 9.60 -6.77
N GLY D 101 25.09 8.93 -6.99
CA GLY D 101 24.46 8.10 -5.96
C GLY D 101 24.00 8.80 -4.68
N ARG D 102 23.80 10.11 -4.77
CA ARG D 102 23.44 10.96 -3.63
C ARG D 102 24.48 10.84 -2.55
N ASN D 103 25.75 10.74 -2.97
CA ASN D 103 26.85 10.70 -2.04
C ASN D 103 27.76 11.88 -2.30
N ASP D 104 28.74 11.70 -3.17
CA ASP D 104 29.59 12.76 -3.56
C ASP D 104 28.91 13.64 -4.61
N MET D 105 29.53 14.80 -4.80
CA MET D 105 29.05 15.88 -5.68
C MET D 105 30.16 16.06 -6.73
N ASP D 106 29.98 15.42 -7.88
CA ASP D 106 31.11 15.26 -8.81
C ASP D 106 31.28 16.28 -9.91
N SER D 107 30.28 17.09 -10.15
CA SER D 107 30.34 18.13 -11.16
CA SER D 107 30.36 18.15 -11.17
C SER D 107 29.55 19.32 -10.67
N TRP D 108 30.12 20.52 -10.79
CA TRP D 108 29.47 21.69 -10.23
C TRP D 108 29.22 22.78 -11.28
N GLY D 109 28.11 23.50 -11.11
CA GLY D 109 27.89 24.71 -11.85
C GLY D 109 28.87 25.77 -11.40
N GLN D 110 28.99 26.82 -12.20
CA GLN D 110 29.89 27.90 -11.86
C GLN D 110 29.40 28.78 -10.70
N GLY D 111 28.15 28.62 -10.29
CA GLY D 111 27.57 29.41 -9.21
C GLY D 111 26.81 30.62 -9.75
N THR D 112 25.75 31.00 -9.04
CA THR D 112 24.96 32.20 -9.29
C THR D 112 24.97 32.99 -8.01
N LEU D 113 25.49 34.20 -8.10
CA LEU D 113 25.46 35.13 -7.01
C LEU D 113 24.09 35.74 -6.90
N VAL D 114 23.52 35.66 -5.73
CA VAL D 114 22.26 36.32 -5.45
C VAL D 114 22.57 37.31 -4.36
N THR D 115 22.32 38.59 -4.65
CA THR D 115 22.49 39.65 -3.70
C THR D 115 21.13 40.24 -3.38
N VAL D 116 20.79 40.28 -2.10
CA VAL D 116 19.53 40.86 -1.68
C VAL D 116 19.80 42.02 -0.74
N SER D 117 19.29 43.18 -1.17
CA SER D 117 19.67 44.44 -0.66
C SER D 117 18.61 45.49 -1.05
N SER D 118 18.30 46.33 -0.07
CA SER D 118 17.71 47.68 -0.30
C SER D 118 18.40 48.57 -1.35
N ALA D 119 19.71 48.48 -1.51
CA ALA D 119 20.45 49.45 -2.35
C ALA D 119 20.06 49.49 -3.84
N SER D 120 20.23 50.64 -4.47
CA SER D 120 19.99 50.80 -5.91
C SER D 120 21.33 50.97 -6.58
N THR D 121 21.47 50.57 -7.86
CA THR D 121 22.78 50.71 -8.58
C THR D 121 23.34 52.13 -8.41
N LYS D 122 24.64 52.27 -8.21
CA LYS D 122 25.27 53.51 -7.77
C LYS D 122 26.83 53.42 -7.99
N GLY D 123 27.35 54.36 -8.78
CA GLY D 123 28.79 54.55 -8.93
C GLY D 123 29.45 55.04 -7.63
N PRO D 124 30.75 54.76 -7.47
CA PRO D 124 31.47 55.15 -6.27
C PRO D 124 31.85 56.64 -6.23
N SER D 125 31.96 57.21 -5.02
CA SER D 125 32.84 58.36 -4.78
C SER D 125 34.28 57.84 -4.70
N VAL D 126 35.22 58.59 -5.29
CA VAL D 126 36.66 58.23 -5.32
C VAL D 126 37.46 59.33 -4.67
N PHE D 127 38.13 59.00 -3.55
CA PHE D 127 38.88 59.97 -2.74
C PHE D 127 40.38 59.62 -2.70
N PRO D 128 41.27 60.64 -2.72
CA PRO D 128 42.70 60.32 -2.51
C PRO D 128 43.02 59.87 -1.09
N LEU D 129 43.88 58.86 -1.01
CA LEU D 129 44.68 58.56 0.18
C LEU D 129 46.10 59.15 -0.10
N ALA D 130 46.39 60.32 0.46
CA ALA D 130 47.62 61.01 0.07
C ALA D 130 48.78 60.80 1.08
N PRO D 131 50.04 60.68 0.58
CA PRO D 131 51.27 60.53 1.38
C PRO D 131 51.27 59.91 2.78
N GLY D 138 59.27 56.88 5.98
CA GLY D 138 60.67 56.61 5.50
C GLY D 138 61.00 56.89 4.00
N GLY D 139 61.86 56.01 3.41
CA GLY D 139 62.21 56.04 1.98
C GLY D 139 61.07 55.65 1.04
N THR D 140 60.08 54.93 1.57
CA THR D 140 58.95 54.47 0.75
C THR D 140 57.70 55.21 1.19
N ALA D 141 56.92 55.73 0.23
CA ALA D 141 55.63 56.35 0.54
C ALA D 141 54.49 55.44 0.11
N ALA D 142 53.39 55.53 0.84
CA ALA D 142 52.16 54.87 0.48
C ALA D 142 51.15 55.91 0.00
N LEU D 143 50.39 55.54 -1.03
CA LEU D 143 49.28 56.38 -1.48
C LEU D 143 48.19 55.51 -2.06
N GLY D 144 47.04 56.11 -2.34
CA GLY D 144 45.92 55.30 -2.83
C GLY D 144 44.68 56.08 -3.17
N CYS D 145 43.63 55.30 -3.43
CA CYS D 145 42.29 55.83 -3.71
C CYS D 145 41.30 55.10 -2.83
N LEU D 146 40.48 55.86 -2.10
CA LEU D 146 39.40 55.27 -1.33
C LEU D 146 38.16 55.32 -2.27
N VAL D 147 37.68 54.12 -2.63
CA VAL D 147 36.59 53.95 -3.56
C VAL D 147 35.36 53.52 -2.77
N LYS D 148 34.46 54.47 -2.55
CA LYS D 148 33.41 54.36 -1.53
C LYS D 148 31.95 54.54 -2.03
N ASP D 149 31.05 53.73 -1.44
CA ASP D 149 29.58 53.84 -1.61
C ASP D 149 29.09 53.61 -3.05
N TYR D 150 29.42 52.39 -3.48
CA TYR D 150 29.03 51.89 -4.78
C TYR D 150 28.19 50.63 -4.61
N PHE D 151 27.47 50.29 -5.67
CA PHE D 151 26.60 49.10 -5.68
C PHE D 151 26.21 48.76 -7.14
N PRO D 152 26.13 47.47 -7.50
CA PRO D 152 26.67 46.34 -6.71
C PRO D 152 28.15 46.19 -6.99
N GLU D 153 28.75 45.17 -6.42
CA GLU D 153 30.09 44.81 -6.83
C GLU D 153 30.07 44.49 -8.33
N PRO D 154 31.19 44.53 -9.04
CA PRO D 154 32.49 44.92 -8.54
C PRO D 154 32.94 46.29 -9.07
N VAL D 155 34.09 46.72 -8.54
CA VAL D 155 34.89 47.82 -9.06
C VAL D 155 36.22 47.28 -9.58
N THR D 156 36.74 47.94 -10.62
CA THR D 156 38.06 47.66 -11.19
C THR D 156 38.93 48.89 -10.84
N VAL D 157 40.21 48.69 -10.52
CA VAL D 157 41.14 49.82 -10.26
C VAL D 157 42.48 49.51 -10.91
N SER D 158 42.91 50.37 -11.83
CA SER D 158 44.30 50.35 -12.26
C SER D 158 44.95 51.66 -11.83
N TRP D 159 46.24 51.75 -12.09
CA TRP D 159 47.04 52.91 -11.75
C TRP D 159 47.81 53.30 -13.01
N ASN D 160 47.78 54.61 -13.32
CA ASN D 160 48.42 55.19 -14.50
C ASN D 160 48.15 54.38 -15.76
N SER D 161 46.89 54.10 -15.99
CA SER D 161 46.41 53.30 -17.14
C SER D 161 47.10 51.93 -17.30
N GLY D 162 47.37 51.29 -16.16
CA GLY D 162 48.07 49.99 -16.11
C GLY D 162 49.58 50.06 -16.27
N ALA D 163 50.15 51.27 -16.40
CA ALA D 163 51.60 51.44 -16.43
C ALA D 163 52.19 51.14 -15.04
N LEU D 164 51.43 51.44 -13.99
CA LEU D 164 51.84 51.21 -12.59
C LEU D 164 51.11 49.99 -12.04
N THR D 165 51.82 48.86 -11.95
CA THR D 165 51.27 47.63 -11.31
C THR D 165 52.04 47.17 -10.07
N SER D 166 53.34 47.45 -10.05
CA SER D 166 54.23 47.03 -8.97
C SER D 166 53.81 47.69 -7.62
N GLY D 167 53.69 46.84 -6.60
CA GLY D 167 53.29 47.28 -5.27
C GLY D 167 51.84 47.71 -5.11
N VAL D 168 50.99 47.44 -6.08
CA VAL D 168 49.57 47.79 -5.95
C VAL D 168 48.83 46.75 -5.08
N HIS D 169 47.98 47.20 -4.14
CA HIS D 169 47.08 46.31 -3.41
C HIS D 169 45.68 46.89 -3.43
N THR D 170 44.75 46.14 -4.03
CA THR D 170 43.35 46.54 -4.01
C THR D 170 42.61 45.61 -3.08
N PHE D 171 42.03 46.17 -2.03
CA PHE D 171 41.43 45.36 -1.02
C PHE D 171 40.10 44.80 -1.49
N PRO D 172 39.73 43.62 -1.01
CA PRO D 172 38.32 43.20 -1.16
C PRO D 172 37.41 44.24 -0.50
N ALA D 173 36.26 44.43 -1.13
CA ALA D 173 35.26 45.35 -0.65
C ALA D 173 34.74 44.94 0.72
N VAL D 174 34.26 45.92 1.46
CA VAL D 174 33.55 45.68 2.69
C VAL D 174 32.14 46.19 2.42
N LEU D 175 31.15 45.41 2.82
CA LEU D 175 29.76 45.88 2.80
C LEU D 175 29.60 46.68 4.11
N GLN D 176 29.25 47.96 3.98
CA GLN D 176 29.14 48.85 5.12
C GLN D 176 27.76 48.70 5.70
N SER D 177 27.57 49.21 6.92
CA SER D 177 26.22 49.28 7.51
C SER D 177 25.21 50.05 6.62
N SER D 178 25.68 51.02 5.82
CA SER D 178 24.82 51.66 4.80
C SER D 178 24.14 50.72 3.80
N GLY D 179 24.64 49.50 3.66
CA GLY D 179 24.24 48.64 2.55
C GLY D 179 25.00 48.91 1.25
N LEU D 180 25.99 49.84 1.24
CA LEU D 180 26.92 49.96 0.09
C LEU D 180 28.37 49.53 0.40
N TYR D 181 29.08 49.27 -0.70
CA TYR D 181 30.45 48.75 -0.71
C TYR D 181 31.52 49.84 -0.75
N SER D 182 32.59 49.55 -0.01
CA SER D 182 33.78 50.39 -0.01
C SER D 182 35.03 49.53 -0.09
N LEU D 183 36.05 50.04 -0.80
CA LEU D 183 37.37 49.49 -0.80
C LEU D 183 38.42 50.59 -1.01
N SER D 184 39.64 50.36 -0.55
CA SER D 184 40.79 51.16 -1.00
C SER D 184 41.68 50.36 -1.95
N SER D 185 42.31 51.10 -2.87
CA SER D 185 43.41 50.60 -3.65
C SER D 185 44.59 51.49 -3.29
N VAL D 186 45.73 50.85 -3.06
CA VAL D 186 46.84 51.44 -2.36
C VAL D 186 48.04 51.04 -3.21
N VAL D 187 49.09 51.85 -3.17
CA VAL D 187 50.32 51.51 -3.82
C VAL D 187 51.44 52.13 -2.97
N THR D 188 52.58 51.48 -2.95
CA THR D 188 53.79 52.07 -2.36
C THR D 188 54.75 52.45 -3.49
N VAL D 189 55.45 53.56 -3.31
CA VAL D 189 56.38 54.05 -4.31
C VAL D 189 57.53 54.75 -3.60
N PRO D 190 58.62 55.02 -4.32
CA PRO D 190 59.69 55.79 -3.69
C PRO D 190 59.24 57.20 -3.26
N SER D 191 59.50 57.57 -1.98
CA SER D 191 59.27 58.94 -1.48
C SER D 191 59.82 60.01 -2.40
N SER D 192 60.99 59.74 -2.98
CA SER D 192 61.65 60.70 -3.88
C SER D 192 60.89 60.95 -5.20
N SER D 193 60.01 60.04 -5.58
CA SER D 193 59.17 60.20 -6.78
C SER D 193 57.98 61.17 -6.61
N LEU D 194 57.61 61.50 -5.37
CA LEU D 194 56.37 62.27 -5.12
C LEU D 194 56.30 63.67 -5.71
N GLY D 195 57.42 64.31 -5.98
CA GLY D 195 57.40 65.61 -6.63
C GLY D 195 57.38 65.54 -8.15
N THR D 196 57.71 64.37 -8.72
CA THR D 196 57.97 64.24 -10.15
C THR D 196 57.05 63.24 -10.88
N GLN D 197 56.86 62.02 -10.37
CA GLN D 197 55.87 61.11 -10.97
C GLN D 197 54.45 61.57 -10.60
N THR D 198 53.51 61.40 -11.52
CA THR D 198 52.10 61.64 -11.24
C THR D 198 51.41 60.29 -11.11
N TYR D 199 50.53 60.17 -10.12
CA TYR D 199 49.85 58.93 -9.80
C TYR D 199 48.36 59.16 -9.97
N ILE D 200 47.75 58.39 -10.87
CA ILE D 200 46.34 58.49 -11.21
C ILE D 200 45.72 57.12 -11.02
N CYS D 201 44.74 56.99 -10.14
CA CYS D 201 43.91 55.78 -10.09
C CYS D 201 42.79 55.85 -11.14
N ASN D 202 42.64 54.77 -11.92
CA ASN D 202 41.62 54.64 -12.94
C ASN D 202 40.59 53.66 -12.38
N VAL D 203 39.47 54.18 -11.88
CA VAL D 203 38.39 53.41 -11.27
C VAL D 203 37.31 53.14 -12.36
N ASN D 204 36.88 51.89 -12.53
CA ASN D 204 35.79 51.56 -13.49
C ASN D 204 34.77 50.67 -12.77
N HIS D 205 33.51 51.08 -12.89
CA HIS D 205 32.38 50.39 -12.30
C HIS D 205 31.40 50.05 -13.45
N LYS D 206 31.65 48.88 -14.06
CA LYS D 206 30.96 48.43 -15.26
C LYS D 206 29.43 48.44 -15.12
N PRO D 207 28.87 48.04 -13.93
CA PRO D 207 27.39 48.07 -13.74
C PRO D 207 26.69 49.45 -13.88
N SER D 208 27.37 50.51 -13.46
CA SER D 208 26.84 51.88 -13.59
C SER D 208 27.52 52.71 -14.71
N ASN D 209 28.35 52.06 -15.54
CA ASN D 209 29.20 52.75 -16.52
C ASN D 209 30.02 53.95 -15.97
N THR D 210 30.41 53.89 -14.69
CA THR D 210 31.15 55.00 -14.06
C THR D 210 32.63 54.70 -14.27
N LYS D 211 33.36 55.66 -14.86
CA LYS D 211 34.82 55.61 -14.87
C LYS D 211 35.33 56.93 -14.27
N VAL D 212 36.02 56.86 -13.12
CA VAL D 212 36.64 58.06 -12.50
C VAL D 212 38.16 57.92 -12.51
N ASP D 213 38.86 58.95 -13.00
CA ASP D 213 40.31 59.04 -12.84
C ASP D 213 40.58 60.09 -11.76
N LYS D 214 41.35 59.76 -10.73
CA LYS D 214 41.62 60.73 -9.67
C LYS D 214 43.14 60.84 -9.52
N LYS D 215 43.65 62.07 -9.66
CA LYS D 215 45.06 62.34 -9.38
C LYS D 215 45.21 62.29 -7.86
N VAL D 216 46.19 61.53 -7.39
CA VAL D 216 46.54 61.50 -5.96
C VAL D 216 47.82 62.34 -5.81
N GLU D 217 47.77 63.41 -5.03
CA GLU D 217 48.87 64.40 -4.94
C GLU D 217 49.22 64.55 -3.45
N PRO D 218 50.49 64.88 -3.14
CA PRO D 218 50.78 65.23 -1.74
C PRO D 218 50.12 66.51 -1.25
N ASP E 1 21.98 16.91 13.16
CA ASP E 1 22.83 16.91 11.93
C ASP E 1 24.28 16.70 12.36
N ILE E 2 25.07 16.12 11.49
CA ILE E 2 26.44 15.75 11.79
C ILE E 2 27.29 17.00 11.63
N VAL E 3 28.22 17.20 12.55
CA VAL E 3 29.11 18.33 12.54
C VAL E 3 30.51 17.77 12.15
N LEU E 4 31.12 18.39 11.16
CA LEU E 4 32.47 18.03 10.75
C LEU E 4 33.45 19.17 11.11
N THR E 5 34.52 18.83 11.84
CA THR E 5 35.46 19.83 12.34
C THR E 5 36.78 19.52 11.68
N GLN E 6 37.25 20.45 10.89
CA GLN E 6 38.53 20.30 10.18
C GLN E 6 39.69 20.92 10.93
N SER E 7 40.87 20.31 10.85
CA SER E 7 42.07 20.83 11.45
C SER E 7 43.25 20.68 10.53
N PRO E 8 44.22 21.61 10.59
CA PRO E 8 44.09 22.91 11.24
C PRO E 8 43.16 23.82 10.40
N ALA E 9 42.82 25.01 10.89
CA ALA E 9 42.04 26.00 10.09
C ALA E 9 42.85 26.52 8.87
N THR E 10 44.14 26.76 9.09
CA THR E 10 45.07 27.13 8.04
C THR E 10 46.32 26.29 8.20
N LEU E 11 46.78 25.73 7.08
CA LEU E 11 47.99 24.94 7.04
C LEU E 11 48.95 25.69 6.10
N SER E 12 50.12 26.06 6.63
CA SER E 12 51.13 26.77 5.84
C SER E 12 52.20 25.79 5.37
N VAL E 13 52.39 25.64 4.06
CA VAL E 13 53.39 24.74 3.47
C VAL E 13 54.04 25.30 2.25
N SER E 14 55.24 24.80 1.88
CA SER E 14 55.86 25.23 0.60
CA SER E 14 55.88 25.22 0.62
C SER E 14 55.54 24.24 -0.50
N PRO E 15 55.65 24.69 -1.75
CA PRO E 15 55.70 23.66 -2.76
C PRO E 15 56.80 22.72 -2.43
N GLY E 16 56.60 21.47 -2.76
CA GLY E 16 57.53 20.42 -2.46
C GLY E 16 57.48 19.89 -1.04
N GLU E 17 56.51 20.33 -0.26
CA GLU E 17 56.30 19.84 1.10
C GLU E 17 55.02 19.01 1.15
N ARG E 18 55.00 18.03 2.01
CA ARG E 18 53.84 17.20 2.25
C ARG E 18 52.82 17.96 3.09
N ALA E 19 51.53 17.82 2.77
CA ALA E 19 50.47 18.47 3.55
C ALA E 19 49.49 17.41 3.96
N THR E 20 49.15 17.37 5.25
CA THR E 20 48.07 16.54 5.72
C THR E 20 47.09 17.38 6.53
N ILE E 21 45.81 17.21 6.24
CA ILE E 21 44.76 17.93 6.90
C ILE E 21 43.74 16.89 7.39
N SER E 22 43.03 17.22 8.46
CA SER E 22 42.17 16.21 9.05
C SER E 22 40.73 16.70 9.20
N CYS E 23 39.81 15.76 9.41
CA CYS E 23 38.38 16.05 9.47
C CYS E 23 37.79 15.10 10.49
N ARG E 24 37.19 15.65 11.53
CA ARG E 24 36.63 14.81 12.60
C ARG E 24 35.11 15.00 12.58
N ALA E 25 34.41 13.88 12.52
CA ALA E 25 32.95 13.87 12.47
C ALA E 25 32.40 13.67 13.88
N SER E 26 31.24 14.27 14.17
CA SER E 26 30.59 14.16 15.48
C SER E 26 30.04 12.74 15.76
N GLN E 27 29.95 11.89 14.74
CA GLN E 27 29.63 10.48 14.92
C GLN E 27 30.32 9.70 13.80
N ARG E 28 30.41 8.38 13.95
CA ARG E 28 31.07 7.55 12.96
CA ARG E 28 31.05 7.52 12.95
C ARG E 28 30.29 7.61 11.62
N VAL E 29 31.04 7.64 10.52
CA VAL E 29 30.41 7.64 9.21
C VAL E 29 30.95 6.51 8.30
N SER E 30 31.37 5.41 8.94
CA SER E 30 31.85 4.24 8.27
C SER E 30 31.06 3.05 8.70
N SER E 31 30.90 2.12 7.77
CA SER E 31 30.30 0.82 8.09
C SER E 31 31.16 -0.32 7.53
N SER E 32 30.58 -1.46 7.15
CA SER E 32 31.37 -2.65 6.76
C SER E 32 32.26 -2.45 5.57
N THR E 33 31.76 -1.76 4.56
CA THR E 33 32.52 -1.72 3.28
C THR E 33 33.01 -0.34 2.96
N TYR E 34 32.19 0.69 3.24
CA TYR E 34 32.49 2.06 2.87
C TYR E 34 32.51 3.07 4.02
N SER E 35 33.30 4.11 3.80
CA SER E 35 33.25 5.31 4.62
C SER E 35 32.61 6.39 3.79
N TYR E 36 31.57 7.07 4.31
CA TYR E 36 30.83 8.08 3.58
C TYR E 36 31.37 9.49 3.82
N MET E 37 32.62 9.70 3.42
CA MET E 37 33.31 10.99 3.60
C MET E 37 34.03 11.27 2.29
N HIS E 38 33.94 12.51 1.87
CA HIS E 38 34.47 12.98 0.56
C HIS E 38 35.22 14.27 0.78
N TRP E 39 36.18 14.56 -0.14
CA TRP E 39 36.99 15.76 -0.02
C TRP E 39 36.96 16.59 -1.30
N TYR E 40 36.97 17.92 -1.12
CA TYR E 40 36.90 18.91 -2.23
C TYR E 40 37.95 19.98 -2.04
N GLN E 41 38.34 20.56 -3.17
CA GLN E 41 39.20 21.74 -3.25
C GLN E 41 38.40 22.90 -3.79
N GLN E 42 38.57 24.08 -3.23
CA GLN E 42 37.89 25.26 -3.79
C GLN E 42 38.84 26.45 -3.80
N LYS E 43 38.89 27.12 -4.92
CA LYS E 43 39.61 28.40 -5.02
C LYS E 43 38.64 29.55 -5.07
N PRO E 44 39.08 30.77 -4.65
CA PRO E 44 38.17 31.93 -4.67
C PRO E 44 37.51 32.11 -6.03
N GLY E 45 36.20 32.34 -6.03
CA GLY E 45 35.50 32.60 -7.29
C GLY E 45 35.16 31.35 -8.11
N GLN E 46 35.51 30.16 -7.66
CA GLN E 46 35.23 28.96 -8.46
C GLN E 46 34.43 27.97 -7.59
N PRO E 47 33.69 27.05 -8.23
CA PRO E 47 33.04 26.01 -7.48
C PRO E 47 34.02 25.05 -6.84
N PRO E 48 33.61 24.36 -5.77
CA PRO E 48 34.41 23.28 -5.27
C PRO E 48 34.61 22.22 -6.37
N LYS E 49 35.66 21.43 -6.25
CA LYS E 49 35.99 20.35 -7.15
C LYS E 49 36.22 19.09 -6.33
N LEU E 50 35.58 17.99 -6.75
CA LEU E 50 35.73 16.72 -6.03
C LEU E 50 37.13 16.13 -6.20
N LEU E 51 37.76 15.74 -5.11
CA LEU E 51 39.08 15.15 -5.16
C LEU E 51 39.12 13.68 -4.80
N ILE E 52 38.44 13.35 -3.71
CA ILE E 52 38.52 12.03 -3.14
C ILE E 52 37.12 11.62 -2.70
N LYS E 53 36.74 10.41 -3.05
CA LYS E 53 35.40 9.93 -2.68
C LYS E 53 35.49 8.66 -1.86
N TYR E 54 34.55 8.51 -0.94
CA TYR E 54 34.48 7.40 0.01
C TYR E 54 35.83 7.21 0.69
N ALA E 55 36.31 8.31 1.26
CA ALA E 55 37.54 8.37 2.09
C ALA E 55 38.86 8.23 1.36
N SER E 56 38.94 7.31 0.40
CA SER E 56 40.22 6.95 -0.18
C SER E 56 40.30 6.75 -1.69
N ASN E 57 39.19 7.00 -2.42
CA ASN E 57 39.20 6.78 -3.85
C ASN E 57 39.44 8.09 -4.55
N LEU E 58 40.53 8.13 -5.30
CA LEU E 58 40.88 9.29 -6.10
C LEU E 58 39.85 9.48 -7.20
N GLU E 59 39.23 10.66 -7.28
CA GLU E 59 38.30 10.91 -8.35
C GLU E 59 39.03 10.88 -9.71
N SER E 60 38.34 10.46 -10.73
CA SER E 60 38.87 10.42 -12.08
C SER E 60 39.45 11.79 -12.52
N GLY E 61 40.65 11.78 -13.09
CA GLY E 61 41.33 13.01 -13.46
C GLY E 61 42.08 13.73 -12.36
N VAL E 62 41.93 13.35 -11.11
CA VAL E 62 42.63 14.08 -10.03
C VAL E 62 44.07 13.57 -9.95
N PRO E 63 45.01 14.49 -9.77
CA PRO E 63 46.40 14.01 -9.69
C PRO E 63 46.72 13.03 -8.54
N ALA E 64 47.66 12.16 -8.82
CA ALA E 64 48.11 11.07 -7.95
C ALA E 64 48.70 11.50 -6.61
N ARG E 65 49.13 12.76 -6.52
CA ARG E 65 49.68 13.25 -5.27
C ARG E 65 48.60 13.43 -4.17
N PHE E 66 47.32 13.43 -4.56
CA PHE E 66 46.23 13.45 -3.60
C PHE E 66 45.87 12.05 -3.12
N SER E 67 45.65 11.92 -1.82
CA SER E 67 45.22 10.62 -1.22
C SER E 67 44.42 10.93 0.01
N GLY E 68 43.59 9.98 0.41
CA GLY E 68 42.79 10.14 1.62
C GLY E 68 42.80 8.84 2.40
N SER E 69 42.62 8.97 3.70
CA SER E 69 42.58 7.82 4.57
C SER E 69 41.66 8.11 5.75
N GLY E 70 41.46 7.11 6.56
CA GLY E 70 40.69 7.22 7.76
C GLY E 70 39.51 6.31 7.86
N SER E 71 38.88 6.33 9.04
CA SER E 71 37.67 5.55 9.30
C SER E 71 36.98 6.06 10.57
N GLY E 72 35.73 5.67 10.69
CA GLY E 72 34.94 5.99 11.85
C GLY E 72 34.63 7.48 11.93
N THR E 73 35.24 8.15 12.90
CA THR E 73 35.09 9.59 13.05
C THR E 73 36.20 10.43 12.46
N ASP E 74 37.27 9.83 11.92
CA ASP E 74 38.50 10.61 11.66
C ASP E 74 39.08 10.31 10.32
N PHE E 75 39.23 11.38 9.51
CA PHE E 75 39.67 11.25 8.13
C PHE E 75 40.78 12.24 7.85
N THR E 76 41.65 11.88 6.93
CA THR E 76 42.73 12.79 6.53
C THR E 76 42.88 12.82 5.02
N LEU E 77 43.32 13.98 4.48
CA LEU E 77 43.65 14.16 3.10
C LEU E 77 45.12 14.52 3.12
N THR E 78 45.89 13.95 2.22
CA THR E 78 47.33 14.20 2.14
C THR E 78 47.62 14.59 0.72
N ILE E 79 48.42 15.64 0.53
CA ILE E 79 49.11 15.95 -0.73
C ILE E 79 50.58 15.59 -0.55
N SER E 80 51.09 14.65 -1.35
CA SER E 80 52.42 14.04 -1.05
C SER E 80 53.49 15.07 -1.24
N SER E 81 53.31 15.89 -2.24
CA SER E 81 54.23 16.98 -2.52
C SER E 81 53.42 18.08 -3.15
N VAL E 82 53.31 19.19 -2.45
CA VAL E 82 52.47 20.29 -2.87
C VAL E 82 52.99 20.95 -4.13
N GLU E 83 52.07 21.33 -5.01
CA GLU E 83 52.43 22.13 -6.20
C GLU E 83 51.73 23.47 -6.11
N PRO E 84 52.21 24.48 -6.83
CA PRO E 84 51.58 25.80 -6.70
C PRO E 84 50.06 25.83 -6.92
N GLU E 85 49.52 24.96 -7.78
CA GLU E 85 48.08 24.92 -8.08
C GLU E 85 47.29 24.41 -6.88
N ASP E 86 47.94 23.84 -5.86
CA ASP E 86 47.20 23.23 -4.77
C ASP E 86 46.80 24.21 -3.68
N PHE E 87 47.33 25.44 -3.73
CA PHE E 87 47.00 26.43 -2.70
C PHE E 87 45.54 26.83 -2.91
N ALA E 88 44.72 26.57 -1.89
CA ALA E 88 43.26 26.60 -2.01
C ALA E 88 42.66 26.23 -0.66
N THR E 89 41.34 26.23 -0.56
CA THR E 89 40.73 25.73 0.64
C THR E 89 40.19 24.32 0.38
N TYR E 90 40.26 23.47 1.37
CA TYR E 90 39.81 22.09 1.26
C TYR E 90 38.68 21.80 2.26
N TYR E 91 37.64 21.08 1.79
CA TYR E 91 36.49 20.72 2.61
C TYR E 91 36.30 19.24 2.62
N CYS E 92 35.90 18.72 3.79
CA CYS E 92 35.37 17.36 3.84
C CYS E 92 33.85 17.46 3.86
N GLN E 93 33.19 16.40 3.43
CA GLN E 93 31.72 16.31 3.37
C GLN E 93 31.30 14.89 3.61
N HIS E 94 30.29 14.66 4.47
CA HIS E 94 29.79 13.31 4.67
C HIS E 94 28.53 13.10 3.86
N SER E 95 28.26 11.82 3.56
CA SER E 95 27.02 11.38 2.97
C SER E 95 26.39 10.23 3.76
N TRP E 96 26.51 10.28 5.08
CA TRP E 96 25.94 9.23 5.97
C TRP E 96 24.45 9.25 6.09
N GLU E 97 23.87 10.46 6.05
CA GLU E 97 22.44 10.69 6.36
C GLU E 97 22.05 12.05 5.75
C DV7 E 98 20.39 14.61 6.56
O DV7 E 98 20.05 14.18 7.66
CA DV7 E 98 20.29 13.70 5.36
N DV7 E 98 20.75 12.37 5.78
CB DV7 E 98 18.82 13.59 4.95
CG DV7 E 98 17.99 14.82 4.53
CD DV7 E 98 17.33 15.59 5.66
CE2 DV7 E 98 16.31 15.11 6.55
CZ3 DV7 E 98 15.72 13.86 6.53
CH2 DV7 E 98 14.75 13.51 7.43
CT DV7 E 98 14.30 14.41 8.39
OI DV7 E 98 13.36 14.11 9.30
CH1 DV7 E 98 14.86 15.65 8.45
CZ2 DV7 E 98 15.82 15.96 7.55
OH1 DV7 E 98 16.30 17.22 7.68
CZ1 DV7 E 98 17.27 17.68 6.86
CE1 DV7 E 98 17.77 16.82 5.83
OH2 DV7 E 98 17.61 18.83 7.09
N PRO E 99 20.81 15.87 6.42
CA PRO E 99 21.44 16.44 5.26
C PRO E 99 22.93 16.16 5.20
N PRO E 100 23.49 16.04 3.99
CA PRO E 100 24.93 16.08 3.95
C PRO E 100 25.42 17.43 4.47
N THR E 101 26.54 17.41 5.13
CA THR E 101 27.14 18.61 5.70
C THR E 101 28.62 18.60 5.38
N PHE E 102 29.21 19.79 5.43
CA PHE E 102 30.60 19.99 5.09
C PHE E 102 31.31 20.52 6.33
N GLY E 103 32.60 20.26 6.38
CA GLY E 103 33.45 20.91 7.37
C GLY E 103 33.60 22.38 7.08
N GLY E 104 34.19 23.08 8.04
CA GLY E 104 34.36 24.55 7.91
C GLY E 104 35.57 24.90 7.01
N GLY E 105 36.35 23.90 6.61
CA GLY E 105 37.41 24.07 5.63
C GLY E 105 38.80 24.28 6.23
N THR E 106 39.84 23.89 5.46
CA THR E 106 41.23 24.15 5.81
C THR E 106 41.84 24.90 4.64
N LYS E 107 42.39 26.09 4.93
CA LYS E 107 43.09 26.86 3.89
C LYS E 107 44.54 26.40 3.81
N LEU E 108 44.98 25.96 2.65
CA LEU E 108 46.39 25.63 2.45
C LEU E 108 47.00 26.93 1.91
N GLU E 109 47.92 27.48 2.69
CA GLU E 109 48.53 28.78 2.46
C GLU E 109 50.02 28.60 2.18
N ILE E 110 50.58 29.55 1.44
CA ILE E 110 51.97 29.48 1.04
C ILE E 110 52.86 29.93 2.20
N LYS E 111 53.65 28.99 2.70
CA LYS E 111 54.60 29.29 3.75
C LYS E 111 55.73 30.20 3.24
N ARG E 112 56.13 31.15 4.08
CA ARG E 112 57.31 31.96 3.79
C ARG E 112 57.79 32.46 5.15
N THR E 113 58.89 33.16 5.15
CA THR E 113 59.46 33.66 6.40
C THR E 113 58.63 34.85 6.93
N VAL E 114 58.76 35.08 8.23
CA VAL E 114 58.09 36.18 8.87
C VAL E 114 58.55 37.50 8.24
N ALA E 115 57.59 38.39 8.03
CA ALA E 115 57.88 39.71 7.53
C ALA E 115 57.02 40.73 8.31
N ALA E 116 57.67 41.78 8.85
CA ALA E 116 56.91 42.80 9.57
C ALA E 116 56.19 43.70 8.56
N PRO E 117 55.00 44.18 8.91
CA PRO E 117 54.32 45.20 8.10
C PRO E 117 55.01 46.54 8.12
N SER E 118 54.96 47.23 6.99
CA SER E 118 55.16 48.68 6.92
C SER E 118 53.79 49.29 7.21
N VAL E 119 53.73 50.23 8.14
CA VAL E 119 52.45 50.76 8.61
C VAL E 119 52.33 52.20 8.15
N PHE E 120 51.21 52.55 7.55
CA PHE E 120 50.91 53.94 7.10
C PHE E 120 49.51 54.35 7.53
N ILE E 121 49.36 55.64 7.84
CA ILE E 121 48.06 56.19 8.23
C ILE E 121 47.63 57.32 7.29
N PHE E 122 46.35 57.34 6.89
CA PHE E 122 45.85 58.38 5.97
C PHE E 122 44.72 59.12 6.62
N PRO E 123 44.90 60.45 6.72
CA PRO E 123 43.78 61.28 7.12
C PRO E 123 42.62 61.23 6.12
N PRO E 124 41.39 61.56 6.55
CA PRO E 124 40.34 61.75 5.54
C PRO E 124 40.70 62.88 4.60
N SER E 125 40.45 62.73 3.30
CA SER E 125 40.70 63.82 2.34
C SER E 125 39.78 65.00 2.63
N ASP E 126 40.19 66.20 2.21
CA ASP E 126 39.31 67.37 2.34
C ASP E 126 38.04 67.16 1.50
N GLU E 127 38.21 66.64 0.27
CA GLU E 127 37.07 66.36 -0.64
C GLU E 127 35.95 65.57 0.06
N GLN E 128 36.35 64.55 0.80
CA GLN E 128 35.39 63.70 1.54
C GLN E 128 34.80 64.37 2.78
N LEU E 129 35.66 65.03 3.56
CA LEU E 129 35.30 65.57 4.86
C LEU E 129 34.23 66.68 4.76
N LYS E 130 34.30 67.49 3.70
CA LYS E 130 33.26 68.50 3.48
C LYS E 130 31.92 67.94 2.95
N SER E 131 31.88 66.67 2.52
CA SER E 131 30.59 65.98 2.25
C SER E 131 30.02 65.23 3.48
N GLY E 132 30.61 65.45 4.66
CA GLY E 132 30.00 65.01 5.92
C GLY E 132 30.46 63.65 6.43
N THR E 133 31.55 63.10 5.87
CA THR E 133 32.09 61.80 6.32
C THR E 133 33.63 61.83 6.38
N ALA E 134 34.17 61.13 7.38
CA ALA E 134 35.63 61.04 7.62
C ALA E 134 36.08 59.60 7.81
N SER E 135 36.64 59.03 6.74
CA SER E 135 37.34 57.74 6.80
C SER E 135 38.81 57.98 7.12
N VAL E 136 39.31 57.34 8.18
CA VAL E 136 40.77 57.30 8.44
C VAL E 136 41.28 55.89 8.12
N VAL E 137 42.30 55.78 7.25
CA VAL E 137 42.77 54.48 6.78
C VAL E 137 44.16 54.20 7.32
N CYS E 138 44.29 53.02 7.90
CA CYS E 138 45.56 52.51 8.35
C CYS E 138 45.89 51.31 7.45
N LEU E 139 47.08 51.33 6.87
CA LEU E 139 47.57 50.31 5.97
C LEU E 139 48.66 49.53 6.70
N LEU E 140 48.54 48.22 6.71
CA LEU E 140 49.67 47.33 7.05
C LEU E 140 50.06 46.65 5.77
N ASN E 141 51.29 46.88 5.34
CA ASN E 141 51.71 46.48 4.03
C ASN E 141 52.76 45.38 4.01
N ASN E 142 52.45 44.32 3.24
CA ASN E 142 53.35 43.23 2.96
C ASN E 142 53.93 42.54 4.19
N PHE E 143 53.08 41.88 4.94
CA PHE E 143 53.48 41.20 6.17
C PHE E 143 53.11 39.72 6.11
N TYR E 144 53.71 38.97 7.01
CA TYR E 144 53.47 37.55 7.10
C TYR E 144 53.92 37.10 8.50
N PRO E 145 53.15 36.32 9.23
CA PRO E 145 51.91 35.68 8.80
C PRO E 145 50.71 36.63 8.91
N ARG E 146 49.55 36.10 8.56
CA ARG E 146 48.37 36.97 8.44
CA ARG E 146 48.29 36.83 8.47
C ARG E 146 47.86 37.54 9.75
N GLU E 147 48.16 36.92 10.90
CA GLU E 147 47.63 37.41 12.16
C GLU E 147 48.25 38.76 12.56
N ALA E 148 47.42 39.74 12.81
CA ALA E 148 47.82 41.11 13.15
C ALA E 148 46.71 41.76 13.96
N LYS E 149 47.07 42.51 15.01
CA LYS E 149 46.08 43.25 15.80
C LYS E 149 46.27 44.73 15.43
N VAL E 150 45.17 45.37 15.02
CA VAL E 150 45.19 46.78 14.70
C VAL E 150 44.19 47.42 15.63
N GLN E 151 44.67 48.36 16.43
CA GLN E 151 43.87 49.06 17.45
C GLN E 151 43.83 50.56 17.10
N TRP E 152 42.66 51.18 17.23
CA TRP E 152 42.52 52.60 16.95
C TRP E 152 42.41 53.32 18.27
N LYS E 153 43.14 54.43 18.38
CA LYS E 153 43.08 55.32 19.55
C LYS E 153 42.80 56.75 19.07
N VAL E 154 41.83 57.40 19.70
CA VAL E 154 41.51 58.79 19.41
C VAL E 154 41.68 59.50 20.76
N ASP E 155 42.67 60.39 20.83
CA ASP E 155 43.11 61.06 22.07
C ASP E 155 43.45 60.10 23.24
N ASN E 156 44.16 59.03 22.93
CA ASN E 156 44.53 57.97 23.88
C ASN E 156 43.37 57.05 24.31
N ALA E 157 42.21 57.17 23.63
CA ALA E 157 40.99 56.38 23.90
C ALA E 157 40.74 55.28 22.83
N LEU E 158 40.76 54.00 23.24
CA LEU E 158 40.55 52.82 22.36
C LEU E 158 39.18 52.85 21.69
N GLN E 159 39.16 52.80 20.36
CA GLN E 159 37.92 52.79 19.58
C GLN E 159 37.38 51.38 19.39
N SER E 160 36.09 51.29 19.08
CA SER E 160 35.37 50.00 19.01
C SER E 160 34.07 50.11 18.23
N GLY E 161 33.80 49.14 17.36
CA GLY E 161 32.59 49.12 16.54
C GLY E 161 32.57 50.05 15.32
N ASN E 162 33.61 50.88 15.12
CA ASN E 162 33.58 51.93 14.08
C ASN E 162 34.74 51.80 13.07
N SER E 163 35.37 50.62 13.04
CA SER E 163 36.38 50.27 12.05
C SER E 163 36.03 48.92 11.44
N GLN E 164 36.37 48.74 10.16
CA GLN E 164 36.33 47.42 9.52
C GLN E 164 37.70 47.16 8.89
N GLU E 165 38.04 45.90 8.80
CA GLU E 165 39.28 45.43 8.21
C GLU E 165 39.01 44.69 6.90
N SER E 166 39.90 44.84 5.94
CA SER E 166 39.93 44.03 4.75
C SER E 166 41.35 43.51 4.60
N VAL E 167 41.50 42.29 4.10
CA VAL E 167 42.81 41.69 3.91
CA VAL E 167 42.84 41.71 3.89
C VAL E 167 42.92 41.20 2.47
N THR E 168 44.07 41.42 1.81
CA THR E 168 44.32 40.83 0.52
C THR E 168 44.62 39.35 0.64
N GLU E 169 44.51 38.64 -0.48
CA GLU E 169 45.04 37.28 -0.60
C GLU E 169 46.58 37.37 -0.74
N GLN E 170 47.26 36.26 -0.54
CA GLN E 170 48.71 36.27 -0.60
C GLN E 170 49.21 36.84 -1.92
N ASP E 171 50.14 37.78 -1.84
CA ASP E 171 50.69 38.39 -3.04
C ASP E 171 51.40 37.36 -3.97
N SER E 172 51.17 37.45 -5.28
CA SER E 172 51.71 36.47 -6.23
C SER E 172 53.22 36.43 -6.27
N LYS E 173 53.88 37.53 -6.00
CA LYS E 173 55.35 37.56 -6.06
C LYS E 173 56.03 37.24 -4.73
N ASP E 174 55.58 37.83 -3.62
CA ASP E 174 56.28 37.64 -2.31
C ASP E 174 55.49 36.90 -1.22
N SER E 175 54.26 36.50 -1.54
CA SER E 175 53.42 35.72 -0.65
C SER E 175 53.03 36.40 0.67
N THR E 176 53.12 37.72 0.74
CA THR E 176 52.69 38.43 1.92
C THR E 176 51.21 38.82 1.87
N TYR E 177 50.72 39.29 3.00
CA TYR E 177 49.38 39.88 3.09
C TYR E 177 49.53 41.38 3.22
N SER E 178 48.48 42.09 2.89
CA SER E 178 48.35 43.48 3.34
C SER E 178 46.96 43.64 3.89
N LEU E 179 46.80 44.62 4.77
CA LEU E 179 45.57 44.82 5.50
C LEU E 179 45.24 46.30 5.57
N SER E 180 43.98 46.62 5.34
CA SER E 180 43.51 47.97 5.58
C SER E 180 42.59 47.92 6.80
N SER E 181 42.76 48.83 7.77
CA SER E 181 41.72 49.09 8.77
C SER E 181 41.21 50.51 8.54
N THR E 182 39.89 50.63 8.31
CA THR E 182 39.24 51.88 7.96
C THR E 182 38.31 52.29 9.08
N LEU E 183 38.63 53.38 9.78
CA LEU E 183 37.82 53.92 10.86
C LEU E 183 36.88 55.00 10.33
N THR E 184 35.57 54.82 10.42
CA THR E 184 34.63 55.77 9.83
C THR E 184 33.94 56.56 10.95
N LEU E 185 33.78 57.87 10.69
CA LEU E 185 33.11 58.81 11.58
C LEU E 185 32.45 59.94 10.77
N SER E 186 31.46 60.59 11.36
CA SER E 186 30.89 61.79 10.78
C SER E 186 31.91 62.92 10.82
N LYS E 187 31.72 63.92 9.97
CA LYS E 187 32.49 65.18 10.03
C LYS E 187 32.57 65.74 11.47
N ALA E 188 31.44 65.74 12.18
CA ALA E 188 31.35 66.32 13.54
C ALA E 188 32.13 65.51 14.58
N ASP E 189 31.90 64.19 14.62
CA ASP E 189 32.70 63.26 15.43
C ASP E 189 34.22 63.50 15.31
N TYR E 190 34.67 63.62 14.07
CA TYR E 190 36.09 63.80 13.71
C TYR E 190 36.67 65.13 14.20
N GLU E 191 35.96 66.23 13.94
CA GLU E 191 36.39 67.59 14.37
C GLU E 191 36.45 67.78 15.90
N LYS E 192 35.80 66.93 16.70
CA LYS E 192 35.85 67.01 18.18
C LYS E 192 37.11 66.43 18.85
N HIS E 193 38.10 66.01 18.06
CA HIS E 193 39.30 65.30 18.55
C HIS E 193 40.56 65.66 17.74
N LYS E 194 41.72 65.50 18.36
CA LYS E 194 43.00 65.90 17.78
C LYS E 194 43.85 64.71 17.33
N VAL E 195 44.32 63.88 18.27
CA VAL E 195 45.30 62.81 17.91
C VAL E 195 44.60 61.46 17.53
N TYR E 196 44.81 61.03 16.27
CA TYR E 196 44.27 59.79 15.70
C TYR E 196 45.44 58.80 15.49
N ALA E 197 45.39 57.65 16.17
CA ALA E 197 46.49 56.68 16.21
C ALA E 197 46.02 55.29 15.80
N CYS E 198 46.82 54.64 14.97
CA CYS E 198 46.67 53.21 14.59
C CYS E 198 47.82 52.45 15.29
N GLU E 199 47.53 51.57 16.26
CA GLU E 199 48.55 50.75 16.90
C GLU E 199 48.52 49.32 16.30
N VAL E 200 49.69 48.88 15.86
CA VAL E 200 49.82 47.60 15.20
C VAL E 200 50.71 46.63 15.98
N THR E 201 50.17 45.44 16.21
CA THR E 201 50.87 44.40 16.91
C THR E 201 51.03 43.19 15.96
N HIS E 202 52.25 42.77 15.72
CA HIS E 202 52.54 41.68 14.78
C HIS E 202 53.86 41.06 15.17
N GLN E 203 53.99 39.73 15.04
CA GLN E 203 55.20 39.05 15.53
C GLN E 203 56.48 39.51 14.84
N GLY E 204 56.34 40.09 13.67
CA GLY E 204 57.46 40.63 12.93
C GLY E 204 58.06 41.86 13.53
N LEU E 205 57.30 42.55 14.38
CA LEU E 205 57.74 43.79 15.00
C LEU E 205 58.26 43.45 16.38
N SER E 206 59.32 44.11 16.86
CA SER E 206 59.83 43.76 18.20
C SER E 206 58.96 44.35 19.31
N SER E 207 58.26 45.43 19.00
CA SER E 207 57.19 45.91 19.86
C SER E 207 56.18 46.54 18.97
N PRO E 208 54.97 46.81 19.52
CA PRO E 208 53.92 47.40 18.73
C PRO E 208 54.32 48.73 18.13
N VAL E 209 53.91 48.99 16.92
CA VAL E 209 54.22 50.23 16.23
C VAL E 209 52.93 51.08 16.21
N THR E 210 53.05 52.36 16.50
CA THR E 210 51.92 53.30 16.40
C THR E 210 52.20 54.40 15.38
N LYS E 211 51.29 54.58 14.43
CA LYS E 211 51.37 55.67 13.46
C LYS E 211 50.19 56.60 13.72
N SER E 212 50.46 57.89 13.81
CA SER E 212 49.44 58.81 14.21
C SER E 212 49.57 60.15 13.52
N PHE E 213 48.47 60.88 13.46
CA PHE E 213 48.48 62.26 13.00
C PHE E 213 47.60 63.13 13.88
N ASN E 214 47.73 64.45 13.72
CA ASN E 214 46.86 65.44 14.41
C ASN E 214 45.83 66.07 13.49
N ARG E 215 44.60 66.23 14.00
CA ARG E 215 43.61 67.26 13.58
C ARG E 215 42.53 66.82 12.55
N GLN F 1 -21.07 27.48 24.52
CA GLN F 1 -21.63 26.18 24.96
C GLN F 1 -21.73 25.20 23.78
N VAL F 2 -21.27 23.98 23.96
CA VAL F 2 -21.45 22.93 22.99
C VAL F 2 -22.94 22.62 22.91
N GLN F 3 -23.49 22.59 21.70
CA GLN F 3 -24.89 22.32 21.51
C GLN F 3 -25.19 21.53 20.22
N LEU F 4 -26.07 20.54 20.34
CA LEU F 4 -26.57 19.76 19.22
C LEU F 4 -28.07 19.87 19.12
N VAL F 5 -28.58 20.29 17.97
CA VAL F 5 -30.02 20.50 17.81
C VAL F 5 -30.50 19.62 16.71
N GLN F 6 -31.42 18.74 17.05
CA GLN F 6 -31.98 17.81 16.09
C GLN F 6 -33.31 18.29 15.49
N SER F 7 -33.61 17.69 14.33
CA SER F 7 -34.83 17.96 13.59
C SER F 7 -36.09 17.36 14.28
N GLY F 8 -37.25 17.87 13.91
CA GLY F 8 -38.51 17.51 14.58
C GLY F 8 -38.99 16.09 14.33
N ALA F 9 -39.99 15.69 15.08
CA ALA F 9 -40.57 14.33 15.02
C ALA F 9 -41.05 13.91 13.62
N GLU F 10 -40.96 12.61 13.35
CA GLU F 10 -41.47 12.03 12.12
C GLU F 10 -42.52 10.98 12.41
N VAL F 11 -43.61 11.01 11.67
CA VAL F 11 -44.61 9.95 11.69
C VAL F 11 -44.72 9.38 10.29
N VAL F 12 -44.32 8.15 10.07
CA VAL F 12 -44.26 7.60 8.71
C VAL F 12 -44.80 6.19 8.58
N LYS F 13 -45.03 5.76 7.34
CA LYS F 13 -45.54 4.43 7.02
C LYS F 13 -44.43 3.43 6.87
N PRO F 14 -44.72 2.13 7.05
CA PRO F 14 -43.69 1.12 6.80
C PRO F 14 -43.22 1.16 5.32
N GLY F 15 -41.93 1.01 5.11
CA GLY F 15 -41.34 1.10 3.76
C GLY F 15 -40.79 2.46 3.45
N ALA F 16 -41.23 3.49 4.17
CA ALA F 16 -40.72 4.86 4.00
C ALA F 16 -39.24 5.00 4.39
N SER F 17 -38.67 6.15 4.05
CA SER F 17 -37.37 6.53 4.65
C SER F 17 -37.52 7.91 5.30
N VAL F 18 -36.64 8.20 6.24
CA VAL F 18 -36.59 9.53 6.85
C VAL F 18 -35.13 9.92 6.89
N LYS F 19 -34.90 11.23 6.92
CA LYS F 19 -33.59 11.79 7.02
C LYS F 19 -33.54 12.80 8.16
N LEU F 20 -32.83 12.42 9.20
CA LEU F 20 -32.73 13.20 10.42
C LEU F 20 -31.52 14.17 10.39
N SER F 21 -31.64 15.37 10.96
CA SER F 21 -30.49 16.26 10.99
C SER F 21 -30.10 16.61 12.43
N CYS F 22 -28.85 17.02 12.58
CA CYS F 22 -28.22 17.26 13.87
C CYS F 22 -27.24 18.41 13.64
N LYS F 23 -27.66 19.63 14.04
CA LYS F 23 -26.91 20.82 13.83
C LYS F 23 -26.04 21.07 15.06
N ALA F 24 -24.74 21.16 14.85
CA ALA F 24 -23.77 21.37 15.88
C ALA F 24 -23.33 22.82 15.97
N SER F 25 -23.16 23.34 17.19
CA SER F 25 -22.60 24.68 17.38
C SER F 25 -21.75 24.66 18.65
N GLY F 26 -20.90 25.68 18.78
CA GLY F 26 -20.11 25.90 19.97
C GLY F 26 -18.80 25.18 20.09
N TYR F 27 -18.38 24.49 19.03
CA TYR F 27 -17.09 23.80 19.01
C TYR F 27 -16.70 23.60 17.54
N ILE F 28 -15.50 23.12 17.28
CA ILE F 28 -15.08 22.87 15.87
C ILE F 28 -15.65 21.52 15.43
N PHE F 29 -16.66 21.60 14.57
CA PHE F 29 -17.47 20.45 14.16
C PHE F 29 -16.59 19.29 13.62
N THR F 30 -15.56 19.62 12.85
CA THR F 30 -14.65 18.59 12.30
C THR F 30 -13.70 17.91 13.28
N SER F 31 -13.61 18.38 14.52
CA SER F 31 -12.65 17.84 15.47
C SER F 31 -13.17 16.68 16.31
N TYR F 32 -14.46 16.36 16.20
CA TYR F 32 -15.07 15.33 17.03
C TYR F 32 -15.89 14.36 16.18
N TYR F 33 -15.79 13.08 16.47
CA TYR F 33 -16.68 12.11 15.88
C TYR F 33 -18.11 12.33 16.35
N MET F 34 -19.05 12.12 15.42
CA MET F 34 -20.48 12.14 15.76
C MET F 34 -21.05 10.73 15.73
N TYR F 35 -21.73 10.37 16.82
CA TYR F 35 -22.42 9.09 16.96
C TYR F 35 -23.91 9.32 16.83
N TRP F 36 -24.57 8.25 16.42
CA TRP F 36 -26.02 8.20 16.46
C TRP F 36 -26.41 6.99 17.29
N VAL F 37 -27.46 7.18 18.10
CA VAL F 37 -27.83 6.22 19.14
C VAL F 37 -29.38 6.16 19.09
N LYS F 38 -29.89 4.95 19.21
CA LYS F 38 -31.35 4.64 19.18
C LYS F 38 -31.79 4.29 20.60
N GLN F 39 -33.00 4.71 20.96
CA GLN F 39 -33.60 4.32 22.20
C GLN F 39 -35.09 4.01 21.89
N ALA F 40 -35.46 2.74 21.93
N ALA F 40 -35.40 2.74 21.83
CA ALA F 40 -36.86 2.32 21.57
CA ALA F 40 -36.71 2.27 21.31
C ALA F 40 -37.81 2.54 22.73
C ALA F 40 -37.54 2.19 22.52
N PRO F 41 -39.13 2.34 22.50
N PRO F 41 -38.78 2.73 22.46
CA PRO F 41 -40.17 2.55 23.51
CA PRO F 41 -39.47 2.94 23.72
C PRO F 41 -39.96 1.78 24.81
C PRO F 41 -39.62 1.64 24.51
N GLY F 42 -39.64 2.51 25.90
N GLY F 42 -38.64 0.75 24.45
CA GLY F 42 -39.44 1.91 27.21
CA GLY F 42 -38.84 -0.60 25.00
C GLY F 42 -38.07 1.29 27.21
C GLY F 42 -37.64 -1.14 25.74
N GLN F 43 -37.27 1.75 26.27
N GLN F 43 -36.89 -0.22 26.34
CA GLN F 43 -36.09 1.01 25.86
CA GLN F 43 -35.55 -0.50 26.88
C GLN F 43 -34.75 1.59 26.24
C GLN F 43 -34.71 0.75 26.83
N GLY F 44 -33.75 0.76 25.93
N GLY F 44 -33.41 0.54 26.59
CA GLY F 44 -32.39 0.97 26.24
CA GLY F 44 -32.50 1.63 26.41
C GLY F 44 -31.70 1.52 25.02
C GLY F 44 -31.73 1.63 25.08
N LEU F 45 -30.44 1.85 25.22
CA LEU F 45 -29.73 2.58 24.29
C LEU F 45 -28.91 1.63 23.42
N GLU F 46 -28.86 1.94 22.12
CA GLU F 46 -28.14 1.13 21.15
C GLU F 46 -27.38 2.03 20.20
N TRP F 47 -26.08 1.83 20.06
CA TRP F 47 -25.29 2.63 19.16
C TRP F 47 -25.47 2.17 17.71
N ILE F 48 -25.71 3.13 16.83
CA ILE F 48 -26.01 2.82 15.45
C ILE F 48 -24.69 2.84 14.63
N GLY F 49 -23.89 3.86 14.83
CA GLY F 49 -22.67 4.07 14.04
C GLY F 49 -22.13 5.46 14.29
N GLU F 50 -21.08 5.78 13.55
CA GLU F 50 -20.34 7.02 13.74
C GLU F 50 -19.92 7.54 12.41
N ILE F 51 -19.72 8.85 12.39
CA ILE F 51 -19.15 9.53 11.25
C ILE F 51 -18.03 10.46 11.70
N ASN F 52 -16.96 10.51 10.92
CA ASN F 52 -15.91 11.52 11.08
C ASN F 52 -16.27 12.73 10.23
N PRO F 53 -16.69 13.85 10.85
CA PRO F 53 -17.09 14.94 9.94
C PRO F 53 -16.00 15.57 9.11
N SER F 54 -14.76 15.38 9.49
CA SER F 54 -13.64 15.89 8.71
C SER F 54 -13.56 15.31 7.30
N ASN F 55 -13.86 14.03 7.16
CA ASN F 55 -13.77 13.38 5.83
C ASN F 55 -14.98 12.57 5.36
N GLY F 56 -15.98 12.38 6.22
CA GLY F 56 -17.11 11.55 5.87
C GLY F 56 -16.93 10.05 6.12
N ASP F 57 -15.79 9.62 6.69
CA ASP F 57 -15.55 8.20 7.01
C ASP F 57 -16.58 7.77 8.01
N THR F 58 -17.10 6.55 7.86
CA THR F 58 -18.13 6.01 8.75
C THR F 58 -17.77 4.60 9.20
N ASN F 59 -18.30 4.24 10.37
CA ASN F 59 -18.32 2.85 10.80
C ASN F 59 -19.68 2.57 11.47
N PHE F 60 -20.17 1.34 11.30
CA PHE F 60 -21.50 0.96 11.79
C PHE F 60 -21.54 -0.24 12.73
N ASN F 61 -22.53 -0.24 13.61
CA ASN F 61 -22.94 -1.48 14.25
C ASN F 61 -23.48 -2.41 13.18
N GLU F 62 -23.05 -3.67 13.21
CA GLU F 62 -23.56 -4.65 12.26
C GLU F 62 -25.10 -4.71 12.25
N LYS F 63 -25.72 -4.55 13.41
CA LYS F 63 -27.19 -4.52 13.50
C LYS F 63 -27.88 -3.43 12.65
N PHE F 64 -27.19 -2.35 12.27
CA PHE F 64 -27.78 -1.20 11.58
C PHE F 64 -27.18 -0.89 10.23
N LYS F 65 -26.19 -1.67 9.81
CA LYS F 65 -25.44 -1.36 8.58
C LYS F 65 -26.40 -1.25 7.36
N SER F 66 -27.42 -2.10 7.28
CA SER F 66 -28.49 -2.00 6.26
C SER F 66 -29.47 -0.82 6.34
N LYS F 67 -29.62 -0.27 7.52
CA LYS F 67 -30.73 0.61 7.84
C LYS F 67 -30.32 2.12 7.75
N ALA F 68 -29.06 2.43 8.00
CA ALA F 68 -28.64 3.82 8.32
C ALA F 68 -27.55 4.28 7.36
N THR F 69 -27.70 5.50 6.84
CA THR F 69 -26.71 6.18 6.00
C THR F 69 -26.35 7.47 6.69
N LEU F 70 -25.06 7.68 6.93
CA LEU F 70 -24.58 8.83 7.66
C LEU F 70 -23.81 9.75 6.74
N THR F 71 -24.14 11.04 6.79
CA THR F 71 -23.44 12.09 6.05
C THR F 71 -23.29 13.34 6.91
N VAL F 72 -22.49 14.29 6.40
CA VAL F 72 -22.35 15.60 7.01
C VAL F 72 -22.31 16.66 5.95
N ASP F 73 -22.62 17.87 6.40
CA ASP F 73 -22.41 19.07 5.62
C ASP F 73 -21.54 19.94 6.53
N LYS F 74 -20.23 19.92 6.27
CA LYS F 74 -19.25 20.71 7.01
C LYS F 74 -19.60 22.15 7.08
N SER F 75 -20.02 22.74 5.96
CA SER F 75 -20.25 24.17 5.91
C SER F 75 -21.42 24.52 6.80
N ALA F 76 -22.40 23.64 6.92
CA ALA F 76 -23.54 23.90 7.76
C ALA F 76 -23.37 23.31 9.18
N SER F 77 -22.20 22.76 9.51
CA SER F 77 -21.96 22.04 10.78
C SER F 77 -23.08 21.09 11.13
N THR F 78 -23.57 20.35 10.14
CA THR F 78 -24.72 19.49 10.35
C THR F 78 -24.39 18.06 9.99
N ALA F 79 -24.78 17.12 10.85
CA ALA F 79 -24.74 15.71 10.57
C ALA F 79 -26.15 15.18 10.27
N TYR F 80 -26.21 14.22 9.35
CA TYR F 80 -27.47 13.61 8.90
C TYR F 80 -27.42 12.10 9.02
N MET F 81 -28.57 11.53 9.40
CA MET F 81 -28.81 10.08 9.32
C MET F 81 -30.08 9.78 8.55
N GLU F 82 -29.94 8.99 7.48
CA GLU F 82 -31.07 8.54 6.73
C GLU F 82 -31.36 7.10 7.17
N LEU F 83 -32.61 6.84 7.52
CA LEU F 83 -33.08 5.53 7.87
C LEU F 83 -33.99 5.08 6.74
N SER F 84 -33.76 3.89 6.21
CA SER F 84 -34.52 3.40 5.06
C SER F 84 -35.23 2.09 5.38
N SER F 85 -36.11 1.66 4.49
CA SER F 85 -36.90 0.43 4.67
C SER F 85 -37.54 0.36 6.06
N LEU F 86 -38.17 1.43 6.49
CA LEU F 86 -38.69 1.50 7.86
C LEU F 86 -39.79 0.49 8.13
N ARG F 87 -39.75 -0.08 9.32
CA ARG F 87 -40.75 -1.00 9.87
C ARG F 87 -41.12 -0.58 11.26
N SER F 88 -42.29 -1.00 11.76
CA SER F 88 -42.71 -0.63 13.11
C SER F 88 -41.59 -0.79 14.20
N GLU F 89 -40.76 -1.83 14.13
CA GLU F 89 -39.63 -2.03 15.05
C GLU F 89 -38.56 -0.92 15.05
N ASP F 90 -38.60 -0.02 14.09
CA ASP F 90 -37.71 1.11 14.05
C ASP F 90 -38.23 2.32 14.84
N THR F 91 -39.44 2.21 15.37
CA THR F 91 -40.04 3.24 16.20
C THR F 91 -39.11 3.44 17.43
N ALA F 92 -38.64 4.67 17.62
CA ALA F 92 -37.63 4.96 18.67
C ALA F 92 -37.38 6.44 18.70
N VAL F 93 -36.68 6.87 19.74
CA VAL F 93 -36.05 8.17 19.74
C VAL F 93 -34.64 7.90 19.24
N TYR F 94 -34.20 8.76 18.33
CA TYR F 94 -32.89 8.68 17.78
C TYR F 94 -32.11 9.93 18.17
N TYR F 95 -30.92 9.73 18.71
CA TYR F 95 -30.05 10.79 19.16
C TYR F 95 -28.80 10.92 18.28
N CYS F 96 -28.33 12.15 18.07
CA CYS F 96 -26.94 12.35 17.73
C CYS F 96 -26.23 12.70 19.02
N THR F 97 -24.97 12.29 19.11
CA THR F 97 -24.13 12.66 20.23
C THR F 97 -22.68 12.80 19.86
N ARG F 98 -22.03 13.85 20.39
CA ARG F 98 -20.62 14.09 20.13
C ARG F 98 -19.76 13.10 20.92
N SER F 99 -18.71 12.56 20.32
CA SER F 99 -17.85 11.69 21.03
C SER F 99 -16.51 12.31 21.17
N ASP F 100 -16.01 12.25 22.39
CA ASP F 100 -14.66 12.63 22.70
C ASP F 100 -13.79 11.36 22.60
N GLY F 101 -12.93 11.34 21.58
CA GLY F 101 -11.99 10.25 21.38
C GLY F 101 -12.62 8.92 21.01
N ARG F 102 -13.88 8.93 20.58
CA ARG F 102 -14.66 7.70 20.26
C ARG F 102 -14.70 6.83 21.48
N ASN F 103 -14.82 7.48 22.64
CA ASN F 103 -14.94 6.79 23.90
C ASN F 103 -16.25 7.15 24.56
N ASP F 104 -16.26 8.20 25.39
CA ASP F 104 -17.49 8.72 26.02
C ASP F 104 -18.25 9.60 25.00
N MET F 105 -19.51 9.89 25.33
CA MET F 105 -20.47 10.60 24.51
C MET F 105 -20.85 11.86 25.32
N ASP F 106 -20.16 12.99 25.05
CA ASP F 106 -20.17 14.05 26.07
C ASP F 106 -21.22 15.15 25.86
N SER F 107 -21.86 15.18 24.72
CA SER F 107 -22.95 16.16 24.46
CA SER F 107 -22.95 16.16 24.46
C SER F 107 -23.96 15.50 23.53
N TRP F 108 -25.23 15.62 23.87
CA TRP F 108 -26.29 14.94 23.16
C TRP F 108 -27.30 15.89 22.59
N GLY F 109 -27.81 15.56 21.42
CA GLY F 109 -28.94 16.20 20.84
C GLY F 109 -30.19 15.88 21.70
N GLN F 110 -31.24 16.65 21.52
CA GLN F 110 -32.48 16.46 22.29
C GLN F 110 -33.28 15.20 21.89
N GLY F 111 -32.92 14.56 20.79
CA GLY F 111 -33.63 13.43 20.30
C GLY F 111 -34.69 13.79 19.27
N THR F 112 -34.86 12.90 18.30
CA THR F 112 -35.92 12.94 17.32
C THR F 112 -36.75 11.65 17.41
N LEU F 113 -38.02 11.79 17.72
CA LEU F 113 -38.94 10.64 17.75
C LEU F 113 -39.34 10.23 16.34
N VAL F 114 -39.16 8.95 16.02
CA VAL F 114 -39.58 8.41 14.72
C VAL F 114 -40.57 7.32 15.02
N THR F 115 -41.80 7.50 14.55
CA THR F 115 -42.86 6.55 14.71
C THR F 115 -43.23 6.03 13.32
N VAL F 116 -43.12 4.71 13.17
CA VAL F 116 -43.50 4.06 11.97
C VAL F 116 -44.66 3.09 12.21
N SER F 117 -45.70 3.28 11.40
CA SER F 117 -46.97 2.64 11.59
C SER F 117 -47.79 2.77 10.31
N SER F 118 -48.49 1.68 9.98
CA SER F 118 -49.46 1.66 8.85
C SER F 118 -50.77 2.32 9.23
N ALA F 119 -50.96 2.69 10.48
CA ALA F 119 -52.19 3.36 10.92
C ALA F 119 -52.27 4.75 10.28
N SER F 120 -53.50 5.23 10.13
CA SER F 120 -53.77 6.53 9.63
C SER F 120 -54.27 7.47 10.74
N THR F 121 -54.07 8.78 10.55
CA THR F 121 -54.52 9.79 11.53
C THR F 121 -56.00 9.60 11.88
N LYS F 122 -56.32 9.64 13.17
CA LYS F 122 -57.67 9.31 13.65
C LYS F 122 -57.86 9.89 15.03
N GLY F 123 -58.97 10.58 15.22
CA GLY F 123 -59.28 11.24 16.47
C GLY F 123 -59.85 10.22 17.42
N PRO F 124 -59.70 10.46 18.73
CA PRO F 124 -60.21 9.51 19.73
C PRO F 124 -61.72 9.60 19.95
N SER F 125 -62.31 8.49 20.38
CA SER F 125 -63.57 8.50 21.11
C SER F 125 -63.24 8.73 22.57
N VAL F 126 -64.08 9.52 23.24
CA VAL F 126 -63.88 9.85 24.64
C VAL F 126 -65.11 9.25 25.34
N PHE F 127 -64.86 8.28 26.23
CA PHE F 127 -65.91 7.62 26.98
C PHE F 127 -65.75 7.97 28.47
N PRO F 128 -66.87 8.19 29.19
CA PRO F 128 -66.82 8.48 30.64
C PRO F 128 -66.45 7.23 31.42
N LEU F 129 -65.63 7.43 32.44
CA LEU F 129 -65.44 6.44 33.50
C LEU F 129 -66.22 7.00 34.68
N ALA F 130 -67.46 6.56 34.80
CA ALA F 130 -68.40 7.15 35.75
C ALA F 130 -68.20 6.65 37.16
N PRO F 131 -68.27 7.58 38.16
CA PRO F 131 -68.38 7.25 39.58
C PRO F 131 -69.78 6.77 39.92
N GLY F 138 -65.94 4.17 49.10
CA GLY F 138 -66.16 5.00 50.33
C GLY F 138 -66.23 6.55 50.23
N GLY F 139 -65.51 7.26 51.14
CA GLY F 139 -65.44 8.74 51.19
C GLY F 139 -64.83 9.42 49.96
N THR F 140 -63.99 8.69 49.22
CA THR F 140 -63.40 9.19 48.01
C THR F 140 -63.97 8.45 46.80
N ALA F 141 -64.33 9.20 45.77
CA ALA F 141 -64.77 8.64 44.47
C ALA F 141 -63.75 8.90 43.41
N ALA F 142 -63.72 8.01 42.43
CA ALA F 142 -62.88 8.15 41.27
C ALA F 142 -63.76 8.29 40.04
N LEU F 143 -63.30 9.09 39.10
CA LEU F 143 -63.96 9.19 37.83
C LEU F 143 -62.92 9.52 36.80
N GLY F 144 -63.31 9.49 35.55
CA GLY F 144 -62.32 9.67 34.49
C GLY F 144 -62.91 9.70 33.09
N CYS F 145 -61.99 9.84 32.14
CA CYS F 145 -62.29 9.76 30.71
C CYS F 145 -61.36 8.77 30.09
N LEU F 146 -61.97 7.86 29.33
CA LEU F 146 -61.29 6.92 28.51
C LEU F 146 -61.19 7.50 27.10
N VAL F 147 -59.96 7.68 26.67
CA VAL F 147 -59.65 8.40 25.43
C VAL F 147 -59.09 7.33 24.50
N LYS F 148 -59.97 6.80 23.66
CA LYS F 148 -59.70 5.56 22.96
C LYS F 148 -59.63 5.69 21.44
N ASP F 149 -58.71 4.90 20.89
CA ASP F 149 -58.58 4.67 19.48
C ASP F 149 -58.15 5.89 18.68
N TYR F 150 -56.95 6.41 18.97
CA TYR F 150 -56.45 7.57 18.23
C TYR F 150 -55.07 7.28 17.68
N PHE F 151 -54.72 8.04 16.65
CA PHE F 151 -53.36 8.01 16.09
C PHE F 151 -53.10 9.35 15.39
N PRO F 152 -51.87 9.89 15.48
CA PRO F 152 -50.76 9.38 16.32
C PRO F 152 -50.80 10.01 17.70
N GLU F 153 -49.82 9.73 18.54
CA GLU F 153 -49.65 10.47 19.78
CA GLU F 153 -49.63 10.45 19.80
C GLU F 153 -49.30 11.90 19.43
N PRO F 154 -49.54 12.90 20.29
CA PRO F 154 -50.13 12.76 21.61
C PRO F 154 -51.58 13.30 21.68
N VAL F 155 -52.18 13.01 22.82
CA VAL F 155 -53.45 13.53 23.24
C VAL F 155 -53.12 14.29 24.53
N THR F 156 -53.80 15.42 24.77
CA THR F 156 -53.74 16.09 26.06
C THR F 156 -55.10 16.03 26.75
N VAL F 157 -55.08 16.02 28.08
CA VAL F 157 -56.32 16.02 28.87
C VAL F 157 -56.14 17.00 29.99
N SER F 158 -57.11 17.89 30.13
CA SER F 158 -57.27 18.68 31.35
C SER F 158 -58.65 18.39 31.94
N TRP F 159 -58.89 18.90 33.15
CA TRP F 159 -60.15 18.74 33.89
C TRP F 159 -60.63 20.12 34.24
N ASN F 160 -61.94 20.36 34.04
CA ASN F 160 -62.56 21.66 34.26
C ASN F 160 -61.74 22.83 33.73
N SER F 161 -61.29 22.66 32.49
CA SER F 161 -60.51 23.65 31.76
C SER F 161 -59.22 24.06 32.48
N GLY F 162 -58.61 23.13 33.23
CA GLY F 162 -57.38 23.42 34.01
C GLY F 162 -57.62 23.91 35.42
N ALA F 163 -58.88 24.20 35.78
CA ALA F 163 -59.23 24.51 37.16
C ALA F 163 -59.08 23.32 38.16
N LEU F 164 -59.08 22.08 37.66
CA LEU F 164 -58.95 20.89 38.51
C LEU F 164 -57.66 20.15 38.16
N THR F 165 -56.68 20.21 39.05
CA THR F 165 -55.40 19.49 38.87
C THR F 165 -55.11 18.48 39.96
N SER F 166 -55.56 18.78 41.17
CA SER F 166 -55.29 17.96 42.33
C SER F 166 -56.01 16.63 42.19
N GLY F 167 -55.26 15.55 42.42
CA GLY F 167 -55.78 14.20 42.30
C GLY F 167 -55.88 13.66 40.88
N VAL F 168 -55.43 14.40 39.86
CA VAL F 168 -55.51 13.97 38.46
C VAL F 168 -54.33 13.00 38.14
N HIS F 169 -54.63 11.86 37.54
CA HIS F 169 -53.61 11.01 36.92
C HIS F 169 -54.00 10.73 35.50
N THR F 170 -53.14 11.16 34.58
CA THR F 170 -53.32 10.90 33.17
C THR F 170 -52.25 9.86 32.82
N PHE F 171 -52.66 8.69 32.38
CA PHE F 171 -51.74 7.59 32.23
C PHE F 171 -51.02 7.67 30.88
N PRO F 172 -49.82 7.10 30.81
CA PRO F 172 -49.21 6.94 29.49
C PRO F 172 -50.13 6.19 28.55
N ALA F 173 -50.15 6.55 27.27
CA ALA F 173 -50.94 5.81 26.29
C ALA F 173 -50.37 4.42 26.11
N VAL F 174 -51.23 3.48 25.73
CA VAL F 174 -50.84 2.13 25.34
C VAL F 174 -51.21 2.01 23.89
N LEU F 175 -50.32 1.36 23.14
CA LEU F 175 -50.56 1.04 21.74
C LEU F 175 -51.34 -0.27 21.75
N GLN F 176 -52.53 -0.26 21.16
CA GLN F 176 -53.35 -1.47 21.08
C GLN F 176 -52.92 -2.25 19.87
N SER F 177 -53.29 -3.51 19.80
CA SER F 177 -52.94 -4.35 18.62
C SER F 177 -53.64 -3.93 17.31
N SER F 178 -54.73 -3.17 17.42
CA SER F 178 -55.28 -2.42 16.27
C SER F 178 -54.28 -1.43 15.63
N GLY F 179 -53.23 -1.01 16.33
CA GLY F 179 -52.34 0.07 15.86
C GLY F 179 -52.79 1.43 16.32
N LEU F 180 -53.89 1.50 17.06
CA LEU F 180 -54.36 2.77 17.60
C LEU F 180 -53.97 2.87 19.08
N TYR F 181 -53.87 4.09 19.58
CA TYR F 181 -53.53 4.31 21.00
C TYR F 181 -54.79 4.46 21.85
N SER F 182 -54.59 4.24 23.15
CA SER F 182 -55.62 4.53 24.14
C SER F 182 -54.98 4.99 25.42
N LEU F 183 -55.65 5.92 26.11
CA LEU F 183 -55.31 6.27 27.46
C LEU F 183 -56.51 6.67 28.27
N SER F 184 -56.36 6.50 29.58
CA SER F 184 -57.34 6.99 30.53
C SER F 184 -56.75 8.16 31.33
N SER F 185 -57.61 9.11 31.66
CA SER F 185 -57.26 10.14 32.63
C SER F 185 -58.27 9.97 33.78
N VAL F 186 -57.80 9.96 35.00
CA VAL F 186 -58.69 9.85 36.16
C VAL F 186 -58.41 10.93 37.18
N VAL F 187 -59.40 11.12 38.04
CA VAL F 187 -59.28 12.05 39.16
C VAL F 187 -60.07 11.45 40.33
N THR F 188 -59.54 11.65 41.54
CA THR F 188 -60.27 11.33 42.74
C THR F 188 -60.77 12.61 43.40
N VAL F 189 -61.99 12.53 43.93
CA VAL F 189 -62.63 13.69 44.51
C VAL F 189 -63.47 13.21 45.71
N PRO F 190 -63.82 14.14 46.62
CA PRO F 190 -64.74 13.75 47.71
C PRO F 190 -66.07 13.24 47.12
N SER F 191 -66.52 12.06 47.58
CA SER F 191 -67.87 11.54 47.19
C SER F 191 -68.97 12.54 47.42
N SER F 192 -68.90 13.22 48.55
CA SER F 192 -69.83 14.28 48.91
C SER F 192 -69.86 15.47 47.92
N SER F 193 -68.94 15.52 46.94
CA SER F 193 -68.90 16.56 45.94
C SER F 193 -69.63 16.19 44.65
N LEU F 194 -70.06 14.93 44.51
CA LEU F 194 -70.61 14.46 43.23
C LEU F 194 -71.92 15.15 42.76
N GLY F 195 -72.66 15.77 43.69
CA GLY F 195 -73.85 16.54 43.37
C GLY F 195 -73.77 18.05 43.61
N THR F 196 -72.60 18.60 43.88
CA THR F 196 -72.38 20.05 43.71
C THR F 196 -71.54 20.25 42.45
N GLN F 197 -70.33 19.66 42.44
CA GLN F 197 -69.35 19.90 41.38
C GLN F 197 -69.68 19.18 40.09
N THR F 198 -69.49 19.90 39.00
CA THR F 198 -69.43 19.31 37.67
C THR F 198 -68.00 18.97 37.33
N TYR F 199 -67.81 17.80 36.70
CA TYR F 199 -66.51 17.34 36.25
C TYR F 199 -66.54 17.08 34.76
N ILE F 200 -65.66 17.78 34.06
CA ILE F 200 -65.58 17.77 32.60
C ILE F 200 -64.13 17.54 32.21
N CYS F 201 -63.86 16.47 31.46
CA CYS F 201 -62.53 16.32 30.86
C CYS F 201 -62.47 17.07 29.53
N ASN F 202 -61.35 17.76 29.31
CA ASN F 202 -61.16 18.50 28.05
C ASN F 202 -60.03 17.73 27.34
N VAL F 203 -60.37 17.08 26.23
CA VAL F 203 -59.48 16.20 25.53
C VAL F 203 -59.17 16.83 24.18
N ASN F 204 -57.88 16.84 23.82
CA ASN F 204 -57.43 17.49 22.59
C ASN F 204 -56.51 16.56 21.81
N HIS F 205 -56.76 16.40 20.53
CA HIS F 205 -55.90 15.60 19.66
C HIS F 205 -55.67 16.50 18.46
N LYS F 206 -54.55 17.23 18.50
CA LYS F 206 -54.18 18.18 17.46
C LYS F 206 -54.10 17.56 16.02
N PRO F 207 -53.47 16.39 15.86
CA PRO F 207 -53.31 15.76 14.55
C PRO F 207 -54.59 15.58 13.72
N SER F 208 -55.71 15.31 14.42
CA SER F 208 -57.03 15.12 13.83
C SER F 208 -57.94 16.33 14.03
N ASN F 209 -57.42 17.43 14.56
CA ASN F 209 -58.20 18.60 14.94
C ASN F 209 -59.42 18.29 15.89
N THR F 210 -59.24 17.34 16.79
CA THR F 210 -60.31 16.85 17.67
C THR F 210 -60.22 17.54 19.04
N LYS F 211 -61.29 18.25 19.43
CA LYS F 211 -61.45 18.79 20.79
C LYS F 211 -62.79 18.30 21.36
N VAL F 212 -62.73 17.60 22.49
CA VAL F 212 -63.93 17.08 23.17
C VAL F 212 -63.93 17.61 24.60
N ASP F 213 -65.07 18.13 25.05
CA ASP F 213 -65.32 18.44 26.44
C ASP F 213 -66.42 17.49 26.90
N LYS F 214 -66.10 16.44 27.67
CA LYS F 214 -67.09 15.42 28.13
C LYS F 214 -67.39 15.58 29.61
N LYS F 215 -68.64 15.89 29.93
CA LYS F 215 -69.12 15.87 31.30
C LYS F 215 -69.17 14.41 31.77
N VAL F 216 -68.60 14.13 32.93
CA VAL F 216 -68.61 12.76 33.48
C VAL F 216 -69.59 12.82 34.66
N GLU F 217 -70.67 12.05 34.58
CA GLU F 217 -71.76 12.11 35.58
C GLU F 217 -71.93 10.81 36.30
N PRO F 218 -72.34 10.86 37.59
CA PRO F 218 -72.75 9.67 38.33
C PRO F 218 -73.69 8.78 37.51
N LYS F 219 -73.41 7.47 37.45
CA LYS F 219 -74.23 6.51 36.69
C LYS F 219 -74.25 6.84 35.20
N ASP G 1 -20.59 -9.18 20.99
CA ASP G 1 -20.58 -7.83 21.60
C ASP G 1 -20.55 -8.00 23.13
N ILE G 2 -20.13 -6.97 23.84
CA ILE G 2 -20.02 -7.00 25.27
C ILE G 2 -21.38 -6.72 25.85
N VAL G 3 -21.71 -7.49 26.91
CA VAL G 3 -22.94 -7.30 27.64
C VAL G 3 -22.65 -6.66 29.03
N LEU G 4 -23.38 -5.58 29.32
CA LEU G 4 -23.32 -4.84 30.57
C LEU G 4 -24.59 -5.06 31.38
N THR G 5 -24.46 -5.58 32.60
CA THR G 5 -25.62 -5.89 33.43
C THR G 5 -25.51 -5.01 34.65
N GLN G 6 -26.51 -4.19 34.85
CA GLN G 6 -26.51 -3.24 35.96
C GLN G 6 -27.35 -3.77 37.08
N SER G 7 -26.94 -3.47 38.30
CA SER G 7 -27.66 -3.84 39.51
C SER G 7 -27.71 -2.66 40.47
N PRO G 8 -28.80 -2.49 41.24
CA PRO G 8 -30.08 -3.20 41.07
C PRO G 8 -30.84 -2.64 39.86
N ALA G 9 -31.94 -3.27 39.45
CA ALA G 9 -32.79 -2.67 38.40
C ALA G 9 -33.37 -1.32 38.87
N THR G 10 -33.79 -1.27 40.14
CA THR G 10 -34.32 -0.08 40.76
C THR G 10 -33.69 0.04 42.11
N LEU G 11 -33.21 1.24 42.43
CA LEU G 11 -32.66 1.56 43.73
C LEU G 11 -33.53 2.67 44.34
N SER G 12 -34.15 2.38 45.46
CA SER G 12 -34.97 3.37 46.19
C SER G 12 -34.22 4.05 47.31
N VAL G 13 -34.06 5.37 47.23
CA VAL G 13 -33.36 6.15 48.24
C VAL G 13 -34.06 7.45 48.53
N SER G 14 -33.75 8.08 49.66
CA SER G 14 -34.24 9.44 49.94
C SER G 14 -33.19 10.47 49.59
N PRO G 15 -33.60 11.74 49.43
CA PRO G 15 -32.55 12.78 49.49
C PRO G 15 -31.82 12.62 50.80
N GLY G 16 -30.54 12.91 50.78
CA GLY G 16 -29.66 12.84 51.92
C GLY G 16 -29.14 11.45 52.23
N GLU G 17 -29.42 10.48 51.35
CA GLU G 17 -28.92 9.14 51.45
C GLU G 17 -27.87 8.87 50.36
N ARG G 18 -26.92 8.01 50.65
CA ARG G 18 -25.88 7.59 49.72
C ARG G 18 -26.51 6.57 48.78
N ALA G 19 -26.21 6.64 47.51
CA ALA G 19 -26.70 5.68 46.52
C ALA G 19 -25.49 5.07 45.80
N THR G 20 -25.41 3.74 45.72
CA THR G 20 -24.33 3.12 44.94
C THR G 20 -24.98 2.11 44.00
N ILE G 21 -24.62 2.18 42.73
CA ILE G 21 -25.14 1.26 41.73
C ILE G 21 -23.97 0.59 41.02
N SER G 22 -24.19 -0.59 40.46
CA SER G 22 -23.08 -1.31 39.92
C SER G 22 -23.35 -1.76 38.45
N CYS G 23 -22.27 -2.11 37.77
CA CYS G 23 -22.27 -2.46 36.35
C CYS G 23 -21.25 -3.54 36.15
N ARG G 24 -21.72 -4.71 35.73
CA ARG G 24 -20.88 -5.85 35.50
C ARG G 24 -20.80 -6.13 33.99
N ALA G 25 -19.58 -6.20 33.47
CA ALA G 25 -19.29 -6.46 32.05
C ALA G 25 -19.02 -7.90 31.86
N SER G 26 -19.38 -8.40 30.67
CA SER G 26 -19.19 -9.78 30.31
C SER G 26 -17.72 -10.14 30.07
N GLN G 27 -16.88 -9.12 29.87
CA GLN G 27 -15.41 -9.30 29.86
C GLN G 27 -14.75 -8.05 30.40
N ARG G 28 -13.46 -8.17 30.72
CA ARG G 28 -12.72 -7.07 31.32
C ARG G 28 -12.63 -5.91 30.30
N VAL G 29 -12.75 -4.69 30.78
CA VAL G 29 -12.65 -3.49 29.94
C VAL G 29 -11.63 -2.47 30.50
N SER G 30 -10.63 -3.00 31.21
CA SER G 30 -9.53 -2.29 31.80
C SER G 30 -8.22 -2.80 31.31
N SER G 31 -7.26 -1.91 31.13
CA SER G 31 -5.88 -2.32 30.84
C SER G 31 -4.89 -1.59 31.76
N SER G 32 -3.65 -1.33 31.33
CA SER G 32 -2.60 -0.78 32.20
C SER G 32 -2.97 0.53 32.81
N THR G 33 -3.50 1.45 32.03
CA THR G 33 -3.71 2.81 32.50
C THR G 33 -5.16 3.20 32.73
N TYR G 34 -6.04 2.72 31.86
CA TYR G 34 -7.44 3.13 31.83
C TYR G 34 -8.44 2.00 31.86
N SER G 35 -9.62 2.34 32.36
CA SER G 35 -10.83 1.54 32.27
C SER G 35 -11.77 2.24 31.30
N TYR G 36 -12.28 1.49 30.32
CA TYR G 36 -13.12 2.07 29.25
C TYR G 36 -14.60 1.88 29.60
N MET G 37 -15.01 2.53 30.69
CA MET G 37 -16.39 2.49 31.20
C MET G 37 -16.79 3.88 31.60
N HIS G 38 -18.03 4.26 31.21
CA HIS G 38 -18.54 5.61 31.39
C HIS G 38 -19.96 5.53 31.93
N TRP G 39 -20.40 6.60 32.56
CA TRP G 39 -21.73 6.63 33.17
C TRP G 39 -22.51 7.83 32.82
N TYR G 40 -23.82 7.62 32.69
CA TYR G 40 -24.78 8.61 32.24
C TYR G 40 -26.00 8.68 33.13
N GLN G 41 -26.61 9.88 33.21
CA GLN G 41 -27.91 10.07 33.81
C GLN G 41 -28.94 10.40 32.73
N GLN G 42 -30.16 9.84 32.81
CA GLN G 42 -31.22 10.20 31.89
C GLN G 42 -32.55 10.31 32.60
N LYS G 43 -33.23 11.42 32.30
CA LYS G 43 -34.61 11.62 32.76
C LYS G 43 -35.59 11.43 31.61
N PRO G 44 -36.86 11.06 31.96
CA PRO G 44 -37.86 10.88 30.90
C PRO G 44 -37.92 12.07 29.98
N GLY G 45 -37.96 11.84 28.67
CA GLY G 45 -38.12 12.93 27.74
C GLY G 45 -36.85 13.74 27.45
N GLN G 46 -35.70 13.37 28.01
CA GLN G 46 -34.43 14.09 27.85
C GLN G 46 -33.31 13.17 27.44
N PRO G 47 -32.26 13.72 26.77
CA PRO G 47 -31.12 12.92 26.42
C PRO G 47 -30.33 12.50 27.67
N PRO G 48 -29.57 11.41 27.57
CA PRO G 48 -28.59 11.11 28.60
C PRO G 48 -27.58 12.28 28.77
N LYS G 49 -26.95 12.34 29.94
CA LYS G 49 -25.96 13.33 30.25
C LYS G 49 -24.77 12.58 30.83
N LEU G 50 -23.57 12.88 30.32
CA LEU G 50 -22.40 12.21 30.79
C LEU G 50 -22.06 12.66 32.21
N LEU G 51 -21.82 11.70 33.07
CA LEU G 51 -21.39 11.99 34.43
C LEU G 51 -19.94 11.68 34.78
N ILE G 52 -19.49 10.50 34.37
CA ILE G 52 -18.21 9.98 34.80
C ILE G 52 -17.61 9.32 33.59
N LYS G 53 -16.36 9.61 33.32
CA LYS G 53 -15.71 8.97 32.18
C LYS G 53 -14.46 8.24 32.62
N TYR G 54 -14.14 7.15 31.94
CA TYR G 54 -13.00 6.26 32.26
C TYR G 54 -13.04 5.84 33.73
N ALA G 55 -14.21 5.41 34.12
CA ALA G 55 -14.52 4.76 35.41
C ALA G 55 -14.56 5.72 36.58
N SER G 56 -13.64 6.68 36.61
CA SER G 56 -13.52 7.52 37.84
C SER G 56 -13.33 9.01 37.63
N ASN G 57 -13.41 9.49 36.40
CA ASN G 57 -13.14 10.92 36.17
C ASN G 57 -14.44 11.68 36.06
N LEU G 58 -14.63 12.67 36.94
CA LEU G 58 -15.83 13.47 36.95
C LEU G 58 -15.87 14.32 35.72
N GLU G 59 -16.94 14.25 34.94
CA GLU G 59 -17.03 15.12 33.76
C GLU G 59 -17.10 16.59 34.19
N SER G 60 -16.52 17.45 33.40
CA SER G 60 -16.63 18.88 33.58
C SER G 60 -18.06 19.36 33.83
N GLY G 61 -18.23 20.14 34.86
CA GLY G 61 -19.52 20.62 35.30
C GLY G 61 -20.40 19.71 36.14
N VAL G 62 -20.00 18.46 36.32
CA VAL G 62 -20.83 17.52 37.05
C VAL G 62 -20.57 17.73 38.54
N PRO G 63 -21.64 17.75 39.35
CA PRO G 63 -21.37 17.98 40.77
C PRO G 63 -20.50 16.93 41.47
N ALA G 64 -19.78 17.43 42.47
CA ALA G 64 -18.80 16.66 43.24
C ALA G 64 -19.37 15.43 43.96
N ARG G 65 -20.70 15.39 44.19
CA ARG G 65 -21.28 14.24 44.85
C ARG G 65 -21.27 12.96 44.00
N PHE G 66 -21.06 13.08 42.69
CA PHE G 66 -20.90 11.90 41.84
C PHE G 66 -19.45 11.42 41.82
N SER G 67 -19.29 10.12 41.92
CA SER G 67 -17.97 9.46 41.80
C SER G 67 -18.17 8.12 41.20
N GLY G 68 -17.07 7.57 40.67
CA GLY G 68 -17.08 6.22 40.15
C GLY G 68 -15.81 5.48 40.50
N SER G 69 -15.93 4.17 40.49
CA SER G 69 -14.80 3.35 40.85
C SER G 69 -14.96 1.99 40.15
N GLY G 70 -13.93 1.19 40.22
CA GLY G 70 -13.96 -0.15 39.71
C GLY G 70 -12.85 -0.46 38.76
N SER G 71 -12.83 -1.70 38.32
CA SER G 71 -11.85 -2.17 37.31
C SER G 71 -12.23 -3.55 36.81
N GLY G 72 -11.65 -3.89 35.68
CA GLY G 72 -11.82 -5.20 35.09
C GLY G 72 -13.24 -5.38 34.59
N THR G 73 -13.97 -6.29 35.23
CA THR G 73 -15.41 -6.51 34.91
C THR G 73 -16.44 -5.73 35.76
N ASP G 74 -16.02 -5.01 36.80
CA ASP G 74 -16.99 -4.49 37.80
C ASP G 74 -16.74 -3.07 38.14
N PHE G 75 -17.79 -2.26 37.97
CA PHE G 75 -17.76 -0.80 38.17
C PHE G 75 -18.92 -0.34 39.02
N THR G 76 -18.71 0.73 39.80
CA THR G 76 -19.79 1.33 40.59
C THR G 76 -19.79 2.84 40.37
N LEU G 77 -20.99 3.42 40.49
CA LEU G 77 -21.25 4.83 40.54
CA LEU G 77 -21.21 4.85 40.58
C LEU G 77 -21.83 5.08 41.93
N THR G 78 -21.36 6.12 42.63
CA THR G 78 -21.86 6.50 43.91
C THR G 78 -22.28 7.95 43.88
N ILE G 79 -23.43 8.22 44.48
CA ILE G 79 -23.88 9.58 44.74
C ILE G 79 -23.75 9.72 46.26
N SER G 80 -22.88 10.62 46.72
CA SER G 80 -22.51 10.59 48.16
C SER G 80 -23.73 10.98 49.04
N SER G 81 -24.52 11.90 48.52
CA SER G 81 -25.72 12.33 49.18
C SER G 81 -26.69 12.80 48.11
N VAL G 82 -27.76 12.06 47.94
CA VAL G 82 -28.71 12.30 46.89
C VAL G 82 -29.44 13.63 47.05
N GLU G 83 -29.67 14.32 45.92
CA GLU G 83 -30.44 15.55 45.91
C GLU G 83 -31.66 15.30 45.05
N PRO G 84 -32.71 16.10 45.20
CA PRO G 84 -33.95 15.78 44.43
C PRO G 84 -33.78 15.70 42.89
N GLU G 85 -32.84 16.45 42.34
CA GLU G 85 -32.60 16.42 40.88
C GLU G 85 -31.91 15.16 40.38
N ASP G 86 -31.49 14.25 41.28
CA ASP G 86 -30.75 13.07 40.92
C ASP G 86 -31.64 11.88 40.61
N PHE G 87 -32.94 11.96 40.90
CA PHE G 87 -33.83 10.82 40.60
C PHE G 87 -33.97 10.79 39.10
N ALA G 88 -33.64 9.65 38.53
CA ALA G 88 -33.32 9.49 37.11
C ALA G 88 -32.96 8.07 36.89
N THR G 89 -32.75 7.68 35.63
CA THR G 89 -32.16 6.42 35.31
C THR G 89 -30.69 6.62 34.97
N TYR G 90 -29.85 5.71 35.44
CA TYR G 90 -28.40 5.73 35.23
C TYR G 90 -27.95 4.56 34.37
N TYR G 91 -27.04 4.83 33.42
CA TYR G 91 -26.56 3.84 32.47
C TYR G 91 -25.02 3.81 32.53
N CYS G 92 -24.46 2.62 32.45
CA CYS G 92 -23.02 2.45 32.17
C CYS G 92 -22.89 2.13 30.65
N GLN G 93 -21.72 2.41 30.10
CA GLN G 93 -21.41 2.16 28.69
C GLN G 93 -19.92 1.92 28.60
N HIS G 94 -19.48 0.92 27.85
CA HIS G 94 -18.05 0.73 27.64
C HIS G 94 -17.62 1.26 26.29
N SER G 95 -16.32 1.49 26.16
CA SER G 95 -15.72 1.89 24.91
C SER G 95 -14.48 1.02 24.65
N TRP G 96 -14.55 -0.25 25.02
CA TRP G 96 -13.48 -1.21 24.77
C TRP G 96 -13.23 -1.58 23.34
N GLU G 97 -14.32 -1.65 22.55
CA GLU G 97 -14.33 -2.26 21.22
C GLU G 97 -15.61 -1.79 20.50
C DV7 G 98 -17.87 -2.94 18.65
O DV7 G 98 -17.42 -4.08 18.62
CA DV7 G 98 -16.91 -1.78 18.41
N DV7 G 98 -15.69 -2.03 19.20
CB DV7 G 98 -16.69 -1.65 16.91
CG DV7 G 98 -17.88 -1.60 15.92
CD DV7 G 98 -17.27 -1.91 14.59
CE2 DV7 G 98 -17.32 -3.24 14.12
CZ3 DV7 G 98 -17.91 -4.33 14.79
CH2 DV7 G 98 -17.89 -5.58 14.24
CT DV7 G 98 -17.28 -5.79 13.00
OI DV7 G 98 -17.23 -7.01 12.39
CH1 DV7 G 98 -16.68 -4.75 12.30
CZ2 DV7 G 98 -16.72 -3.51 12.88
OH1 DV7 G 98 -16.12 -2.51 12.16
CZ1 DV7 G 98 -16.07 -1.21 12.61
CE1 DV7 G 98 -16.68 -0.94 13.88
OH2 DV7 G 98 -15.50 -0.45 11.84
N PRO G 99 -19.17 -2.67 18.64
CA PRO G 99 -19.83 -1.54 19.23
C PRO G 99 -19.76 -1.21 20.66
N PRO G 100 -19.72 0.10 20.95
CA PRO G 100 -19.99 0.42 22.30
C PRO G 100 -21.43 -0.06 22.65
N THR G 101 -21.60 -0.53 23.86
CA THR G 101 -22.88 -0.98 24.33
C THR G 101 -23.12 -0.40 25.72
N PHE G 102 -24.40 -0.36 26.04
CA PHE G 102 -24.90 0.22 27.29
C PHE G 102 -25.52 -0.87 28.15
N GLY G 103 -25.47 -0.68 29.46
CA GLY G 103 -26.26 -1.49 30.36
C GLY G 103 -27.76 -1.22 30.25
N GLY G 104 -28.55 -2.05 30.92
CA GLY G 104 -30.03 -1.92 30.90
C GLY G 104 -30.59 -0.81 31.75
N GLY G 105 -29.73 -0.21 32.60
CA GLY G 105 -30.11 0.98 33.41
C GLY G 105 -30.48 0.60 34.85
N THR G 106 -30.27 1.54 35.77
CA THR G 106 -30.77 1.45 37.11
C THR G 106 -31.62 2.70 37.37
N LYS G 107 -32.88 2.51 37.71
CA LYS G 107 -33.73 3.61 38.08
C LYS G 107 -33.51 3.97 39.55
N LEU G 108 -33.09 5.21 39.79
CA LEU G 108 -32.98 5.77 41.13
C LEU G 108 -34.34 6.40 41.41
N GLU G 109 -35.03 5.77 42.32
CA GLU G 109 -36.41 6.06 42.67
C GLU G 109 -36.51 6.67 44.06
N ILE G 110 -37.55 7.47 44.26
CA ILE G 110 -37.74 8.14 45.54
C ILE G 110 -38.38 7.18 46.56
N LYS G 111 -37.61 6.91 47.60
CA LYS G 111 -38.05 6.05 48.67
C LYS G 111 -39.12 6.72 49.51
N ARG G 112 -40.18 5.97 49.82
CA ARG G 112 -41.16 6.48 50.80
C ARG G 112 -41.73 5.23 51.47
N THR G 113 -42.60 5.43 52.41
CA THR G 113 -43.21 4.32 53.09
C THR G 113 -44.22 3.61 52.18
N VAL G 114 -44.42 2.33 52.48
CA VAL G 114 -45.44 1.53 51.82
C VAL G 114 -46.79 2.22 51.93
N ALA G 115 -47.52 2.28 50.80
CA ALA G 115 -48.92 2.77 50.80
C ALA G 115 -49.73 1.81 49.96
N ALA G 116 -50.87 1.38 50.51
CA ALA G 116 -51.78 0.51 49.78
C ALA G 116 -52.53 1.27 48.69
N PRO G 117 -52.79 0.62 47.57
CA PRO G 117 -53.66 1.25 46.60
C PRO G 117 -55.07 1.36 47.06
N SER G 118 -55.70 2.46 46.67
CA SER G 118 -57.17 2.53 46.60
C SER G 118 -57.59 1.94 45.27
N VAL G 119 -58.58 1.05 45.28
CA VAL G 119 -58.97 0.32 44.06
C VAL G 119 -60.37 0.65 43.60
N PHE G 120 -60.53 0.94 42.33
CA PHE G 120 -61.82 1.33 41.71
C PHE G 120 -62.01 0.57 40.39
N ILE G 121 -63.25 0.13 40.13
CA ILE G 121 -63.54 -0.54 38.88
C ILE G 121 -64.63 0.27 38.12
N PHE G 122 -64.50 0.36 36.79
CA PHE G 122 -65.42 1.13 35.97
C PHE G 122 -66.01 0.22 34.89
N PRO G 123 -67.34 0.07 34.87
CA PRO G 123 -67.95 -0.62 33.76
C PRO G 123 -67.76 0.15 32.43
N PRO G 124 -67.89 -0.53 31.28
CA PRO G 124 -67.94 0.23 30.00
C PRO G 124 -69.14 1.17 29.94
N SER G 125 -69.00 2.30 29.29
CA SER G 125 -70.09 3.28 29.13
C SER G 125 -71.10 2.72 28.17
N ASP G 126 -72.36 3.18 28.25
CA ASP G 126 -73.35 2.78 27.25
C ASP G 126 -72.98 3.31 25.87
N GLU G 127 -72.46 4.55 25.78
CA GLU G 127 -71.88 5.11 24.52
C GLU G 127 -71.07 3.99 23.83
N GLN G 128 -70.11 3.43 24.59
CA GLN G 128 -69.17 2.47 24.01
C GLN G 128 -69.75 1.11 23.66
N LEU G 129 -70.60 0.56 24.52
CA LEU G 129 -71.32 -0.67 24.18
C LEU G 129 -72.03 -0.64 22.85
N LYS G 130 -72.70 0.49 22.57
CA LYS G 130 -73.48 0.67 21.33
C LYS G 130 -72.59 0.41 20.13
N SER G 131 -71.37 0.94 20.20
CA SER G 131 -70.40 0.80 19.13
C SER G 131 -69.75 -0.58 19.00
N GLY G 132 -70.12 -1.55 19.83
CA GLY G 132 -69.65 -2.93 19.67
C GLY G 132 -68.44 -3.37 20.49
N THR G 133 -68.00 -2.52 21.43
CA THR G 133 -66.85 -2.84 22.28
C THR G 133 -67.07 -2.46 23.76
N ALA G 134 -66.52 -3.28 24.66
CA ALA G 134 -66.56 -3.03 26.08
C ALA G 134 -65.12 -2.94 26.64
N SER G 135 -64.77 -1.77 27.13
CA SER G 135 -63.53 -1.57 27.90
C SER G 135 -63.95 -1.48 29.35
N VAL G 136 -63.37 -2.37 30.17
CA VAL G 136 -63.56 -2.37 31.59
C VAL G 136 -62.25 -1.92 32.22
N VAL G 137 -62.33 -0.91 33.08
CA VAL G 137 -61.12 -0.30 33.66
C VAL G 137 -61.01 -0.51 35.16
N CYS G 138 -59.84 -0.99 35.59
CA CYS G 138 -59.52 -1.09 37.02
C CYS G 138 -58.44 -0.05 37.34
N LEU G 139 -58.64 0.75 38.39
CA LEU G 139 -57.73 1.83 38.74
C LEU G 139 -57.12 1.44 40.10
N LEU G 140 -55.79 1.45 40.20
CA LEU G 140 -55.10 1.33 41.47
C LEU G 140 -54.46 2.66 41.75
N ASN G 141 -54.89 3.33 42.82
CA ASN G 141 -54.53 4.72 43.04
C ASN G 141 -53.58 4.95 44.20
N ASN G 142 -52.51 5.68 43.89
CA ASN G 142 -51.60 6.23 44.91
C ASN G 142 -50.98 5.20 45.85
N PHE G 143 -50.23 4.26 45.28
CA PHE G 143 -49.62 3.18 46.03
C PHE G 143 -48.08 3.19 45.93
N TYR G 144 -47.47 2.45 46.82
CA TYR G 144 -46.01 2.34 46.87
C TYR G 144 -45.71 1.09 47.62
N PRO G 145 -44.78 0.26 47.17
CA PRO G 145 -43.94 0.44 45.97
C PRO G 145 -44.67 0.09 44.68
N ARG G 146 -43.96 0.17 43.56
CA ARG G 146 -44.55 0.03 42.25
C ARG G 146 -45.12 -1.33 41.96
N GLU G 147 -44.60 -2.39 42.58
CA GLU G 147 -44.96 -3.74 42.20
C GLU G 147 -46.40 -4.06 42.62
N ALA G 148 -47.25 -4.45 41.68
CA ALA G 148 -48.65 -4.72 41.98
C ALA G 148 -49.13 -5.72 40.98
N LYS G 149 -50.05 -6.58 41.36
CA LYS G 149 -50.56 -7.58 40.45
C LYS G 149 -52.03 -7.35 40.32
N VAL G 150 -52.51 -7.25 39.08
CA VAL G 150 -53.93 -7.10 38.86
C VAL G 150 -54.35 -8.32 38.08
N GLN G 151 -55.35 -9.07 38.56
CA GLN G 151 -55.91 -10.19 37.79
C GLN G 151 -57.37 -9.90 37.46
N TRP G 152 -57.77 -10.15 36.22
CA TRP G 152 -59.16 -9.97 35.84
C TRP G 152 -59.90 -11.29 35.90
N LYS G 153 -61.14 -11.28 36.41
CA LYS G 153 -61.97 -12.48 36.49
C LYS G 153 -63.33 -12.19 35.89
N VAL G 154 -63.81 -13.11 35.05
CA VAL G 154 -65.11 -12.96 34.39
C VAL G 154 -65.86 -14.22 34.76
N ASP G 155 -66.95 -14.08 35.51
CA ASP G 155 -67.64 -15.21 36.19
C ASP G 155 -66.65 -16.21 36.82
N ASN G 156 -65.68 -15.66 37.55
CA ASN G 156 -64.61 -16.43 38.20
C ASN G 156 -63.57 -17.11 37.31
N ALA G 157 -63.62 -16.85 36.01
CA ALA G 157 -62.62 -17.37 35.09
C ALA G 157 -61.48 -16.35 34.95
N LEU G 158 -60.29 -16.75 35.35
CA LEU G 158 -59.08 -15.94 35.26
C LEU G 158 -58.79 -15.58 33.81
N GLN G 159 -58.69 -14.29 33.51
CA GLN G 159 -58.45 -13.83 32.14
C GLN G 159 -56.97 -13.71 31.81
N SER G 160 -56.64 -13.95 30.55
CA SER G 160 -55.39 -13.50 29.93
C SER G 160 -55.57 -13.69 28.45
N GLY G 161 -54.78 -13.10 27.57
CA GLY G 161 -54.18 -11.81 27.65
C GLY G 161 -55.05 -10.89 26.81
N ASN G 162 -56.11 -10.43 27.43
CA ASN G 162 -57.07 -9.51 26.85
C ASN G 162 -57.10 -8.22 27.69
N SER G 163 -56.04 -7.96 28.45
CA SER G 163 -55.89 -6.71 29.20
C SER G 163 -54.53 -6.02 28.95
N GLN G 164 -54.46 -4.71 29.20
CA GLN G 164 -53.19 -3.94 29.16
C GLN G 164 -53.11 -2.96 30.35
N GLU G 165 -51.90 -2.81 30.90
CA GLU G 165 -51.65 -1.92 32.02
C GLU G 165 -50.86 -0.72 31.63
N SER G 166 -51.07 0.38 32.34
CA SER G 166 -50.27 1.58 32.22
C SER G 166 -49.99 2.13 33.61
N VAL G 167 -48.76 2.64 33.85
CA VAL G 167 -48.38 3.13 35.17
C VAL G 167 -47.88 4.57 35.04
N THR G 168 -48.22 5.40 36.01
CA THR G 168 -47.69 6.75 36.02
C THR G 168 -46.29 6.76 36.65
N GLU G 169 -45.60 7.86 36.42
CA GLU G 169 -44.35 8.10 37.14
C GLU G 169 -44.64 8.54 38.56
N GLN G 170 -43.65 8.48 39.43
CA GLN G 170 -43.85 8.88 40.81
C GLN G 170 -44.41 10.30 40.95
N ASP G 171 -45.46 10.42 41.74
CA ASP G 171 -46.20 11.66 41.86
C ASP G 171 -45.29 12.70 42.52
N SER G 172 -45.34 13.94 42.02
CA SER G 172 -44.43 14.98 42.50
C SER G 172 -44.66 15.38 43.91
N LYS G 173 -45.86 15.19 44.46
CA LYS G 173 -46.16 15.55 45.83
C LYS G 173 -46.03 14.40 46.85
N ASP G 174 -46.52 13.20 46.55
CA ASP G 174 -46.46 12.09 47.52
C ASP G 174 -45.62 10.89 47.13
N SER G 175 -44.97 10.93 45.96
CA SER G 175 -44.05 9.89 45.53
C SER G 175 -44.70 8.55 45.29
N THR G 176 -46.02 8.52 45.11
CA THR G 176 -46.72 7.27 44.83
C THR G 176 -46.88 7.03 43.34
N TYR G 177 -47.30 5.81 43.01
CA TYR G 177 -47.66 5.39 41.67
C TYR G 177 -49.19 5.20 41.60
N SER G 178 -49.71 5.31 40.37
CA SER G 178 -51.05 4.85 40.06
C SER G 178 -50.98 3.99 38.81
N LEU G 179 -51.95 3.10 38.69
CA LEU G 179 -51.93 2.08 37.63
C LEU G 179 -53.34 1.88 37.11
N SER G 180 -53.48 1.77 35.79
CA SER G 180 -54.74 1.39 35.19
C SER G 180 -54.52 0.09 34.49
N SER G 181 -55.53 -0.80 34.59
CA SER G 181 -55.60 -2.01 33.79
C SER G 181 -56.93 -1.98 33.07
N THR G 182 -56.87 -2.26 31.77
CA THR G 182 -58.02 -2.19 30.92
C THR G 182 -58.25 -3.55 30.29
N LEU G 183 -59.45 -4.10 30.54
CA LEU G 183 -59.90 -5.36 29.94
C LEU G 183 -60.80 -4.99 28.77
N THR G 184 -60.49 -5.53 27.59
CA THR G 184 -61.24 -5.21 26.35
C THR G 184 -61.88 -6.49 25.83
N LEU G 185 -63.21 -6.45 25.66
CA LEU G 185 -64.00 -7.52 25.07
C LEU G 185 -64.89 -6.96 23.97
N SER G 186 -65.27 -7.81 23.02
CA SER G 186 -66.35 -7.43 22.13
C SER G 186 -67.67 -7.35 22.91
N LYS G 187 -68.63 -6.61 22.35
CA LYS G 187 -70.01 -6.56 22.90
C LYS G 187 -70.58 -7.97 23.11
N ALA G 188 -70.43 -8.84 22.11
CA ALA G 188 -70.96 -10.21 22.17
C ALA G 188 -70.35 -11.01 23.32
N ASP G 189 -69.03 -10.91 23.52
CA ASP G 189 -68.37 -11.63 24.64
C ASP G 189 -68.78 -11.03 25.99
N TYR G 190 -68.88 -9.70 26.06
CA TYR G 190 -69.23 -9.01 27.29
C TYR G 190 -70.66 -9.37 27.75
N GLU G 191 -71.60 -9.41 26.82
CA GLU G 191 -72.99 -9.73 27.16
C GLU G 191 -73.23 -11.20 27.55
N LYS G 192 -72.26 -12.08 27.27
CA LYS G 192 -72.33 -13.49 27.70
C LYS G 192 -72.05 -13.72 29.22
N HIS G 193 -71.57 -12.71 29.95
CA HIS G 193 -71.15 -12.90 31.35
C HIS G 193 -71.73 -11.84 32.28
N LYS G 194 -71.79 -12.19 33.56
CA LYS G 194 -72.40 -11.36 34.60
C LYS G 194 -71.36 -10.61 35.43
N VAL G 195 -70.51 -11.33 36.18
CA VAL G 195 -69.63 -10.65 37.16
C VAL G 195 -68.22 -10.36 36.60
N TYR G 196 -67.86 -9.07 36.62
CA TYR G 196 -66.57 -8.56 36.17
C TYR G 196 -65.80 -8.13 37.41
N ALA G 197 -64.63 -8.70 37.59
CA ALA G 197 -63.85 -8.48 38.81
C ALA G 197 -62.40 -8.20 38.50
N CYS G 198 -61.84 -7.26 39.25
CA CYS G 198 -60.44 -6.89 39.22
C CYS G 198 -59.86 -7.25 40.61
N GLU G 199 -58.90 -8.17 40.65
CA GLU G 199 -58.30 -8.61 41.90
C GLU G 199 -56.91 -8.03 41.97
N VAL G 200 -56.64 -7.31 43.04
CA VAL G 200 -55.36 -6.63 43.20
C VAL G 200 -54.56 -7.17 44.38
N THR G 201 -53.30 -7.52 44.12
CA THR G 201 -52.36 -7.96 45.16
C THR G 201 -51.24 -6.90 45.25
N HIS G 202 -50.96 -6.49 46.47
CA HIS G 202 -49.95 -5.47 46.75
C HIS G 202 -49.54 -5.60 48.22
N GLN G 203 -48.27 -5.38 48.51
CA GLN G 203 -47.81 -5.61 49.88
C GLN G 203 -48.48 -4.74 50.95
N GLY G 204 -49.04 -3.61 50.54
CA GLY G 204 -49.78 -2.74 51.41
C GLY G 204 -51.07 -3.25 51.92
N LEU G 205 -51.65 -4.22 51.21
CA LEU G 205 -52.93 -4.81 51.52
C LEU G 205 -52.71 -6.03 52.40
N SER G 206 -53.57 -6.27 53.37
CA SER G 206 -53.38 -7.47 54.21
C SER G 206 -53.73 -8.75 53.41
N SER G 207 -54.69 -8.65 52.49
CA SER G 207 -54.95 -9.71 51.52
C SER G 207 -55.42 -9.06 50.26
N PRO G 208 -55.45 -9.83 49.15
CA PRO G 208 -55.91 -9.27 47.86
C PRO G 208 -57.27 -8.66 47.93
N VAL G 209 -57.45 -7.51 47.31
CA VAL G 209 -58.72 -6.80 47.28
C VAL G 209 -59.34 -7.08 45.93
N THR G 210 -60.61 -7.45 45.90
CA THR G 210 -61.28 -7.64 44.62
C THR G 210 -62.40 -6.65 44.52
N LYS G 211 -62.41 -5.83 43.47
CA LYS G 211 -63.52 -4.91 43.19
C LYS G 211 -64.30 -5.47 42.00
N SER G 212 -65.62 -5.37 42.03
CA SER G 212 -66.42 -5.99 41.01
C SER G 212 -67.79 -5.31 40.75
N PHE G 213 -68.39 -5.66 39.61
CA PHE G 213 -69.77 -5.30 39.32
C PHE G 213 -70.43 -6.45 38.58
N ASN G 214 -71.77 -6.43 38.59
CA ASN G 214 -72.60 -7.27 37.72
C ASN G 214 -73.08 -6.45 36.52
N ARG G 215 -72.94 -7.02 35.32
CA ARG G 215 -73.41 -6.35 34.10
C ARG G 215 -74.94 -6.13 34.28
N GLY G 216 -75.39 -4.86 34.31
CA GLY G 216 -76.67 -4.45 34.96
C GLY G 216 -76.36 -3.66 36.24
N GLN H 1 -23.71 -27.97 -21.92
CA GLN H 1 -22.62 -28.08 -20.93
C GLN H 1 -21.46 -27.17 -21.35
N VAL H 2 -20.33 -27.36 -20.71
CA VAL H 2 -19.19 -26.49 -20.89
C VAL H 2 -18.60 -26.60 -22.30
N GLN H 3 -18.54 -25.50 -23.06
CA GLN H 3 -17.90 -25.59 -24.38
C GLN H 3 -17.04 -24.35 -24.73
N LEU H 4 -15.93 -24.61 -25.42
CA LEU H 4 -15.00 -23.60 -25.88
C LEU H 4 -14.83 -23.72 -27.39
N VAL H 5 -15.23 -22.69 -28.13
CA VAL H 5 -15.18 -22.76 -29.62
C VAL H 5 -14.17 -21.77 -30.13
N GLN H 6 -13.14 -22.27 -30.80
CA GLN H 6 -12.07 -21.43 -31.30
C GLN H 6 -12.26 -21.04 -32.74
N SER H 7 -11.57 -19.95 -33.12
CA SER H 7 -11.62 -19.48 -34.49
C SER H 7 -10.84 -20.41 -35.44
N GLY H 8 -11.03 -20.19 -36.72
CA GLY H 8 -10.44 -20.98 -37.78
C GLY H 8 -8.95 -20.79 -38.05
N ALA H 9 -8.43 -21.70 -38.87
CA ALA H 9 -7.00 -21.85 -39.13
C ALA H 9 -6.42 -20.59 -39.77
N GLU H 10 -5.16 -20.29 -39.51
CA GLU H 10 -4.53 -19.11 -40.13
C GLU H 10 -3.32 -19.58 -40.88
N VAL H 11 -3.10 -18.98 -42.06
CA VAL H 11 -1.92 -19.24 -42.83
C VAL H 11 -1.37 -17.87 -43.17
N VAL H 12 -0.19 -17.55 -42.64
CA VAL H 12 0.32 -16.18 -42.72
C VAL H 12 1.81 -16.18 -42.97
N LYS H 13 2.30 -15.01 -43.34
CA LYS H 13 3.69 -14.81 -43.63
C LYS H 13 4.45 -14.38 -42.37
N PRO H 14 5.78 -14.62 -42.33
CA PRO H 14 6.64 -14.18 -41.25
C PRO H 14 6.60 -12.63 -41.04
N GLY H 15 6.44 -12.21 -39.79
CA GLY H 15 6.29 -10.80 -39.43
C GLY H 15 4.86 -10.37 -39.24
N ALA H 16 3.91 -11.18 -39.67
CA ALA H 16 2.51 -10.91 -39.44
C ALA H 16 2.14 -11.16 -37.98
N SER H 17 0.94 -10.69 -37.67
CA SER H 17 0.28 -10.97 -36.43
C SER H 17 -0.98 -11.72 -36.78
N VAL H 18 -1.47 -12.54 -35.85
CA VAL H 18 -2.84 -13.10 -35.89
C VAL H 18 -3.45 -12.88 -34.52
N LYS H 19 -4.78 -12.77 -34.51
CA LYS H 19 -5.56 -12.67 -33.29
C LYS H 19 -6.55 -13.80 -33.24
N LEU H 20 -6.34 -14.73 -32.30
CA LEU H 20 -7.16 -15.91 -32.15
C LEU H 20 -8.26 -15.64 -31.13
N SER H 21 -9.44 -16.21 -31.35
CA SER H 21 -10.54 -16.12 -30.40
C SER H 21 -10.97 -17.50 -29.85
N CYS H 22 -11.58 -17.44 -28.67
CA CYS H 22 -12.06 -18.57 -27.88
C CYS H 22 -13.38 -18.19 -27.21
N LYS H 23 -14.50 -18.56 -27.84
CA LYS H 23 -15.84 -18.33 -27.31
C LYS H 23 -16.29 -19.41 -26.32
N ALA H 24 -16.68 -18.98 -25.13
CA ALA H 24 -17.07 -19.86 -24.04
C ALA H 24 -18.58 -19.79 -23.81
N SER H 25 -19.17 -20.95 -23.56
CA SER H 25 -20.56 -21.05 -23.12
C SER H 25 -20.72 -22.21 -22.16
N GLY H 26 -21.87 -22.19 -21.48
CA GLY H 26 -22.28 -23.27 -20.60
C GLY H 26 -21.76 -23.19 -19.19
N TYR H 27 -21.19 -22.04 -18.80
CA TYR H 27 -20.73 -21.85 -17.46
C TYR H 27 -20.56 -20.34 -17.26
N ILE H 28 -20.26 -19.91 -16.05
CA ILE H 28 -20.06 -18.46 -15.81
C ILE H 28 -18.63 -18.10 -16.21
N PHE H 29 -18.49 -17.41 -17.34
CA PHE H 29 -17.18 -17.14 -17.98
C PHE H 29 -16.20 -16.47 -17.01
N THR H 30 -16.73 -15.60 -16.17
CA THR H 30 -15.90 -14.84 -15.24
C THR H 30 -15.38 -15.62 -14.01
N SER H 31 -15.84 -16.85 -13.79
CA SER H 31 -15.51 -17.60 -12.59
C SER H 31 -14.30 -18.52 -12.78
N TYR H 32 -13.77 -18.62 -14.00
CA TYR H 32 -12.67 -19.51 -14.26
C TYR H 32 -11.57 -18.83 -15.06
N TYR H 33 -10.32 -19.08 -14.67
CA TYR H 33 -9.20 -18.64 -15.47
C TYR H 33 -9.21 -19.37 -16.83
N MET H 34 -8.82 -18.63 -17.87
CA MET H 34 -8.54 -19.19 -19.18
C MET H 34 -7.05 -19.24 -19.45
N TYR H 35 -6.61 -20.45 -19.83
CA TYR H 35 -5.25 -20.68 -20.30
C TYR H 35 -5.17 -20.78 -21.82
N TRP H 36 -3.98 -20.45 -22.33
CA TRP H 36 -3.61 -20.79 -23.66
C TRP H 36 -2.38 -21.64 -23.72
N VAL H 37 -2.41 -22.58 -24.66
CA VAL H 37 -1.46 -23.69 -24.69
C VAL H 37 -1.12 -23.91 -26.15
N LYS H 38 0.17 -24.09 -26.44
CA LYS H 38 0.69 -24.29 -27.78
C LYS H 38 1.04 -25.77 -27.93
N GLN H 39 0.81 -26.33 -29.10
CA GLN H 39 1.28 -27.70 -29.42
C GLN H 39 1.87 -27.68 -30.83
N ALA H 40 3.18 -27.80 -30.94
CA ALA H 40 3.83 -27.52 -32.26
C ALA H 40 3.88 -28.84 -32.90
N PRO H 41 3.83 -28.90 -34.27
CA PRO H 41 3.88 -30.17 -35.00
C PRO H 41 4.89 -31.15 -34.40
N GLY H 42 5.93 -30.67 -33.74
CA GLY H 42 6.64 -31.49 -32.75
C GLY H 42 7.57 -30.74 -31.85
N GLY H 44 4.31 -31.92 -28.62
CA GLY H 44 4.67 -31.26 -27.31
C GLY H 44 3.89 -30.01 -26.75
N LEU H 45 3.22 -30.18 -25.59
CA LEU H 45 2.37 -29.16 -24.99
C LEU H 45 3.11 -28.11 -24.14
N GLU H 46 2.86 -26.83 -24.42
CA GLU H 46 3.49 -25.71 -23.71
C GLU H 46 2.46 -24.66 -23.31
N TRP H 47 2.48 -24.28 -22.05
CA TRP H 47 1.55 -23.30 -21.54
C TRP H 47 2.07 -21.90 -21.85
N ILE H 48 1.21 -21.07 -22.41
CA ILE H 48 1.61 -19.76 -22.88
C ILE H 48 1.33 -18.72 -21.80
N GLY H 49 0.14 -18.81 -21.21
CA GLY H 49 -0.22 -17.87 -20.18
C GLY H 49 -1.68 -18.03 -19.83
N GLU H 50 -2.13 -17.09 -19.01
CA GLU H 50 -3.47 -17.11 -18.48
C GLU H 50 -4.05 -15.71 -18.40
N ILE H 51 -5.38 -15.66 -18.43
CA ILE H 51 -6.11 -14.44 -18.22
C ILE H 51 -7.22 -14.71 -17.21
N ASN H 52 -7.43 -13.81 -16.28
CA ASN H 52 -8.63 -13.79 -15.44
C ASN H 52 -9.74 -13.03 -16.17
N PRO H 53 -10.79 -13.70 -16.64
CA PRO H 53 -11.83 -12.97 -17.35
C PRO H 53 -12.62 -11.89 -16.58
N SER H 54 -12.65 -11.98 -15.28
CA SER H 54 -13.33 -11.03 -14.44
C SER H 54 -12.75 -9.61 -14.59
N ASN H 55 -11.43 -9.51 -14.69
CA ASN H 55 -10.75 -8.17 -14.69
C ASN H 55 -9.72 -7.97 -15.80
N GLY H 56 -9.40 -9.01 -16.59
CA GLY H 56 -8.38 -8.91 -17.64
C GLY H 56 -6.94 -9.05 -17.16
N ASP H 57 -6.73 -9.45 -15.89
CA ASP H 57 -5.40 -9.66 -15.32
C ASP H 57 -4.77 -10.86 -16.04
N THR H 58 -3.47 -10.79 -16.27
CA THR H 58 -2.75 -11.82 -17.00
C THR H 58 -1.46 -12.18 -16.33
N ASN H 59 -1.00 -13.42 -16.56
CA ASN H 59 0.36 -13.82 -16.25
C ASN H 59 0.85 -14.69 -17.40
N PHE H 60 2.16 -14.68 -17.60
CA PHE H 60 2.74 -15.34 -18.78
C PHE H 60 3.87 -16.26 -18.45
N ASN H 61 4.02 -17.26 -19.31
CA ASN H 61 5.27 -17.99 -19.37
C ASN H 61 6.31 -17.02 -19.92
N GLU H 62 7.44 -16.96 -19.25
CA GLU H 62 8.59 -16.11 -19.71
C GLU H 62 8.93 -16.37 -21.20
N LYS H 63 8.80 -17.60 -21.64
CA LYS H 63 9.04 -17.96 -23.04
C LYS H 63 8.14 -17.23 -24.05
N PHE H 64 6.95 -16.76 -23.64
CA PHE H 64 5.97 -16.20 -24.56
C PHE H 64 5.59 -14.76 -24.30
N LYS H 65 6.21 -14.18 -23.30
CA LYS H 65 5.84 -12.86 -22.82
C LYS H 65 5.97 -11.79 -23.94
N SER H 66 6.99 -11.88 -24.78
CA SER H 66 7.04 -10.89 -25.88
C SER H 66 6.11 -11.23 -27.06
N LYS H 67 5.63 -12.43 -27.12
CA LYS H 67 4.95 -12.98 -28.29
C LYS H 67 3.42 -12.84 -28.22
N ALA H 68 2.84 -12.93 -27.02
CA ALA H 68 1.42 -13.17 -26.85
C ALA H 68 0.77 -12.03 -26.07
N THR H 69 -0.40 -11.60 -26.51
CA THR H 69 -1.19 -10.57 -25.81
C THR H 69 -2.54 -11.20 -25.54
N LEU H 70 -2.97 -11.20 -24.28
CA LEU H 70 -4.22 -11.87 -23.89
C LEU H 70 -5.25 -10.85 -23.43
N THR H 71 -6.45 -10.93 -24.00
CA THR H 71 -7.57 -10.06 -23.62
C THR H 71 -8.83 -10.88 -23.50
N VAL H 72 -9.87 -10.27 -22.95
CA VAL H 72 -11.21 -10.81 -23.00
C VAL H 72 -12.25 -9.73 -23.29
N ASP H 73 -13.36 -10.16 -23.85
CA ASP H 73 -14.55 -9.37 -23.92
C ASP H 73 -15.59 -10.16 -23.15
N LYS H 74 -15.82 -9.72 -21.92
CA LYS H 74 -16.74 -10.35 -20.98
C LYS H 74 -18.15 -10.43 -21.51
N SER H 75 -18.58 -9.34 -22.12
CA SER H 75 -19.94 -9.19 -22.63
C SER H 75 -20.31 -10.27 -23.67
N ALA H 76 -19.28 -10.64 -24.44
CA ALA H 76 -19.26 -11.65 -25.48
C ALA H 76 -18.71 -13.04 -25.06
N SER H 77 -18.32 -13.20 -23.79
CA SER H 77 -17.72 -14.47 -23.31
C SER H 77 -16.63 -15.03 -24.18
N THR H 78 -15.73 -14.16 -24.58
CA THR H 78 -14.71 -14.51 -25.54
C THR H 78 -13.35 -14.06 -25.02
N ALA H 79 -12.37 -14.96 -25.13
CA ALA H 79 -11.00 -14.67 -24.84
C ALA H 79 -10.24 -14.63 -26.13
N TYR H 80 -9.25 -13.77 -26.18
CA TYR H 80 -8.44 -13.59 -27.37
C TYR H 80 -7.01 -13.68 -27.08
N MET H 81 -6.28 -14.21 -28.05
CA MET H 81 -4.84 -14.21 -27.99
C MET H 81 -4.25 -13.67 -29.27
N GLU H 82 -3.45 -12.62 -29.14
CA GLU H 82 -2.78 -12.07 -30.28
C GLU H 82 -1.30 -12.47 -30.27
N LEU H 83 -0.84 -13.02 -31.40
CA LEU H 83 0.53 -13.46 -31.58
C LEU H 83 1.17 -12.53 -32.57
N SER H 84 2.28 -11.88 -32.18
CA SER H 84 2.96 -10.87 -33.02
C SER H 84 4.36 -11.34 -33.48
N SER H 85 4.94 -10.61 -34.42
CA SER H 85 6.26 -10.94 -34.99
C SER H 85 6.38 -12.41 -35.35
N LEU H 86 5.38 -12.94 -36.05
CA LEU H 86 5.34 -14.39 -36.32
C LEU H 86 6.53 -14.87 -37.15
N ARG H 87 7.10 -16.00 -36.72
CA ARG H 87 8.14 -16.73 -37.45
C ARG H 87 7.79 -18.19 -37.58
N SER H 88 8.47 -18.89 -38.47
CA SER H 88 8.04 -20.23 -38.80
C SER H 88 7.95 -21.12 -37.54
N GLU H 89 8.81 -20.86 -36.56
CA GLU H 89 8.78 -21.59 -35.29
C GLU H 89 7.54 -21.34 -34.44
N ASP H 90 6.67 -20.41 -34.85
CA ASP H 90 5.36 -20.24 -34.20
C ASP H 90 4.28 -21.14 -34.79
N THR H 91 4.63 -21.89 -35.83
CA THR H 91 3.69 -22.82 -36.45
C THR H 91 3.29 -23.87 -35.39
N ALA H 92 1.99 -23.97 -35.16
CA ALA H 92 1.50 -24.81 -34.08
C ALA H 92 -0.01 -24.88 -34.08
N VAL H 93 -0.54 -25.85 -33.33
CA VAL H 93 -1.91 -25.75 -32.88
C VAL H 93 -1.92 -25.01 -31.54
N TYR H 94 -2.85 -24.07 -31.39
CA TYR H 94 -3.02 -23.27 -30.21
C TYR H 94 -4.40 -23.54 -29.62
N TYR H 95 -4.42 -23.89 -28.34
CA TYR H 95 -5.64 -24.17 -27.59
C TYR H 95 -5.95 -23.08 -26.59
N CYS H 96 -7.24 -22.80 -26.37
CA CYS H 96 -7.67 -22.22 -25.08
C CYS H 96 -8.19 -23.36 -24.24
N THR H 97 -8.02 -23.24 -22.92
CA THR H 97 -8.55 -24.26 -22.02
C THR H 97 -8.90 -23.61 -20.66
N ARG H 98 -10.05 -24.01 -20.12
CA ARG H 98 -10.56 -23.47 -18.85
C ARG H 98 -9.81 -24.14 -17.75
N SER H 99 -9.45 -23.38 -16.72
CA SER H 99 -8.80 -23.98 -15.62
C SER H 99 -9.60 -23.90 -14.36
N ASP H 100 -9.63 -24.99 -13.65
CA ASP H 100 -10.23 -25.06 -12.36
C ASP H 100 -9.11 -24.79 -11.34
N GLY H 101 -9.30 -23.64 -10.65
CA GLY H 101 -8.40 -23.17 -9.63
C GLY H 101 -6.96 -22.92 -10.06
N ARG H 102 -6.73 -22.73 -11.36
CA ARG H 102 -5.40 -22.56 -11.92
C ARG H 102 -4.54 -23.75 -11.61
N ASN H 103 -5.15 -24.93 -11.64
CA ASN H 103 -4.45 -26.17 -11.42
C ASN H 103 -4.59 -27.07 -12.66
N ASP H 104 -5.67 -27.85 -12.72
CA ASP H 104 -5.94 -28.66 -13.87
C ASP H 104 -6.66 -27.83 -14.95
N MET H 105 -6.71 -28.39 -16.15
CA MET H 105 -7.29 -27.78 -17.37
C MET H 105 -8.43 -28.69 -17.79
N ASP H 106 -9.64 -28.32 -17.40
CA ASP H 106 -10.75 -29.25 -17.44
C ASP H 106 -11.63 -29.24 -18.69
N SER H 107 -11.55 -28.22 -19.52
CA SER H 107 -12.24 -28.24 -20.85
C SER H 107 -11.42 -27.48 -21.82
N TRP H 108 -11.43 -27.95 -23.04
CA TRP H 108 -10.47 -27.44 -24.03
C TRP H 108 -11.23 -27.05 -25.28
N GLY H 109 -10.80 -25.98 -25.90
CA GLY H 109 -11.21 -25.68 -27.27
C GLY H 109 -10.68 -26.69 -28.26
N GLN H 110 -11.20 -26.64 -29.49
CA GLN H 110 -10.83 -27.59 -30.53
C GLN H 110 -9.43 -27.32 -31.12
N GLY H 111 -8.89 -26.13 -30.82
CA GLY H 111 -7.57 -25.75 -31.29
C GLY H 111 -7.64 -24.99 -32.60
N THR H 112 -6.68 -24.10 -32.80
CA THR H 112 -6.54 -23.31 -34.00
C THR H 112 -5.14 -23.51 -34.50
N LEU H 113 -5.07 -23.99 -35.73
CA LEU H 113 -3.84 -24.15 -36.45
C LEU H 113 -3.39 -22.80 -36.99
N VAL H 114 -2.17 -22.44 -36.65
CA VAL H 114 -1.49 -21.32 -37.22
C VAL H 114 -0.26 -21.85 -37.93
N THR H 115 -0.16 -21.55 -39.21
CA THR H 115 0.94 -21.95 -40.07
C THR H 115 1.60 -20.67 -40.55
N VAL H 116 2.89 -20.50 -40.22
CA VAL H 116 3.62 -19.37 -40.73
C VAL H 116 4.78 -19.79 -41.63
N SER H 117 4.79 -19.18 -42.79
CA SER H 117 5.70 -19.57 -43.86
C SER H 117 5.81 -18.49 -44.91
N SER H 118 7.05 -18.33 -45.38
CA SER H 118 7.42 -17.53 -46.57
C SER H 118 6.74 -18.01 -47.83
N ALA H 119 6.45 -19.30 -47.89
CA ALA H 119 5.83 -19.90 -49.06
C ALA H 119 4.52 -19.22 -49.49
N SER H 120 4.25 -19.26 -50.80
CA SER H 120 2.98 -18.86 -51.39
C SER H 120 2.16 -20.10 -51.84
N THR H 121 0.84 -19.95 -51.86
CA THR H 121 -0.09 -20.99 -52.32
C THR H 121 0.38 -21.58 -53.66
N LYS H 122 0.32 -22.88 -53.79
CA LYS H 122 0.81 -23.56 -54.98
C LYS H 122 0.27 -24.97 -55.00
N GLY H 123 -0.32 -25.37 -56.12
CA GLY H 123 -0.83 -26.73 -56.29
C GLY H 123 0.28 -27.74 -56.52
N PRO H 124 0.02 -29.02 -56.18
CA PRO H 124 1.04 -30.05 -56.36
C PRO H 124 1.25 -30.50 -57.81
N SER H 125 2.47 -30.93 -58.12
CA SER H 125 2.74 -31.81 -59.24
C SER H 125 2.40 -33.22 -58.76
N VAL H 126 1.89 -34.04 -59.69
CA VAL H 126 1.51 -35.41 -59.37
C VAL H 126 2.26 -36.35 -60.31
N PHE H 127 3.01 -37.28 -59.73
CA PHE H 127 3.86 -38.20 -60.48
C PHE H 127 3.48 -39.63 -60.13
N PRO H 128 3.47 -40.55 -61.13
CA PRO H 128 3.23 -41.99 -60.84
C PRO H 128 4.35 -42.63 -60.03
N LEU H 129 3.98 -43.52 -59.11
CA LEU H 129 4.88 -44.50 -58.52
C LEU H 129 4.44 -45.79 -59.18
N ALA H 130 5.12 -46.17 -60.26
CA ALA H 130 4.62 -47.22 -61.14
C ALA H 130 5.02 -48.61 -60.65
N PRO H 131 4.10 -49.59 -60.73
CA PRO H 131 4.35 -50.97 -60.33
C PRO H 131 5.24 -51.68 -61.36
N GLY H 138 6.62 -60.53 -56.20
CA GLY H 138 5.65 -61.50 -55.60
C GLY H 138 4.24 -61.49 -56.22
N GLY H 139 3.28 -62.14 -55.55
CA GLY H 139 1.85 -62.05 -55.93
C GLY H 139 1.17 -60.70 -55.66
N THR H 140 1.82 -59.82 -54.90
CA THR H 140 1.26 -58.53 -54.56
C THR H 140 2.16 -57.46 -55.15
N ALA H 141 1.56 -56.44 -55.78
CA ALA H 141 2.32 -55.28 -56.28
C ALA H 141 1.90 -54.03 -55.58
N ALA H 142 2.79 -53.05 -55.55
CA ALA H 142 2.52 -51.72 -55.00
C ALA H 142 2.62 -50.72 -56.14
N LEU H 143 1.77 -49.72 -56.08
CA LEU H 143 1.86 -48.58 -56.97
C LEU H 143 1.42 -47.37 -56.16
N GLY H 144 1.64 -46.18 -56.71
CA GLY H 144 1.26 -44.98 -56.00
C GLY H 144 1.28 -43.70 -56.82
N CYS H 145 1.04 -42.61 -56.10
CA CYS H 145 1.18 -41.24 -56.58
C CYS H 145 2.02 -40.44 -55.60
N LEU H 146 3.02 -39.74 -56.15
CA LEU H 146 3.85 -38.78 -55.42
C LEU H 146 3.22 -37.42 -55.68
N VAL H 147 2.81 -36.75 -54.61
CA VAL H 147 2.07 -35.49 -54.66
C VAL H 147 3.09 -34.49 -54.14
N LYS H 148 3.72 -33.73 -55.04
CA LYS H 148 4.93 -32.99 -54.70
C LYS H 148 4.81 -31.47 -54.87
N ASP H 149 5.41 -30.75 -53.93
CA ASP H 149 5.68 -29.32 -54.02
C ASP H 149 4.41 -28.48 -54.00
N TYR H 150 3.65 -28.62 -52.93
CA TYR H 150 2.43 -27.81 -52.73
C TYR H 150 2.46 -27.04 -51.40
N PHE H 151 1.62 -26.02 -51.32
CA PHE H 151 1.44 -25.22 -50.10
C PHE H 151 0.09 -24.51 -50.13
N PRO H 152 -0.60 -24.43 -48.99
CA PRO H 152 -0.26 -25.11 -47.75
C PRO H 152 -0.95 -26.46 -47.74
N GLU H 153 -0.95 -27.12 -46.58
CA GLU H 153 -1.73 -28.34 -46.35
CA GLU H 153 -1.74 -28.34 -46.38
C GLU H 153 -3.21 -27.95 -46.33
N PRO H 154 -4.15 -28.87 -46.60
CA PRO H 154 -3.94 -30.29 -46.95
C PRO H 154 -4.09 -30.58 -48.45
N VAL H 155 -3.71 -31.79 -48.84
CA VAL H 155 -4.24 -32.44 -50.04
C VAL H 155 -5.07 -33.64 -49.61
N THR H 156 -5.99 -34.04 -50.47
CA THR H 156 -6.69 -35.32 -50.34
C THR H 156 -6.32 -36.16 -51.57
N VAL H 157 -6.14 -37.45 -51.34
CA VAL H 157 -5.96 -38.42 -52.41
C VAL H 157 -7.02 -39.49 -52.25
N SER H 158 -7.71 -39.82 -53.33
CA SER H 158 -8.52 -41.04 -53.38
C SER H 158 -8.05 -41.86 -54.57
N TRP H 159 -8.60 -43.08 -54.69
CA TRP H 159 -8.19 -44.02 -55.73
C TRP H 159 -9.44 -44.47 -56.45
N ASN H 160 -9.41 -44.41 -57.78
CA ASN H 160 -10.57 -44.73 -58.64
C ASN H 160 -11.83 -44.04 -58.13
N SER H 161 -11.71 -42.71 -57.98
CA SER H 161 -12.72 -41.81 -57.35
C SER H 161 -13.43 -42.50 -56.18
N GLY H 162 -12.63 -43.03 -55.25
CA GLY H 162 -13.13 -43.71 -54.04
C GLY H 162 -13.75 -45.09 -54.19
N ALA H 163 -13.58 -45.74 -55.35
CA ALA H 163 -13.96 -47.15 -55.52
C ALA H 163 -12.95 -48.06 -54.78
N LEU H 164 -11.68 -47.66 -54.74
CA LEU H 164 -10.59 -48.48 -54.15
C LEU H 164 -10.08 -47.84 -52.86
N THR H 165 -10.37 -48.49 -51.73
CA THR H 165 -9.90 -48.07 -50.40
C THR H 165 -8.98 -49.09 -49.75
N SER H 166 -9.32 -50.36 -49.92
CA SER H 166 -8.55 -51.46 -49.37
C SER H 166 -7.08 -51.44 -49.79
N GLY H 167 -6.19 -51.51 -48.79
CA GLY H 167 -4.76 -51.51 -49.00
C GLY H 167 -4.18 -50.14 -49.32
N VAL H 168 -4.97 -49.07 -49.24
CA VAL H 168 -4.46 -47.72 -49.50
C VAL H 168 -3.76 -47.18 -48.25
N HIS H 169 -2.60 -46.57 -48.44
CA HIS H 169 -1.91 -45.86 -47.39
C HIS H 169 -1.50 -44.51 -47.95
N THR H 170 -2.08 -43.45 -47.37
CA THR H 170 -1.74 -42.11 -47.72
C THR H 170 -0.90 -41.58 -46.56
N PHE H 171 0.37 -41.29 -46.79
CA PHE H 171 1.28 -40.91 -45.73
C PHE H 171 1.09 -39.45 -45.33
N PRO H 172 1.38 -39.12 -44.08
CA PRO H 172 1.46 -37.68 -43.65
C PRO H 172 2.40 -36.87 -44.54
N ALA H 173 2.11 -35.60 -44.83
CA ALA H 173 3.02 -34.80 -45.64
C ALA H 173 4.33 -34.52 -44.89
N VAL H 174 5.41 -34.37 -45.63
CA VAL H 174 6.64 -33.81 -45.04
C VAL H 174 6.86 -32.39 -45.62
N LEU H 175 7.34 -31.49 -44.75
CA LEU H 175 7.79 -30.18 -45.17
C LEU H 175 9.22 -30.33 -45.72
N GLN H 176 9.41 -29.94 -46.98
CA GLN H 176 10.73 -29.99 -47.59
C GLN H 176 11.45 -28.68 -47.27
N SER H 177 12.78 -28.74 -47.36
CA SER H 177 13.62 -27.58 -47.04
C SER H 177 13.24 -26.37 -47.89
N SER H 178 12.66 -26.63 -49.07
CA SER H 178 12.10 -25.59 -49.94
C SER H 178 10.96 -24.76 -49.36
N GLY H 179 10.29 -25.25 -48.31
CA GLY H 179 9.07 -24.61 -47.80
C GLY H 179 7.78 -25.17 -48.39
N LEU H 180 7.89 -26.21 -49.21
CA LEU H 180 6.75 -26.83 -49.86
C LEU H 180 6.58 -28.24 -49.30
N TYR H 181 5.33 -28.73 -49.33
CA TYR H 181 5.02 -30.04 -48.81
C TYR H 181 5.12 -31.11 -49.89
N SER H 182 5.28 -32.36 -49.45
CA SER H 182 5.22 -33.51 -50.34
C SER H 182 4.63 -34.70 -49.59
N LEU H 183 3.92 -35.56 -50.29
CA LEU H 183 3.52 -36.85 -49.76
C LEU H 183 3.36 -37.86 -50.89
N SER H 184 3.44 -39.13 -50.54
CA SER H 184 3.01 -40.22 -51.41
C SER H 184 1.72 -40.88 -50.90
N SER H 185 0.93 -41.39 -51.82
CA SER H 185 -0.16 -42.29 -51.52
C SER H 185 0.13 -43.58 -52.31
N VAL H 186 0.05 -44.73 -51.64
CA VAL H 186 0.35 -46.00 -52.26
C VAL H 186 -0.85 -46.92 -52.01
N VAL H 187 -0.93 -47.97 -52.83
CA VAL H 187 -1.91 -49.06 -52.67
C VAL H 187 -1.24 -50.35 -53.13
N THR H 188 -1.53 -51.46 -52.45
CA THR H 188 -1.06 -52.79 -52.86
C THR H 188 -2.23 -53.55 -53.45
N VAL H 189 -2.00 -54.21 -54.56
CA VAL H 189 -3.04 -54.94 -55.26
C VAL H 189 -2.44 -56.23 -55.75
N PRO H 190 -3.29 -57.17 -56.17
CA PRO H 190 -2.76 -58.37 -56.83
C PRO H 190 -1.95 -58.02 -58.09
N SER H 191 -0.74 -58.56 -58.21
CA SER H 191 0.05 -58.47 -59.45
C SER H 191 -0.80 -58.88 -60.66
N SER H 192 -1.59 -59.94 -60.47
CA SER H 192 -2.63 -60.41 -61.41
C SER H 192 -3.50 -59.35 -62.04
N SER H 193 -3.85 -58.35 -61.25
CA SER H 193 -4.76 -57.31 -61.69
C SER H 193 -4.12 -56.21 -62.56
N LEU H 194 -2.78 -56.18 -62.67
CA LEU H 194 -2.12 -55.05 -63.36
C LEU H 194 -2.48 -54.91 -64.84
N GLY H 195 -3.05 -55.95 -65.44
CA GLY H 195 -3.66 -55.88 -66.79
C GLY H 195 -5.17 -55.65 -66.73
N THR H 196 -5.89 -56.52 -66.00
CA THR H 196 -7.37 -56.45 -65.85
C THR H 196 -7.97 -55.12 -65.31
N GLN H 197 -7.27 -54.41 -64.42
CA GLN H 197 -7.81 -53.16 -63.84
C GLN H 197 -6.86 -51.96 -63.91
N THR H 198 -7.48 -50.80 -64.12
CA THR H 198 -6.76 -49.53 -64.22
C THR H 198 -6.81 -48.80 -62.88
N TYR H 199 -5.72 -48.07 -62.61
CA TYR H 199 -5.52 -47.43 -61.31
C TYR H 199 -5.21 -45.94 -61.53
N ILE H 200 -6.07 -45.09 -60.98
CA ILE H 200 -5.94 -43.63 -61.10
C ILE H 200 -6.07 -43.04 -59.71
N CYS H 201 -5.16 -42.13 -59.37
CA CYS H 201 -5.21 -41.41 -58.09
C CYS H 201 -5.81 -40.03 -58.31
N ASN H 202 -6.68 -39.61 -57.40
CA ASN H 202 -7.40 -38.32 -57.52
C ASN H 202 -6.87 -37.36 -56.44
N VAL H 203 -6.07 -36.38 -56.85
CA VAL H 203 -5.44 -35.45 -55.94
C VAL H 203 -6.28 -34.19 -55.94
N ASN H 204 -6.68 -33.74 -54.75
CA ASN H 204 -7.31 -32.42 -54.62
C ASN H 204 -6.53 -31.56 -53.64
N HIS H 205 -6.30 -30.32 -54.05
CA HIS H 205 -5.66 -29.33 -53.23
C HIS H 205 -6.52 -28.07 -53.34
N LYS H 206 -7.39 -27.89 -52.35
CA LYS H 206 -8.40 -26.80 -52.36
C LYS H 206 -7.83 -25.36 -52.31
N PRO H 207 -6.77 -25.12 -51.53
CA PRO H 207 -6.14 -23.80 -51.52
C PRO H 207 -5.76 -23.21 -52.88
N SER H 208 -5.26 -24.03 -53.80
CA SER H 208 -4.95 -23.58 -55.18
C SER H 208 -6.03 -24.00 -56.19
N ASN H 209 -7.10 -24.60 -55.68
CA ASN H 209 -8.16 -25.24 -56.48
C ASN H 209 -7.58 -26.15 -57.59
N THR H 210 -6.60 -26.96 -57.22
CA THR H 210 -5.97 -27.87 -58.18
C THR H 210 -6.62 -29.24 -58.03
N LYS H 211 -6.88 -29.90 -59.15
CA LYS H 211 -7.39 -31.25 -59.18
C LYS H 211 -6.70 -32.01 -60.33
N VAL H 212 -5.86 -32.99 -59.97
CA VAL H 212 -5.15 -33.84 -60.94
C VAL H 212 -5.64 -35.29 -60.77
N ASP H 213 -6.00 -35.92 -61.90
CA ASP H 213 -6.29 -37.34 -61.99
C ASP H 213 -5.16 -38.01 -62.79
N LYS H 214 -4.40 -38.88 -62.12
CA LYS H 214 -3.20 -39.52 -62.70
C LYS H 214 -3.39 -41.04 -62.79
N LYS H 215 -3.39 -41.56 -64.02
CA LYS H 215 -3.38 -42.99 -64.31
C LYS H 215 -1.99 -43.54 -64.02
N VAL H 216 -1.95 -44.62 -63.24
CA VAL H 216 -0.70 -45.23 -62.85
C VAL H 216 -0.65 -46.62 -63.45
N GLU H 217 0.38 -46.87 -64.23
CA GLU H 217 0.49 -48.10 -64.98
C GLU H 217 1.94 -48.52 -65.16
N PRO H 218 2.19 -49.83 -65.44
CA PRO H 218 3.49 -50.37 -65.87
C PRO H 218 4.28 -49.50 -66.87
N ASP I 1 12.30 -24.00 -14.48
CA ASP I 1 10.99 -24.70 -14.73
C ASP I 1 11.13 -26.18 -14.38
N ILE I 2 10.03 -26.79 -13.98
CA ILE I 2 9.99 -28.22 -13.64
C ILE I 2 9.93 -29.05 -14.90
N VAL I 3 10.74 -30.10 -14.93
CA VAL I 3 10.76 -31.03 -16.06
C VAL I 3 10.05 -32.33 -15.66
N LEU I 4 9.10 -32.73 -16.51
CA LEU I 4 8.40 -33.98 -16.34
C LEU I 4 8.83 -35.01 -17.38
N THR I 5 9.27 -36.20 -16.95
CA THR I 5 9.74 -37.21 -17.85
C THR I 5 8.86 -38.41 -17.73
N GLN I 6 8.22 -38.77 -18.81
CA GLN I 6 7.31 -39.90 -18.80
C GLN I 6 7.94 -41.21 -19.29
N SER I 7 7.52 -42.35 -18.73
CA SER I 7 7.98 -43.62 -19.20
C SER I 7 6.87 -44.60 -19.25
N PRO I 8 6.95 -45.55 -20.20
CA PRO I 8 7.90 -45.56 -21.31
C PRO I 8 7.46 -44.52 -22.34
N ALA I 9 8.24 -44.29 -23.40
CA ALA I 9 7.76 -43.42 -24.50
C ALA I 9 6.53 -44.00 -25.22
N THR I 10 6.55 -45.33 -25.41
CA THR I 10 5.45 -46.07 -26.04
C THR I 10 5.21 -47.31 -25.20
N LEU I 11 3.95 -47.59 -24.87
CA LEU I 11 3.58 -48.79 -24.16
C LEU I 11 2.63 -49.55 -25.08
N SER I 12 2.99 -50.78 -25.44
CA SER I 12 2.20 -51.65 -26.28
C SER I 12 1.38 -52.59 -25.42
N VAL I 13 0.03 -52.51 -25.52
CA VAL I 13 -0.87 -53.38 -24.82
C VAL I 13 -2.06 -53.84 -25.68
N SER I 14 -2.75 -54.90 -25.27
CA SER I 14 -4.01 -55.28 -25.94
C SER I 14 -5.23 -54.78 -25.20
N PRO I 15 -6.39 -54.74 -25.90
CA PRO I 15 -7.55 -54.62 -25.06
C PRO I 15 -7.58 -55.77 -24.07
N GLY I 16 -8.10 -55.47 -22.90
CA GLY I 16 -8.24 -56.43 -21.84
C GLY I 16 -7.00 -56.60 -21.01
N GLU I 17 -5.96 -55.79 -21.22
CA GLU I 17 -4.71 -55.85 -20.45
C GLU I 17 -4.62 -54.58 -19.61
N ARG I 18 -3.94 -54.69 -18.48
CA ARG I 18 -3.67 -53.58 -17.62
C ARG I 18 -2.51 -52.73 -18.21
N ALA I 19 -2.63 -51.40 -18.15
CA ALA I 19 -1.57 -50.50 -18.60
C ALA I 19 -1.19 -49.58 -17.48
N THR I 20 0.10 -49.46 -17.18
CA THR I 20 0.55 -48.48 -16.20
C THR I 20 1.67 -47.65 -16.83
N ILE I 21 1.55 -46.33 -16.69
CA ILE I 21 2.50 -45.40 -17.27
C ILE I 21 2.98 -44.51 -16.11
N SER I 22 4.21 -44.02 -16.19
CA SER I 22 4.72 -43.19 -15.09
C SER I 22 5.19 -41.84 -15.51
N CYS I 23 5.37 -40.96 -14.51
CA CYS I 23 5.72 -39.57 -14.72
C CYS I 23 6.62 -39.14 -13.58
N ARG I 24 7.86 -38.76 -13.89
CA ARG I 24 8.83 -38.41 -12.85
C ARG I 24 9.09 -36.91 -12.96
N ALA I 25 8.93 -36.16 -11.87
CA ALA I 25 9.21 -34.71 -11.88
C ALA I 25 10.61 -34.46 -11.39
N SER I 26 11.20 -33.36 -11.85
CA SER I 26 12.56 -32.97 -11.48
C SER I 26 12.61 -32.44 -10.03
N GLN I 27 11.46 -32.12 -9.44
CA GLN I 27 11.36 -31.83 -7.99
C GLN I 27 10.04 -32.30 -7.47
N ARG I 28 9.93 -32.36 -6.14
CA ARG I 28 8.67 -32.78 -5.51
C ARG I 28 7.51 -31.80 -5.83
N VAL I 29 6.32 -32.34 -6.08
CA VAL I 29 5.11 -31.56 -6.33
C VAL I 29 3.97 -31.94 -5.40
N SER I 30 4.33 -32.46 -4.22
CA SER I 30 3.37 -32.86 -3.19
C SER I 30 3.66 -32.10 -1.95
N SER I 31 2.62 -31.74 -1.21
CA SER I 31 2.78 -31.21 0.14
C SER I 31 1.88 -31.96 1.16
N SER I 32 1.37 -31.31 2.21
CA SER I 32 0.67 -32.02 3.32
C SER I 32 -0.59 -32.72 2.89
N THR I 33 -1.39 -32.06 2.04
CA THR I 33 -2.72 -32.59 1.68
C THR I 33 -2.85 -33.03 0.21
N TYR I 34 -2.20 -32.31 -0.72
CA TYR I 34 -2.36 -32.52 -2.14
C TYR I 34 -1.05 -32.76 -2.88
N SER I 35 -1.19 -33.50 -3.98
CA SER I 35 -0.18 -33.65 -5.00
C SER I 35 -0.63 -32.87 -6.20
N TYR I 36 0.20 -31.98 -6.77
CA TYR I 36 -0.26 -31.08 -7.85
C TYR I 36 0.17 -31.66 -9.18
N MET I 37 -0.42 -32.80 -9.53
CA MET I 37 -0.08 -33.53 -10.75
C MET I 37 -1.41 -34.01 -11.34
N HIS I 38 -1.54 -33.82 -12.63
CA HIS I 38 -2.77 -34.15 -13.35
C HIS I 38 -2.45 -34.96 -14.61
N TRP I 39 -3.43 -35.73 -15.09
CA TRP I 39 -3.23 -36.53 -16.28
C TRP I 39 -4.29 -36.31 -17.34
N TYR I 40 -3.84 -36.42 -18.62
CA TYR I 40 -4.65 -36.11 -19.80
C TYR I 40 -4.50 -37.24 -20.86
N GLN I 41 -5.54 -37.42 -21.63
CA GLN I 41 -5.57 -38.21 -22.84
C GLN I 41 -5.69 -37.33 -24.06
N GLN I 42 -4.91 -37.60 -25.11
CA GLN I 42 -5.06 -36.89 -26.38
C GLN I 42 -4.95 -37.84 -27.54
N LYS I 43 -5.85 -37.68 -28.47
CA LYS I 43 -5.83 -38.39 -29.75
C LYS I 43 -5.50 -37.41 -30.86
N PRO I 44 -4.93 -37.92 -31.95
CA PRO I 44 -4.59 -37.03 -33.08
C PRO I 44 -5.78 -36.23 -33.58
N GLY I 45 -5.56 -34.95 -33.83
CA GLY I 45 -6.62 -34.07 -34.32
C GLY I 45 -7.56 -33.54 -33.23
N GLN I 46 -7.34 -33.91 -31.97
CA GLN I 46 -8.28 -33.56 -30.90
C GLN I 46 -7.56 -32.89 -29.75
N PRO I 47 -8.30 -32.07 -28.95
CA PRO I 47 -7.66 -31.55 -27.78
C PRO I 47 -7.44 -32.62 -26.71
N PRO I 48 -6.53 -32.36 -25.77
CA PRO I 48 -6.40 -33.19 -24.61
C PRO I 48 -7.70 -33.21 -23.78
N LYS I 49 -7.89 -34.28 -23.03
CA LYS I 49 -9.04 -34.44 -22.17
C LYS I 49 -8.51 -34.81 -20.79
N LEU I 50 -8.99 -34.13 -19.78
CA LEU I 50 -8.55 -34.38 -18.42
C LEU I 50 -9.13 -35.67 -17.89
N LEU I 51 -8.28 -36.47 -17.27
CA LEU I 51 -8.66 -37.78 -16.73
C LEU I 51 -8.60 -37.85 -15.23
N ILE I 52 -7.47 -37.40 -14.69
CA ILE I 52 -7.16 -37.51 -13.29
C ILE I 52 -6.57 -36.20 -12.80
N LYS I 53 -7.13 -35.71 -11.70
CA LYS I 53 -6.63 -34.46 -11.11
C LYS I 53 -6.13 -34.68 -9.69
N TYR I 54 -5.13 -33.89 -9.31
CA TYR I 54 -4.46 -34.01 -8.05
C TYR I 54 -4.07 -35.48 -7.74
N ALA I 55 -3.40 -36.07 -8.71
CA ALA I 55 -2.75 -37.39 -8.61
C ALA I 55 -3.69 -38.57 -8.64
N SER I 56 -4.82 -38.48 -7.96
CA SER I 56 -5.68 -39.65 -7.77
C SER I 56 -7.20 -39.44 -7.88
N ASN I 57 -7.64 -38.24 -8.25
CA ASN I 57 -9.08 -37.99 -8.26
C ASN I 57 -9.57 -38.11 -9.68
N LEU I 58 -10.51 -39.01 -9.89
CA LEU I 58 -11.11 -39.22 -11.18
C LEU I 58 -11.96 -38.03 -11.57
N GLU I 59 -11.68 -37.44 -12.74
CA GLU I 59 -12.48 -36.32 -13.23
C GLU I 59 -13.89 -36.80 -13.53
N SER I 60 -14.86 -35.94 -13.25
CA SER I 60 -16.28 -36.22 -13.50
C SER I 60 -16.49 -36.77 -14.91
N GLY I 61 -17.26 -37.83 -15.05
CA GLY I 61 -17.49 -38.47 -16.34
C GLY I 61 -16.41 -39.39 -16.96
N VAL I 62 -15.23 -39.49 -16.34
CA VAL I 62 -14.19 -40.35 -16.85
C VAL I 62 -14.45 -41.76 -16.31
N PRO I 63 -14.30 -42.75 -17.18
CA PRO I 63 -14.62 -44.10 -16.71
C PRO I 63 -13.76 -44.63 -15.55
N ALA I 64 -14.38 -45.51 -14.77
CA ALA I 64 -13.77 -46.07 -13.56
C ALA I 64 -12.46 -46.87 -13.76
N ARG I 65 -12.20 -47.33 -14.96
CA ARG I 65 -10.95 -48.04 -15.22
C ARG I 65 -9.70 -47.19 -15.16
N PHE I 66 -9.85 -45.87 -15.13
CA PHE I 66 -8.71 -44.97 -14.97
C PHE I 66 -8.48 -44.69 -13.50
N SER I 67 -7.21 -44.73 -13.10
CA SER I 67 -6.84 -44.42 -11.73
C SER I 67 -5.45 -43.83 -11.78
N GLY I 68 -5.14 -43.09 -10.73
CA GLY I 68 -3.83 -42.51 -10.58
C GLY I 68 -3.30 -42.62 -9.17
N SER I 69 -1.99 -42.63 -9.08
CA SER I 69 -1.36 -42.75 -7.76
C SER I 69 0.03 -42.10 -7.78
N GLY I 70 0.65 -41.97 -6.62
CA GLY I 70 1.99 -41.46 -6.49
C GLY I 70 2.08 -40.29 -5.54
N SER I 71 3.29 -39.81 -5.38
CA SER I 71 3.56 -38.63 -4.55
C SER I 71 5.00 -38.20 -4.71
N GLY I 72 5.30 -36.99 -4.28
CA GLY I 72 6.63 -36.46 -4.32
C GLY I 72 7.04 -36.18 -5.78
N THR I 73 8.05 -36.91 -6.22
CA THR I 73 8.55 -36.81 -7.59
C THR I 73 7.93 -37.85 -8.55
N ASP I 74 7.12 -38.83 -8.09
CA ASP I 74 6.78 -40.00 -8.95
C ASP I 74 5.32 -40.33 -8.91
N PHE I 75 4.73 -40.36 -10.10
CA PHE I 75 3.28 -40.53 -10.33
C PHE I 75 3.01 -41.59 -11.39
N THR I 76 1.91 -42.33 -11.23
CA THR I 76 1.55 -43.35 -12.23
C THR I 76 0.07 -43.17 -12.55
N LEU I 77 -0.26 -43.53 -13.78
CA LEU I 77 -1.63 -43.67 -14.23
C LEU I 77 -1.80 -45.13 -14.62
N THR I 78 -2.91 -45.71 -14.22
CA THR I 78 -3.25 -47.08 -14.53
C THR I 78 -4.61 -47.16 -15.24
N ILE I 79 -4.67 -47.94 -16.33
CA ILE I 79 -5.94 -48.34 -16.91
C ILE I 79 -6.12 -49.79 -16.54
N SER I 80 -7.14 -50.11 -15.76
CA SER I 80 -7.22 -51.44 -15.16
C SER I 80 -7.42 -52.51 -16.28
N SER I 81 -8.17 -52.14 -17.31
CA SER I 81 -8.40 -53.02 -18.44
C SER I 81 -8.66 -52.16 -19.62
N VAL I 82 -7.71 -52.18 -20.53
CA VAL I 82 -7.75 -51.34 -21.68
C VAL I 82 -8.96 -51.66 -22.55
N GLU I 83 -9.56 -50.60 -23.08
CA GLU I 83 -10.62 -50.72 -24.08
C GLU I 83 -10.16 -50.04 -25.38
N PRO I 84 -10.77 -50.39 -26.53
CA PRO I 84 -10.23 -49.91 -27.81
C PRO I 84 -10.16 -48.37 -27.90
N GLU I 85 -11.06 -47.66 -27.25
CA GLU I 85 -10.99 -46.17 -27.26
C GLU I 85 -9.88 -45.57 -26.42
N ASP I 86 -9.13 -46.39 -25.69
CA ASP I 86 -8.08 -45.87 -24.84
C ASP I 86 -6.74 -45.68 -25.54
N PHE I 87 -6.57 -46.22 -26.74
CA PHE I 87 -5.32 -46.06 -27.47
C PHE I 87 -5.20 -44.61 -27.90
N ALA I 88 -4.15 -43.97 -27.42
CA ALA I 88 -4.03 -42.49 -27.44
C ALA I 88 -2.72 -42.15 -26.84
N THR I 89 -2.40 -40.85 -26.82
CA THR I 89 -1.25 -40.42 -26.04
C THR I 89 -1.71 -39.80 -24.71
N TYR I 90 -0.95 -40.08 -23.66
CA TYR I 90 -1.24 -39.62 -22.29
C TYR I 90 -0.15 -38.68 -21.79
N TYR I 91 -0.55 -37.57 -21.16
CA TYR I 91 0.35 -36.60 -20.64
C TYR I 91 0.14 -36.38 -19.17
N CYS I 92 1.23 -36.20 -18.41
CA CYS I 92 1.12 -35.70 -17.04
C CYS I 92 1.41 -34.15 -17.09
N GLN I 93 0.91 -33.43 -16.09
CA GLN I 93 1.06 -31.96 -16.01
C GLN I 93 1.06 -31.58 -14.57
N HIS I 94 2.06 -30.77 -14.14
CA HIS I 94 2.03 -30.26 -12.74
C HIS I 94 1.43 -28.89 -12.67
N SER I 95 0.94 -28.56 -11.48
CA SER I 95 0.52 -27.22 -11.15
C SER I 95 1.13 -26.74 -9.85
N TRP I 96 2.41 -27.06 -9.65
CA TRP I 96 3.13 -26.70 -8.44
C TRP I 96 3.49 -25.22 -8.38
N GLU I 97 3.77 -24.66 -9.56
CA GLU I 97 4.33 -23.33 -9.71
CA GLU I 97 4.20 -23.28 -9.67
C GLU I 97 4.12 -22.87 -11.12
C DV7 I 98 5.79 -21.32 -13.38
O DV7 I 98 6.82 -21.11 -12.78
CA DV7 I 98 4.45 -21.04 -12.73
CA DV7 I 98 4.46 -21.03 -12.74
N DV7 I 98 4.38 -21.59 -11.38
CB DV7 I 98 4.25 -19.54 -12.65
CB DV7 I 98 4.30 -19.51 -12.67
CG DV7 I 98 4.36 -18.73 -13.98
CG DV7 I 98 4.27 -18.68 -14.00
CD DV7 I 98 4.60 -17.26 -13.69
CD DV7 I 98 5.65 -18.32 -14.55
CE2 DV7 I 98 5.93 -16.74 -13.75
CE2 DV7 I 98 6.60 -17.51 -13.86
CZ3 DV7 I 98 7.08 -17.52 -14.08
CZ3 DV7 I 98 6.42 -16.90 -12.60
CH2 DV7 I 98 8.33 -16.93 -14.11
CH2 DV7 I 98 7.41 -16.13 -12.03
CT DV7 I 98 8.50 -15.56 -13.85
CT DV7 I 98 8.62 -15.93 -12.69
OI DV7 I 98 9.71 -14.96 -13.88
OI DV7 I 98 9.65 -15.19 -12.20
CH1 DV7 I 98 7.38 -14.77 -13.53
CH1 DV7 I 98 8.84 -16.49 -13.92
CZ2 DV7 I 98 6.16 -15.39 -13.49
CZ2 DV7 I 98 7.84 -17.27 -14.47
OH1 DV7 I 98 5.11 -14.59 -13.18
OH1 DV7 I 98 8.13 -17.78 -15.69
CZ1 DV7 I 98 3.85 -15.05 -13.11
CZ1 DV7 I 98 7.24 -18.54 -16.33
CE1 DV7 I 98 3.59 -16.44 -13.37
CE1 DV7 I 98 5.97 -18.81 -15.73
OH2 DV7 I 98 3.07 -14.18 -12.82
OH2 DV7 I 98 7.68 -18.93 -17.40
N PRO I 99 5.82 -21.82 -14.63
CA PRO I 99 4.68 -22.20 -15.45
C PRO I 99 4.29 -23.67 -15.21
N PRO I 100 3.01 -24.00 -15.38
CA PRO I 100 2.72 -25.41 -15.43
C PRO I 100 3.44 -25.99 -16.66
N THR I 101 3.95 -27.19 -16.53
CA THR I 101 4.61 -27.88 -17.63
C THR I 101 4.05 -29.28 -17.75
N PHE I 102 4.21 -29.80 -18.96
CA PHE I 102 3.74 -31.14 -19.36
C PHE I 102 4.91 -32.07 -19.58
N GLY I 103 4.68 -33.36 -19.34
CA GLY I 103 5.56 -34.41 -19.82
C GLY I 103 5.55 -34.53 -21.34
N GLY I 104 6.51 -35.32 -21.85
CA GLY I 104 6.65 -35.53 -23.29
C GLY I 104 5.63 -36.52 -23.87
N GLY I 105 4.87 -37.18 -22.99
CA GLY I 105 3.78 -38.08 -23.38
C GLY I 105 4.18 -39.55 -23.45
N THR I 106 3.21 -40.44 -23.27
CA THR I 106 3.36 -41.86 -23.48
C THR I 106 2.33 -42.28 -24.46
N LYS I 107 2.75 -42.91 -25.56
CA LYS I 107 1.80 -43.35 -26.54
C LYS I 107 1.39 -44.76 -26.17
N LEU I 108 0.08 -44.95 -26.05
CA LEU I 108 -0.48 -46.29 -25.77
C LEU I 108 -0.88 -46.84 -27.11
N GLU I 109 -0.18 -47.88 -27.48
CA GLU I 109 -0.22 -48.45 -28.81
C GLU I 109 -0.81 -49.85 -28.75
N ILE I 110 -1.42 -50.26 -29.85
CA ILE I 110 -2.05 -51.57 -29.91
C ILE I 110 -1.00 -52.63 -30.13
N LYS I 111 -0.85 -53.48 -29.13
CA LYS I 111 0.01 -54.66 -29.26
C LYS I 111 -0.48 -55.69 -30.29
N ARG I 112 0.42 -56.18 -31.11
CA ARG I 112 0.09 -57.32 -31.98
C ARG I 112 1.40 -58.09 -32.19
N THR I 113 1.33 -59.18 -32.91
CA THR I 113 2.55 -59.98 -33.14
C THR I 113 3.48 -59.27 -34.17
N VAL I 114 4.76 -59.61 -34.11
CA VAL I 114 5.73 -59.12 -35.09
C VAL I 114 5.26 -59.45 -36.49
N ALA I 115 5.32 -58.46 -37.39
CA ALA I 115 5.07 -58.68 -38.79
C ALA I 115 6.19 -57.99 -39.61
N ALA I 116 6.76 -58.75 -40.55
CA ALA I 116 7.79 -58.19 -41.45
C ALA I 116 7.17 -57.24 -42.47
N PRO I 117 7.88 -56.15 -42.83
CA PRO I 117 7.43 -55.38 -43.98
C PRO I 117 7.60 -56.08 -45.32
N SER I 118 6.68 -55.77 -46.23
CA SER I 118 6.87 -55.96 -47.67
C SER I 118 7.54 -54.70 -48.18
N VAL I 119 8.65 -54.84 -48.92
CA VAL I 119 9.44 -53.68 -49.37
C VAL I 119 9.34 -53.53 -50.86
N PHE I 120 9.23 -52.28 -51.30
CA PHE I 120 9.02 -51.92 -52.72
C PHE I 120 9.81 -50.67 -53.01
N ILE I 121 10.39 -50.58 -54.21
CA ILE I 121 11.15 -49.38 -54.60
C ILE I 121 10.59 -48.86 -55.92
N PHE I 122 10.60 -47.52 -56.06
CA PHE I 122 10.04 -46.87 -57.22
C PHE I 122 11.06 -45.90 -57.78
N PRO I 123 11.44 -46.09 -59.05
CA PRO I 123 12.25 -45.05 -59.67
C PRO I 123 11.47 -43.75 -59.85
N PRO I 124 12.20 -42.64 -60.07
CA PRO I 124 11.53 -41.40 -60.44
C PRO I 124 10.84 -41.58 -61.77
N SER I 125 9.68 -40.97 -61.95
CA SER I 125 9.03 -40.92 -63.27
C SER I 125 9.90 -40.11 -64.26
N ASP I 126 9.86 -40.47 -65.56
CA ASP I 126 10.51 -39.65 -66.60
C ASP I 126 9.95 -38.23 -66.59
N GLU I 127 8.64 -38.14 -66.32
CA GLU I 127 7.95 -36.86 -66.23
C GLU I 127 8.58 -35.94 -65.21
N GLN I 128 8.85 -36.44 -63.99
CA GLN I 128 9.54 -35.64 -62.97
C GLN I 128 11.00 -35.34 -63.33
N LEU I 129 11.68 -36.36 -63.86
CA LEU I 129 13.01 -36.16 -64.43
C LEU I 129 13.03 -35.01 -65.44
N LYS I 130 11.96 -34.89 -66.23
CA LYS I 130 11.75 -33.79 -67.22
C LYS I 130 11.74 -32.41 -66.57
N SER I 131 11.17 -32.31 -65.36
CA SER I 131 11.16 -31.06 -64.57
C SER I 131 12.49 -30.75 -63.86
N GLY I 132 13.44 -31.68 -63.81
CA GLY I 132 14.76 -31.42 -63.21
C GLY I 132 15.05 -32.03 -61.83
N THR I 133 14.08 -32.69 -61.21
CA THR I 133 14.40 -33.40 -59.95
C THR I 133 14.05 -34.90 -60.03
N ALA I 134 14.77 -35.71 -59.25
CA ALA I 134 14.49 -37.14 -59.11
C ALA I 134 14.11 -37.44 -57.68
N SER I 135 12.89 -37.95 -57.48
CA SER I 135 12.47 -38.51 -56.18
C SER I 135 12.46 -40.02 -56.28
N VAL I 136 13.15 -40.71 -55.38
CA VAL I 136 13.08 -42.18 -55.38
C VAL I 136 12.47 -42.63 -54.04
N VAL I 137 11.49 -43.52 -54.14
CA VAL I 137 10.62 -43.85 -53.03
C VAL I 137 10.79 -45.31 -52.72
N CYS I 138 11.01 -45.55 -51.42
CA CYS I 138 11.02 -46.89 -50.86
C CYS I 138 9.84 -47.00 -49.91
N LEU I 139 9.04 -48.04 -50.10
CA LEU I 139 7.84 -48.27 -49.31
C LEU I 139 8.08 -49.51 -48.44
N LEU I 140 7.81 -49.38 -47.14
CA LEU I 140 7.79 -50.52 -46.22
C LEU I 140 6.37 -50.69 -45.77
N ASN I 141 5.77 -51.82 -46.13
CA ASN I 141 4.35 -51.97 -45.99
C ASN I 141 3.89 -52.99 -44.94
N ASN I 142 2.98 -52.53 -44.07
CA ASN I 142 2.29 -53.36 -43.12
C ASN I 142 3.17 -54.16 -42.18
N PHE I 143 3.97 -53.45 -41.39
CA PHE I 143 4.88 -54.08 -40.46
C PHE I 143 4.59 -53.71 -38.98
N TYR I 144 5.19 -54.47 -38.08
CA TYR I 144 5.04 -54.27 -36.63
C TYR I 144 6.22 -54.93 -35.97
N PRO I 145 6.94 -54.29 -35.07
CA PRO I 145 6.64 -52.98 -34.50
C PRO I 145 7.12 -51.84 -35.42
N ARG I 146 6.95 -50.65 -34.91
CA ARG I 146 7.23 -49.45 -35.69
CA ARG I 146 7.24 -49.40 -35.63
C ARG I 146 8.70 -49.21 -36.03
N GLU I 147 9.61 -49.71 -35.22
CA GLU I 147 11.03 -49.42 -35.39
C GLU I 147 11.55 -50.12 -36.67
N ALA I 148 12.12 -49.36 -37.60
CA ALA I 148 12.62 -49.88 -38.85
C ALA I 148 13.73 -48.94 -39.35
N LYS I 149 14.80 -49.51 -39.92
CA LYS I 149 15.88 -48.73 -40.42
C LYS I 149 15.87 -48.85 -41.92
N VAL I 150 15.91 -47.71 -42.60
CA VAL I 150 15.91 -47.65 -44.06
C VAL I 150 17.19 -46.95 -44.44
N GLN I 151 18.05 -47.58 -45.23
CA GLN I 151 19.35 -46.98 -45.60
C GLN I 151 19.37 -46.90 -47.11
N TRP I 152 19.66 -45.73 -47.67
CA TRP I 152 19.78 -45.59 -49.12
C TRP I 152 21.23 -45.78 -49.57
N LYS I 153 21.41 -46.50 -50.68
CA LYS I 153 22.72 -46.70 -51.29
C LYS I 153 22.65 -46.37 -52.76
N VAL I 154 23.69 -45.67 -53.24
CA VAL I 154 23.79 -45.27 -54.61
C VAL I 154 25.15 -45.75 -55.12
N ASP I 155 25.13 -46.72 -56.03
CA ASP I 155 26.33 -47.50 -56.40
C ASP I 155 27.15 -47.89 -55.16
N ASN I 156 26.43 -48.41 -54.18
CA ASN I 156 26.98 -48.88 -52.92
C ASN I 156 27.52 -47.82 -51.92
N ALA I 157 27.34 -46.53 -52.21
CA ALA I 157 27.66 -45.47 -51.26
C ALA I 157 26.42 -45.18 -50.42
N LEU I 158 26.55 -45.33 -49.10
CA LEU I 158 25.49 -45.02 -48.14
C LEU I 158 25.21 -43.53 -48.20
N GLN I 159 23.94 -43.18 -48.37
CA GLN I 159 23.50 -41.80 -48.44
C GLN I 159 23.18 -41.26 -47.06
N SER I 160 23.24 -39.94 -46.91
CA SER I 160 23.03 -39.26 -45.63
C SER I 160 22.53 -37.86 -45.88
N GLY I 161 21.45 -37.46 -45.20
CA GLY I 161 20.96 -36.07 -45.29
C GLY I 161 20.05 -35.76 -46.47
N ASN I 162 19.87 -36.68 -47.41
CA ASN I 162 19.11 -36.39 -48.64
C ASN I 162 17.84 -37.27 -48.76
N SER I 163 17.33 -37.75 -47.64
CA SER I 163 16.06 -38.50 -47.59
C SER I 163 15.19 -38.01 -46.45
N GLN I 164 13.90 -38.30 -46.55
CA GLN I 164 12.92 -38.01 -45.49
C GLN I 164 11.98 -39.23 -45.39
N GLU I 165 11.54 -39.54 -44.18
CA GLU I 165 10.59 -40.60 -43.92
C GLU I 165 9.25 -40.08 -43.48
N SER I 166 8.20 -40.80 -43.82
CA SER I 166 6.89 -40.60 -43.19
C SER I 166 6.24 -41.93 -42.82
N VAL I 167 5.49 -41.95 -41.72
CA VAL I 167 4.93 -43.17 -41.17
CA VAL I 167 4.92 -43.18 -41.19
C VAL I 167 3.43 -42.99 -40.97
N THR I 168 2.63 -44.01 -41.30
CA THR I 168 1.20 -43.96 -41.05
C THR I 168 0.95 -44.32 -39.61
N GLU I 169 -0.26 -44.02 -39.16
CA GLU I 169 -0.74 -44.52 -37.88
C GLU I 169 -1.14 -45.96 -37.97
N GLN I 170 -1.23 -46.62 -36.81
CA GLN I 170 -1.57 -48.05 -36.83
C GLN I 170 -2.83 -48.29 -37.64
N ASP I 171 -2.80 -49.26 -38.55
CA ASP I 171 -3.96 -49.61 -39.37
C ASP I 171 -5.11 -50.10 -38.51
N SER I 172 -6.31 -49.61 -38.79
CA SER I 172 -7.53 -50.00 -38.04
C SER I 172 -7.86 -51.48 -38.10
N LYS I 173 -7.51 -52.16 -39.21
CA LYS I 173 -7.80 -53.60 -39.36
C LYS I 173 -6.70 -54.50 -38.84
N ASP I 174 -5.43 -54.23 -39.13
CA ASP I 174 -4.38 -55.20 -38.72
C ASP I 174 -3.32 -54.66 -37.72
N SER I 175 -3.51 -53.42 -37.27
CA SER I 175 -2.63 -52.81 -36.29
C SER I 175 -1.19 -52.59 -36.75
N THR I 176 -0.92 -52.65 -38.05
CA THR I 176 0.44 -52.49 -38.57
C THR I 176 0.72 -51.06 -38.97
N TYR I 177 2.00 -50.78 -39.18
CA TYR I 177 2.45 -49.51 -39.71
C TYR I 177 2.90 -49.67 -41.17
N SER I 178 2.91 -48.57 -41.91
CA SER I 178 3.62 -48.48 -43.18
C SER I 178 4.47 -47.21 -43.17
N LEU I 179 5.53 -47.24 -43.98
CA LEU I 179 6.55 -46.17 -43.94
C LEU I 179 7.04 -45.90 -45.35
N SER I 180 7.20 -44.62 -45.70
CA SER I 180 7.84 -44.24 -46.96
C SER I 180 9.15 -43.56 -46.63
N SER I 181 10.15 -43.80 -47.47
CA SER I 181 11.41 -43.03 -47.42
C SER I 181 11.64 -42.53 -48.83
N THR I 182 11.85 -41.22 -48.95
CA THR I 182 11.99 -40.57 -50.21
C THR I 182 13.40 -40.00 -50.31
N LEU I 183 14.15 -40.44 -51.33
CA LEU I 183 15.52 -39.96 -51.59
C LEU I 183 15.38 -38.90 -52.66
N THR I 184 15.87 -37.69 -52.44
CA THR I 184 15.72 -36.62 -53.46
C THR I 184 17.07 -36.15 -53.98
N LEU I 185 17.20 -36.19 -55.31
CA LEU I 185 18.41 -35.76 -56.01
C LEU I 185 18.03 -34.88 -57.20
N SER I 186 18.99 -34.11 -57.70
CA SER I 186 18.80 -33.36 -58.94
C SER I 186 18.89 -34.32 -60.12
N LYS I 187 18.35 -33.91 -61.27
CA LYS I 187 18.48 -34.73 -62.52
C LYS I 187 19.95 -35.10 -62.74
N ALA I 188 20.83 -34.10 -62.65
CA ALA I 188 22.28 -34.27 -62.88
C ALA I 188 22.96 -35.30 -61.96
N ASP I 189 22.72 -35.17 -60.63
CA ASP I 189 23.29 -36.10 -59.66
C ASP I 189 22.74 -37.51 -59.91
N TYR I 190 21.45 -37.61 -60.20
CA TYR I 190 20.77 -38.89 -60.44
C TYR I 190 21.30 -39.64 -61.67
N GLU I 191 21.39 -38.91 -62.79
CA GLU I 191 21.87 -39.47 -64.05
C GLU I 191 23.36 -39.82 -64.04
N LYS I 192 24.10 -39.44 -62.99
CA LYS I 192 25.51 -39.82 -62.82
C LYS I 192 25.74 -41.20 -62.13
N HIS I 193 24.67 -41.94 -61.79
CA HIS I 193 24.78 -43.22 -61.06
C HIS I 193 23.83 -44.29 -61.63
N LYS I 194 24.14 -45.57 -61.39
CA LYS I 194 23.39 -46.70 -61.99
C LYS I 194 22.45 -47.34 -60.99
N VAL I 195 23.00 -47.93 -59.93
CA VAL I 195 22.20 -48.74 -59.01
C VAL I 195 21.72 -47.90 -57.80
N TYR I 196 20.40 -47.90 -57.60
CA TYR I 196 19.74 -47.26 -56.48
C TYR I 196 19.09 -48.34 -55.62
N ALA I 197 19.45 -48.39 -54.35
CA ALA I 197 19.02 -49.45 -53.42
C ALA I 197 18.44 -48.88 -52.12
N CYS I 198 17.38 -49.50 -51.65
CA CYS I 198 16.80 -49.26 -50.34
C CYS I 198 17.05 -50.52 -49.49
N GLU I 199 17.85 -50.41 -48.43
CA GLU I 199 18.10 -51.53 -47.51
C GLU I 199 17.29 -51.34 -46.22
N VAL I 200 16.52 -52.36 -45.91
CA VAL I 200 15.58 -52.33 -44.81
C VAL I 200 15.96 -53.35 -43.74
N THR I 201 16.08 -52.86 -42.52
CA THR I 201 16.36 -53.69 -41.35
C THR I 201 15.16 -53.61 -40.43
N HIS I 202 14.58 -54.77 -40.10
CA HIS I 202 13.41 -54.85 -39.17
C HIS I 202 13.43 -56.22 -38.50
N GLN I 203 13.00 -56.29 -37.24
CA GLN I 203 13.14 -57.55 -36.50
C GLN I 203 12.32 -58.70 -37.11
N GLY I 204 11.33 -58.38 -37.92
CA GLY I 204 10.55 -59.35 -38.68
C GLY I 204 11.29 -60.08 -39.78
N LEU I 205 12.41 -59.49 -40.24
CA LEU I 205 13.17 -59.99 -41.37
C LEU I 205 14.31 -60.75 -40.78
N SER I 206 14.64 -61.88 -41.36
CA SER I 206 15.73 -62.68 -40.78
C SER I 206 17.08 -62.04 -41.12
N SER I 207 17.15 -61.30 -42.23
CA SER I 207 18.26 -60.39 -42.43
C SER I 207 17.76 -59.27 -43.25
N PRO I 208 18.54 -58.17 -43.34
CA PRO I 208 18.05 -57.00 -44.08
C PRO I 208 17.71 -57.32 -45.50
N VAL I 209 16.65 -56.68 -45.99
CA VAL I 209 16.16 -56.86 -47.34
C VAL I 209 16.55 -55.60 -48.14
N THR I 210 17.06 -55.80 -49.35
CA THR I 210 17.43 -54.70 -50.23
C THR I 210 16.60 -54.77 -51.50
N LYS I 211 15.89 -53.69 -51.80
CA LYS I 211 15.22 -53.56 -53.08
C LYS I 211 15.96 -52.51 -53.92
N SER I 212 16.19 -52.84 -55.18
CA SER I 212 16.94 -51.95 -56.02
C SER I 212 16.50 -52.00 -57.46
N PHE I 213 17.03 -51.03 -58.21
CA PHE I 213 16.85 -50.93 -59.65
C PHE I 213 18.08 -50.27 -60.26
N ASN I 214 18.25 -50.51 -61.58
CA ASN I 214 19.21 -49.77 -62.38
C ASN I 214 18.53 -48.71 -63.22
N ARG I 215 19.03 -47.49 -63.15
CA ARG I 215 18.53 -46.40 -63.96
C ARG I 215 18.56 -46.91 -65.44
N GLY I 216 17.38 -47.19 -66.03
CA GLY I 216 17.22 -48.04 -67.26
C GLY I 216 17.25 -49.57 -67.03
C1 NAG J . 16.09 -8.69 -11.52
C1 NAG J . 13.69 -8.50 -11.63
C2 NAG J . 15.73 -9.96 -12.26
C2 NAG J . 12.82 -8.18 -12.85
C3 NAG J . 16.94 -10.48 -13.04
C3 NAG J . 12.20 -9.38 -13.54
C4 NAG J . 17.54 -9.46 -13.99
C4 NAG J . 13.16 -10.56 -13.56
C5 NAG J . 17.88 -8.23 -13.17
C5 NAG J . 13.50 -10.87 -12.10
C6 NAG J . 18.43 -7.20 -14.15
C6 NAG J . 14.48 -12.00 -11.93
C7 NAG J . 14.12 -11.52 -11.24
C7 NAG J . 11.46 -6.14 -12.84
C8 NAG J . 14.02 -12.72 -10.35
C8 NAG J . 12.29 -5.58 -13.97
N2 NAG J . 15.35 -11.09 -11.45
N2 NAG J . 11.75 -7.34 -12.37
O3 NAG J . 16.47 -11.58 -13.79
O3 NAG J . 11.82 -9.00 -14.85
O4 NAG J . 18.73 -9.99 -14.58
O4 NAG J . 12.62 -11.73 -14.16
O5 NAG J . 16.71 -7.80 -12.47
O5 NAG J . 14.24 -9.79 -11.63
O6 NAG J . 18.35 -5.86 -13.65
O6 NAG J . 15.72 -11.49 -12.48
O7 NAG J . 13.13 -11.00 -11.71
O7 NAG J . 10.53 -5.49 -12.36
C1 NAG J . 13.52 -12.19 -15.16
C2 NAG J . 13.08 -13.59 -15.54
C3 NAG J . 13.87 -14.08 -16.74
C4 NAG J . 13.99 -13.04 -17.84
C5 NAG J . 14.28 -11.62 -17.37
C6 NAG J . 13.99 -10.64 -18.51
C7 NAG J . 12.18 -14.74 -13.59
C8 NAG J . 12.42 -15.67 -12.44
N2 NAG J . 13.20 -14.47 -14.40
O3 NAG J . 13.17 -15.21 -17.21
O4 NAG J . 15.05 -13.32 -18.74
O5 NAG J . 13.49 -11.28 -16.25
O6 NAG J . 14.82 -9.46 -18.36
O7 NAG J . 11.08 -14.25 -13.74
C1 BMA J . 14.47 -13.33 -20.06
C2 BMA J . 15.55 -13.01 -21.10
C3 BMA J . 15.10 -13.25 -22.54
C4 BMA J . 14.52 -14.64 -22.62
C5 BMA J . 13.40 -14.78 -21.61
C6 BMA J . 12.83 -16.17 -21.69
O2 BMA J . 16.63 -13.88 -20.82
O3 BMA J . 16.19 -13.11 -23.46
O4 BMA J . 14.01 -14.93 -23.91
O5 BMA J . 13.90 -14.62 -20.29
O6 BMA J . 13.92 -17.04 -21.45
C1 MAN J . 13.47 -18.38 -21.70
C2 MAN J . 14.68 -19.30 -21.73
C3 MAN J . 15.51 -19.01 -22.97
C4 MAN J . 14.61 -19.09 -24.19
C5 MAN J . 13.46 -18.12 -24.06
C6 MAN J . 12.61 -18.24 -25.30
O2 MAN J . 14.20 -20.63 -21.68
O3 MAN J . 16.61 -19.92 -23.14
O4 MAN J . 15.31 -18.76 -25.40
O5 MAN J . 12.71 -18.47 -22.90
O6 MAN J . 12.70 -19.64 -25.61
C1 MAN J . 11.94 -19.98 -26.77
C2 MAN J . 11.63 -21.45 -26.63
C3 MAN J . 12.96 -22.14 -26.43
C4 MAN J . 13.72 -21.97 -27.76
C5 MAN J . 13.93 -20.48 -28.02
C6 MAN J . 14.55 -20.24 -29.38
O2 MAN J . 11.04 -21.99 -27.81
O3 MAN J . 12.72 -23.50 -26.10
O4 MAN J . 14.99 -22.64 -27.78
O5 MAN J . 12.69 -19.75 -27.96
O6 MAN J . 14.72 -18.83 -29.51
C1 MAN J . 9.64 -22.15 -27.62
C2 MAN J . 9.20 -22.98 -28.82
C3 MAN J . 9.40 -22.19 -30.11
C4 MAN J . 8.88 -20.76 -29.98
C5 MAN J . 9.28 -20.08 -28.70
C6 MAN J . 8.55 -18.76 -28.66
O2 MAN J . 7.83 -23.35 -28.68
O3 MAN J . 8.70 -22.83 -31.17
O4 MAN J . 9.34 -19.97 -31.06
O5 MAN J . 8.94 -20.91 -27.57
O6 MAN J . 9.39 -17.82 -27.97
C1 NAG K . 6.09 14.42 14.94
C1 NAG K . 6.50 14.02 12.58
C2 NAG K . 7.46 15.06 14.82
C2 NAG K . 6.28 15.15 11.60
C3 NAG K . 7.76 16.07 15.92
C3 NAG K . 7.59 15.62 10.97
C4 NAG K . 6.64 17.06 16.16
C4 NAG K . 8.59 15.88 12.06
C5 NAG K . 5.36 16.30 16.33
C5 NAG K . 8.88 14.62 12.85
C6 NAG K . 4.34 17.40 16.54
C6 NAG K . 9.75 14.92 14.07
C7 NAG K . 9.33 13.83 13.82
C7 NAG K . 5.61 13.77 9.67
C8 NAG K . 10.51 12.94 14.09
C8 NAG K . 4.47 13.58 8.72
N2 NAG K . 8.62 14.20 14.88
N2 NAG K . 5.38 14.75 10.57
O3 NAG K . 8.93 16.78 15.51
O3 NAG K . 7.33 16.82 10.27
O4 NAG K . 6.90 17.85 17.32
O4 NAG K . 9.82 16.37 11.52
O5 NAG K . 5.14 15.48 15.17
O5 NAG K . 7.67 14.13 13.36
O6 NAG K . 3.01 16.97 16.25
O6 NAG K . 9.01 15.72 15.03
O7 NAG K . 9.05 14.18 12.70
O7 NAG K . 6.63 13.08 9.58
C1 NAG K . 10.12 17.59 12.19
C2 NAG K . 11.59 17.88 11.93
C3 NAG K . 12.01 19.20 12.57
C4 NAG K . 10.98 20.28 12.37
C5 NAG K . 9.51 19.85 12.43
C6 NAG K . 8.66 20.95 11.80
C7 NAG K . 12.83 15.83 11.76
C8 NAG K . 13.61 14.78 12.48
N2 NAG K . 12.37 16.81 12.50
O3 NAG K . 13.27 19.59 12.00
O4 NAG K . 11.13 21.31 13.35
O5 NAG K . 9.29 18.64 11.73
O6 NAG K . 7.33 20.87 12.31
O7 NAG K . 12.62 15.78 10.56
C1 BMA K . 11.38 22.51 12.59
C2 BMA K . 10.85 23.73 13.33
C3 BMA K . 11.07 24.98 12.50
C4 BMA K . 12.52 25.04 12.06
C5 BMA K . 12.98 23.74 11.42
C6 BMA K . 14.46 23.76 11.10
O2 BMA K . 11.59 23.81 14.55
O3 BMA K . 10.76 26.16 13.25
O4 BMA K . 12.68 26.12 11.15
O5 BMA K . 12.76 22.67 12.34
O6 BMA K . 15.19 24.12 12.27
C1 MAN K . 16.58 24.05 11.99
C2 MAN K . 17.34 23.66 13.26
C3 MAN K . 17.14 24.72 14.35
C4 MAN K . 17.44 26.10 13.76
C5 MAN K . 16.62 26.28 12.49
C6 MAN K . 16.78 27.65 11.88
O2 MAN K . 18.73 23.55 12.94
O3 MAN K . 17.99 24.50 15.50
O4 MAN K . 17.09 27.09 14.72
O5 MAN K . 17.04 25.31 11.54
O6 MAN K . 18.14 27.71 11.49
C1 MAN K . 18.30 28.75 10.52
C2 MAN K . 19.63 28.52 9.84
C3 MAN K . 20.66 28.55 10.95
C4 MAN K . 20.65 29.97 11.50
C5 MAN K . 19.27 30.13 12.15
C6 MAN K . 19.12 31.43 12.91
O2 MAN K . 19.80 29.62 8.95
O3 MAN K . 21.95 28.15 10.49
O4 MAN K . 21.71 30.21 12.42
O5 MAN K . 18.29 30.04 11.11
O6 MAN K . 19.24 32.51 11.99
C1 MAN K . 20.34 29.20 7.70
C2 MAN K . 21.42 30.22 7.41
C3 MAN K . 20.79 31.57 7.07
C4 MAN K . 19.70 31.34 6.02
C5 MAN K . 18.66 30.40 6.51
C6 MAN K . 17.59 30.39 5.42
O2 MAN K . 22.24 29.73 6.34
O3 MAN K . 21.77 32.44 6.51
O4 MAN K . 19.05 32.55 5.62
O5 MAN K . 19.32 29.14 6.70
O6 MAN K . 16.51 29.53 5.76
C1 NAG L . -15.48 -13.60 6.08
C1 NAG L . -15.13 -11.24 6.12
C2 NAG L . -16.38 -13.14 7.22
C2 NAG L . -16.18 -10.32 5.52
C3 NAG L . -17.42 -14.18 7.53
C3 NAG L . -16.90 -9.47 6.53
C4 NAG L . -18.26 -14.58 6.35
C4 NAG L . -17.43 -10.34 7.65
C5 NAG L . -17.33 -14.94 5.21
C5 NAG L . -16.25 -11.04 8.28
C6 NAG L . -18.20 -15.13 3.96
C6 NAG L . -16.65 -12.00 9.38
C7 NAG L . -15.50 -11.77 9.05
C7 NAG L . -14.72 -8.53 4.60
C8 NAG L . -14.85 -11.75 10.40
C8 NAG L . -14.42 -7.85 3.30
N2 NAG L . -15.75 -12.97 8.52
N2 NAG L . -15.65 -9.46 4.46
O3 NAG L . -18.20 -13.56 8.52
O3 NAG L . -17.99 -8.80 5.88
O4 NAG L . -19.05 -15.72 6.73
O4 NAG L . -18.06 -9.59 8.66
O5 NAG L . -16.34 -13.94 4.98
O5 NAG L . -15.63 -11.84 7.31
O6 NAG L . -17.50 -15.80 2.92
O6 NAG L . -15.45 -12.37 10.05
O7 NAG L . -15.76 -10.76 8.45
O7 NAG L . -14.14 -8.21 5.65
C1 NAG L . -19.30 -10.23 8.93
C2 NAG L . -19.79 -9.85 10.32
C3 NAG L . -21.20 -10.37 10.59
C4 NAG L . -22.07 -10.37 9.34
C5 NAG L . -21.39 -10.62 8.02
C6 NAG L . -22.35 -10.29 6.88
C7 NAG L . -17.95 -9.51 11.86
C8 NAG L . -17.08 -10.11 12.92
N2 NAG L . -18.88 -10.32 11.36
O3 NAG L . -21.83 -9.50 11.52
O4 NAG L . -23.08 -11.36 9.47
O5 NAG L . -20.24 -9.81 7.94
O6 NAG L . -21.98 -11.04 5.74
O7 NAG L . -17.80 -8.37 11.48
C1 BMA L . -24.31 -10.62 9.39
C2 BMA L . -25.40 -11.58 8.99
C3 BMA L . -26.69 -10.83 8.72
C4 BMA L . -27.01 -10.15 10.04
C5 BMA L . -25.88 -9.25 10.48
C6 BMA L . -26.29 -8.58 11.78
O2 BMA L . -25.53 -12.46 10.10
O3 BMA L . -27.75 -11.72 8.33
O4 BMA L . -28.18 -9.35 9.91
O5 BMA L . -24.66 -10.00 10.62
O6 BMA L . -25.97 -9.48 12.83
C1 MAN L . -26.45 -8.99 14.09
C2 MAN L . -26.59 -10.18 15.05
C3 MAN L . -27.82 -11.01 14.73
C4 MAN L . -29.04 -10.11 14.64
C5 MAN L . -28.83 -9.00 13.61
C6 MAN L . -30.00 -8.00 13.54
O2 MAN L . -26.66 -9.71 16.40
O3 MAN L . -28.02 -12.02 15.73
O4 MAN L . -30.16 -10.93 14.29
O5 MAN L . -27.65 -8.25 13.92
O6 MAN L . -30.26 -7.54 14.87
C1 MAN L . -31.43 -6.71 14.97
C2 MAN L . -31.62 -6.40 16.46
C3 MAN L . -32.05 -7.65 17.21
C4 MAN L . -33.24 -8.30 16.52
C5 MAN L . -32.82 -8.57 15.08
C6 MAN L . -33.82 -9.43 14.31
O2 MAN L . -32.68 -5.47 16.71
O3 MAN L . -32.42 -7.31 18.53
O4 MAN L . -33.59 -9.52 17.16
O5 MAN L . -32.62 -7.31 14.43
O6 MAN L . -34.64 -8.55 13.54
C1 MAN L . -32.21 -4.10 16.79
C2 MAN L . -33.40 -3.38 17.45
C3 MAN L . -34.63 -3.45 16.53
C4 MAN L . -34.25 -2.94 15.13
C5 MAN L . -33.05 -3.70 14.59
C6 MAN L . -32.83 -3.10 13.21
O2 MAN L . -33.13 -2.00 17.70
O3 MAN L . -35.68 -2.64 17.10
O4 MAN L . -35.33 -2.99 14.21
O5 MAN L . -31.92 -3.55 15.51
O6 MAN L . -31.70 -3.69 12.56
C1 PEG M . 23.08 -13.01 -6.76
O1 PEG M . 24.36 -13.66 -6.82
C2 PEG M . 22.95 -11.99 -7.88
O2 PEG M . 21.62 -11.47 -7.86
C3 PEG M . 21.44 -10.07 -8.09
C4 PEG M . 21.06 -9.82 -9.54
O4 PEG M . 22.01 -8.93 -10.13
C TRS N . 11.71 -14.60 17.30
C1 TRS N . 11.07 -15.79 16.55
C2 TRS N . 10.66 -13.89 18.17
C3 TRS N . 12.36 -13.64 16.30
N TRS N . 12.78 -15.07 18.21
O1 TRS N . 11.91 -16.95 16.61
O2 TRS N . 11.20 -12.98 19.14
O3 TRS N . 11.41 -13.17 15.33
C TRS O . -4.35 5.86 -7.16
C1 TRS O . -3.54 5.67 -8.45
C2 TRS O . -5.87 5.68 -7.40
C3 TRS O . -4.05 7.22 -6.53
N TRS O . -3.87 4.83 -6.20
O1 TRS O . -3.47 6.87 -9.24
O2 TRS O . -6.42 4.58 -6.65
O3 TRS O . -4.43 7.27 -5.15
CAA TMO P . 5.90 15.52 -5.28
NAC TMO P . 6.46 15.43 -3.93
CAD TMO P . 7.85 14.96 -3.99
CAB TMO P . 6.42 16.75 -3.29
OAE TMO P . 5.77 14.64 -3.25
OH2 ETE Q . 22.81 -19.81 -12.73
C12 ETE Q . 22.00 -20.99 -12.53
C22 ETE Q . 22.95 -22.08 -12.14
OH3 ETE Q . 22.30 -23.26 -11.64
C13 ETE Q . 24.54 -24.12 -11.04
C23 ETE Q . 23.16 -24.42 -11.64
OH4 ETE Q . 25.25 -25.29 -10.61
C14 ETE Q . 26.80 -23.96 -9.12
C24 ETE Q . 25.99 -25.24 -9.37
OH5 ETE Q . 27.61 -24.09 -7.95
C15 ETE Q . 26.87 -25.41 -6.03
C25 ETE Q . 26.93 -24.04 -6.68
OH6 ETE Q . 25.86 -25.42 -5.02
C1 PEG R . 9.89 10.99 25.00
O1 PEG R . 9.24 11.32 26.24
C2 PEG R . 9.34 11.88 23.88
O2 PEG R . 8.76 11.12 22.81
C3 PEG R . 8.23 11.94 21.75
C4 PEG R . 6.72 11.77 21.59
O4 PEG R . 6.24 12.62 20.53
CAA TMO S . -15.02 4.04 2.36
NAC TMO S . -16.05 4.65 3.21
CAD TMO S . -17.25 4.90 2.37
CAB TMO S . -16.40 3.77 4.34
OAE TMO S . -15.58 5.72 3.67
OH2 ETE T . 21.08 10.05 28.51
C12 ETE T . 20.05 10.90 29.03
C22 ETE T . 20.54 12.35 29.12
OH3 ETE T . 19.53 13.24 28.63
C13 ETE T . 20.94 14.91 27.47
C23 ETE T . 19.91 14.61 28.57
OH4 ETE T . 20.55 16.04 26.68
C14 ETE T . 19.95 16.65 24.44
C24 ETE T . 19.54 15.87 25.68
OH5 ETE T . 19.42 16.09 23.22
C15 ETE T . 17.12 17.03 23.46
C25 ETE T . 18.00 15.83 23.14
OH6 ETE T . 15.75 16.63 23.40
C26 ETE T . 15.23 16.16 24.65
C1 PEG U . 9.29 -28.30 4.28
O1 PEG U . 8.39 -29.34 4.69
C2 PEG U . 8.65 -27.45 3.19
O2 PEG U . 9.65 -27.03 2.28
C3 PEG U . 9.14 -26.26 1.19
C4 PEG U . 10.29 -25.71 0.34
O4 PEG U . 10.51 -24.31 0.60
C1 PEG V . -13.02 -21.08 10.32
O1 PEG V . -13.43 -21.54 11.61
C2 PEG V . -13.87 -19.95 9.75
O2 PEG V . -13.33 -19.57 8.47
C3 PEG V . -14.28 -19.14 7.49
C4 PEG V . -14.77 -20.35 6.71
O4 PEG V . -15.16 -19.99 5.38
CAA TMO W . -1.51 -6.07 -17.21
NAC TMO W . -2.14 -5.95 -15.87
CAD TMO W . -1.21 -5.29 -14.95
CAB TMO W . -3.35 -5.14 -16.00
OAE TMO W . -2.41 -7.10 -15.44
OH2 1PE X . -19.60 -20.80 16.24
C12 1PE X . -20.21 -19.93 17.19
C22 1PE X . -19.18 -19.50 18.21
OH3 1PE X . -19.81 -19.15 19.44
C13 1PE X . -19.99 -21.27 20.60
C23 1PE X . -19.37 -19.89 20.58
OH4 1PE X . -19.44 -22.02 21.69
C14 1PE X . -18.10 -23.84 22.53
C24 1PE X . -18.76 -23.21 21.30
OH5 1PE X . -17.34 -24.98 22.14
C15 1PE X . -15.49 -24.90 23.76
C25 1PE X . -15.91 -24.87 22.29
OH6 1PE X . -14.05 -24.86 23.82
C16 1PE X . -12.04 -23.94 24.77
C26 1PE X . -13.48 -23.67 24.37
OH7 1PE X . -11.63 -23.02 25.79
CAA TMO Y . 33.44 30.93 -4.39
NAC TMO Y . 33.90 31.73 -3.25
CAD TMO Y . 32.72 32.37 -2.63
CAB TMO Y . 34.58 30.87 -2.27
OAE TMO Y . 34.71 32.62 -3.65
CAA TMO Z . 33.33 13.54 -15.86
NAC TMO Z . 33.63 14.36 -14.67
CAD TMO Z . 33.80 15.78 -15.05
CAB TMO Z . 32.54 14.23 -13.69
OAE TMO Z . 34.70 13.96 -14.15
C1 PEG AA . 35.78 29.80 4.74
O1 PEG AA . 36.53 30.49 3.75
C2 PEG AA . 36.64 28.69 5.32
O2 PEG AA . 37.85 29.23 5.91
C3 PEG AA . 38.83 28.25 6.32
C4 PEG AA . 39.49 28.70 7.61
O4 PEG AA . 40.66 29.48 7.34
CAA TMO BA . 36.21 -0.92 5.80
NAC TMO BA . 36.21 0.52 6.09
CAD TMO BA . 35.06 1.17 5.42
CAB TMO BA . 36.16 0.74 7.55
OAE TMO BA . 37.26 1.01 5.62
CAA TMO CA . 33.45 19.29 18.79
NAC TMO CA . 34.11 20.58 18.96
CAD TMO CA . 33.91 21.40 17.75
CAB TMO CA . 33.57 21.29 20.13
OAE TMO CA . 35.33 20.36 19.12
CAA TMO DA . 41.79 23.27 14.94
NAC TMO DA . 40.41 23.73 15.22
CAD TMO DA . 40.35 24.37 16.56
CAB TMO DA . 39.94 24.69 14.21
OAE TMO DA . 39.66 22.73 15.21
CAA TMO EA . 29.89 1.23 -4.79
NAC TMO EA . 29.77 2.69 -4.61
CAD TMO EA . 29.96 3.33 -5.93
CAB TMO EA . 28.44 3.02 -4.10
OAE TMO EA . 30.66 3.08 -3.83
CAA TMO FA . -36.13 8.20 28.24
NAC TMO FA . -36.89 8.71 27.08
CAD TMO FA . -36.09 9.68 26.33
CAB TMO FA . -37.27 7.58 26.21
OAE TMO FA . -37.93 9.27 27.47
CAA TMO GA . -66.92 20.69 20.80
NAC TMO GA . -66.47 21.87 21.55
CAD TMO GA . -66.31 23.01 20.63
CAB TMO GA . -67.46 22.21 22.58
OAE TMO GA . -65.36 21.63 22.08
CAA TMO HA . -37.74 16.11 21.91
NAC TMO HA . -38.43 14.82 22.08
CAD TMO HA . -37.55 13.70 21.71
CAB TMO HA . -38.89 14.67 23.46
OAE TMO HA . -39.43 14.78 21.32
CAA TMO IA . -18.97 21.47 27.12
NAC TMO IA . -19.44 20.19 27.68
CAD TMO IA . -20.85 20.28 28.09
CAB TMO IA . -19.29 19.11 26.67
OAE TMO IA . -18.75 19.90 28.68
CAA TMO JA . -6.92 -0.75 36.36
NAC TMO JA . -6.62 0.69 36.23
CAD TMO JA . -5.18 0.90 36.47
CAB TMO JA . -6.99 1.18 34.88
OAE TMO JA . -7.28 1.33 37.07
CAA TMO KA . -6.71 11.20 28.61
NAC TMO KA . -7.64 10.23 28.01
CAD TMO KA . -8.32 9.43 29.04
CAB TMO KA . -8.63 10.96 27.20
OAE TMO KA . -6.99 9.44 27.28
CAA TMO LA . -18.72 14.00 48.80
NAC TMO LA . -19.50 15.21 49.12
CAD TMO LA . -19.04 15.75 50.40
CAB TMO LA . -19.31 16.21 48.04
OAE TMO LA . -20.71 14.92 49.23
CAA TMO MA . -38.25 11.93 39.12
NAC TMO MA . -39.60 11.98 39.71
CAD TMO MA . -40.54 11.10 38.99
CAB TMO MA . -39.50 11.62 41.11
OAE TMO MA . -40.04 13.16 39.64
OH2 ETE NA . -39.66 0.49 36.13
C12 ETE NA . -38.50 -0.35 36.07
C22 ETE NA . -37.27 0.50 35.73
OH3 ETE NA . -36.06 -0.20 36.06
C13 ETE NA . -34.29 -0.47 34.42
C23 ETE NA . -35.55 -1.07 35.05
OH4 ETE NA . -34.59 0.62 33.53
C14 ETE NA . -34.91 1.36 31.24
C24 ETE NA . -35.19 0.27 32.28
OH5 ETE NA . -36.08 2.14 31.02
CAA TMO OA . -1.40 -32.48 -33.21
NAC TMO OA . -2.55 -33.16 -32.59
CAD TMO OA . -2.13 -33.99 -31.45
CAB TMO OA . -3.52 -32.15 -32.13
OAE TMO OA . -3.10 -33.88 -33.46
CAA TMO PA . -7.29 -27.93 -35.15
NAC TMO PA . -8.31 -28.51 -36.04
CAD TMO PA . -8.08 -29.95 -36.19
CAB TMO PA . -9.66 -28.29 -35.51
OAE TMO PA . -8.21 -27.97 -37.16
C1 PEG QA . 6.72 -40.93 -28.28
O1 PEG QA . 5.93 -42.06 -28.69
C2 PEG QA . 6.05 -40.21 -27.12
O2 PEG QA . 4.96 -39.41 -27.56
C3 PEG QA . 5.34 -38.12 -28.09
C4 PEG QA . 4.15 -37.17 -28.07
O4 PEG QA . 3.78 -36.83 -29.42
C1 PEG RA . 0.98 -56.11 -18.04
O1 PEG RA . -0.19 -56.43 -17.25
C2 PEG RA . 1.69 -57.39 -18.45
O2 PEG RA . 3.12 -57.26 -18.33
C3 PEG RA . 3.79 -58.29 -17.59
C4 PEG RA . 5.29 -58.33 -17.87
O4 PEG RA . 5.97 -59.27 -17.01
C1 PEG SA . 17.25 -55.28 -36.26
O1 PEG SA . 17.02 -56.47 -37.04
C2 PEG SA . 15.92 -54.55 -36.05
O2 PEG SA . 15.95 -53.16 -36.41
C3 PEG SA . 16.58 -52.34 -35.43
C4 PEG SA . 16.64 -50.92 -35.96
O4 PEG SA . 15.41 -50.28 -35.65
CAA TMO TA . -0.93 -37.98 -0.67
NAC TMO TA . -0.30 -36.77 -0.10
CAD TMO TA . -0.57 -35.59 -0.93
CAB TMO TA . -0.79 -36.53 1.26
OAE TMO TA . 0.95 -36.91 -0.05
CAA TMO UA . -9.30 -28.23 -2.83
NAC TMO UA . -8.82 -28.52 -4.20
CAD TMO UA . -8.05 -27.37 -4.71
CAB TMO UA . -7.97 -29.72 -4.19
OAE TMO UA . -9.82 -28.74 -4.92
#